data_7IB9
# 
_entry.id   7IB9 
# 
_audit_conform.dict_name       mmcif_pdbx.dic 
_audit_conform.dict_version    5.408 
_audit_conform.dict_location   http://mmcif.pdb.org/dictionaries/ascii/mmcif_pdbx.dic 
# 
loop_
_database_2.database_id 
_database_2.database_code 
_database_2.pdbx_database_accession 
_database_2.pdbx_DOI 
PDB   7IB9         pdb_00007ib9 10.2210/pdb7ib9/pdb 
WWPDB D_1001408548 ?            ?                   
# 
loop_
_pdbx_audit_revision_history.ordinal 
_pdbx_audit_revision_history.data_content_type 
_pdbx_audit_revision_history.major_revision 
_pdbx_audit_revision_history.minor_revision 
_pdbx_audit_revision_history.revision_date 
_pdbx_audit_revision_history.part_number 
1 'Structure model' 1 0 2025-10-22 ? 
2 'Structure model' 1 1 2025-12-10 ? 
# 
_pdbx_audit_revision_details.ordinal             1 
_pdbx_audit_revision_details.revision_ordinal    1 
_pdbx_audit_revision_details.data_content_type   'Structure model' 
_pdbx_audit_revision_details.provider            repository 
_pdbx_audit_revision_details.type                'Initial release' 
_pdbx_audit_revision_details.description         ? 
_pdbx_audit_revision_details.details             ? 
# 
_pdbx_audit_revision_group.ordinal             1 
_pdbx_audit_revision_group.revision_ordinal    2 
_pdbx_audit_revision_group.data_content_type   'Structure model' 
_pdbx_audit_revision_group.group               'Database references' 
# 
_pdbx_audit_revision_category.ordinal             1 
_pdbx_audit_revision_category.revision_ordinal    2 
_pdbx_audit_revision_category.data_content_type   'Structure model' 
_pdbx_audit_revision_category.category            citation 
# 
loop_
_pdbx_audit_revision_item.ordinal 
_pdbx_audit_revision_item.revision_ordinal 
_pdbx_audit_revision_item.data_content_type 
_pdbx_audit_revision_item.item 
1 2 'Structure model' '_citation.journal_volume' 
2 2 'Structure model' '_citation.page_first'     
3 2 'Structure model' '_citation.page_last'      
# 
_database_PDB_caveat.id     1 
_database_PDB_caveat.text   
'Residues ARG A 124 and LYS A 125 that are next to each other in the sample sequence are not properly linked in conformers C and D.' 
# 
_pdbx_database_status.entry_id                        7IB9 
_pdbx_database_status.status_code                     REL 
_pdbx_database_status.status_code_sf                  REL 
_pdbx_database_status.status_code_mr                  ? 
_pdbx_database_status.status_code_cs                  ? 
_pdbx_database_status.recvd_initial_deposition_date   2025-05-27 
_pdbx_database_status.status_code_nmr_data            ? 
_pdbx_database_status.deposit_site                    RCSB 
_pdbx_database_status.process_site                    RCSB 
_pdbx_database_status.SG_entry                        ? 
_pdbx_database_status.pdb_format_compatible           N 
_pdbx_database_status.methods_development_category    ? 
# 
_pdbx_contact_author.id                 2 
_pdbx_contact_author.name_last          Weiss 
_pdbx_contact_author.name_first         Manfred 
_pdbx_contact_author.name_mi            S. 
_pdbx_contact_author.email              manfred.weiss@helmholtz-berlin.de 
_pdbx_contact_author.identifier_ORCID   0000-0002-2362-7047 
_pdbx_contact_author.role               'principal investigator/group leader' 
# 
loop_
_audit_author.pdbx_ordinal 
_audit_author.name 
_audit_author.identifier_ORCID 
1 'Lennartz, F.' 0000-0001-5617-5502 
2 'Weiss, M.S.'  0000-0002-2362-7047 
# 
_citation.id                        primary 
_citation.title                     
;Crystallographic fragment screening against SARS-CoV-2 nonstructural protein 1 using the F2X-Entry Screen and a newly developed fragment library.
;
_citation.journal_abbrev            'Acta Crystallogr D Struct Biol' 
_citation.journal_volume            81 
_citation.page_first                630 
_citation.page_last                 645 
_citation.year                      2025 
_citation.journal_id_ASTM           ? 
_citation.country                   ? 
_citation.journal_id_ISSN           2059-7983 
_citation.journal_id_CSD            ? 
_citation.book_publisher            ? 
_citation.pdbx_database_id_PubMed   41081353 
_citation.pdbx_database_id_DOI      10.1107/S2059798325008563 
# 
loop_
_citation_author.ordinal 
_citation_author.citation_id 
_citation_author.name 
_citation_author.identifier_ORCID 
1  primary 'Lennartz, F.'    ?                   
2  primary 'Wollenhaupt, J.' 0000-0002-3418-5213 
3  primary 'Oelker, M.'      0000-0001-7301-8445 
4  primary 'Froling, P.'     ?                   
5  primary 'Mueller, U.'     0000-0002-7139-0718 
6  primary 'Deckers, A.'     ?                   
7  primary 'Grathwol, C.'    ?                   
8  primary 'Brase, S.'       ?                   
9  primary 'Jung, N.'        0000-0001-9513-2468 
10 primary 'Weiss, M.S.'     0000-0002-2362-7047 
# 
loop_
_entity.id 
_entity.type 
_entity.src_method 
_entity.pdbx_description 
_entity.formula_weight 
_entity.pdbx_number_of_molecules 
_entity.pdbx_ec 
_entity.pdbx_mutation 
_entity.pdbx_fragment 
_entity.details 
1 polymer     man 'Host translation inhibitor nsp1' 12863.854 1  ? ? ? ? 
2 non-polymer syn 3-methylnaphthalen-2-ol           158.196   1  ? ? ? ? 
3 water       nat water                             18.015    82 ? ? ? ? 
# 
_entity_name_com.entity_id   1 
_entity_name_com.name        'Leader protein,Non-structural protein 1,nsp1' 
# 
_entity_poly.entity_id                      1 
_entity_poly.type                           'polypeptide(L)' 
_entity_poly.nstd_linkage                   no 
_entity_poly.nstd_monomer                   no 
_entity_poly.pdbx_seq_one_letter_code       
;EKTHVQLSLPVLQVRDVLVRGFGDSVEEVLSEARQHLKDGTCGLVEVEKGVLPQLEQPYVFIKRSDARTAPHGHVMVELV
AELEGIQYGRSGETLGVLVPHVGEIPVAYRKVLLRK
;
_entity_poly.pdbx_seq_one_letter_code_can   
;EKTHVQLSLPVLQVRDVLVRGFGDSVEEVLSEARQHLKDGTCGLVEVEKGVLPQLEQPYVFIKRSDARTAPHGHVMVELV
AELEGIQYGRSGETLGVLVPHVGEIPVAYRKVLLRK
;
_entity_poly.pdbx_strand_id                 A 
_entity_poly.pdbx_target_identifier         ? 
# 
loop_
_pdbx_entity_nonpoly.entity_id 
_pdbx_entity_nonpoly.name 
_pdbx_entity_nonpoly.comp_id 
2 3-methylnaphthalen-2-ol A1CEJ 
3 water                   HOH   
# 
loop_
_entity_poly_seq.entity_id 
_entity_poly_seq.num 
_entity_poly_seq.mon_id 
_entity_poly_seq.hetero 
1 1   GLU n 
1 2   LYS n 
1 3   THR n 
1 4   HIS n 
1 5   VAL n 
1 6   GLN n 
1 7   LEU n 
1 8   SER n 
1 9   LEU n 
1 10  PRO n 
1 11  VAL n 
1 12  LEU n 
1 13  GLN n 
1 14  VAL n 
1 15  ARG n 
1 16  ASP n 
1 17  VAL n 
1 18  LEU n 
1 19  VAL n 
1 20  ARG n 
1 21  GLY n 
1 22  PHE n 
1 23  GLY n 
1 24  ASP n 
1 25  SER n 
1 26  VAL n 
1 27  GLU n 
1 28  GLU n 
1 29  VAL n 
1 30  LEU n 
1 31  SER n 
1 32  GLU n 
1 33  ALA n 
1 34  ARG n 
1 35  GLN n 
1 36  HIS n 
1 37  LEU n 
1 38  LYS n 
1 39  ASP n 
1 40  GLY n 
1 41  THR n 
1 42  CYS n 
1 43  GLY n 
1 44  LEU n 
1 45  VAL n 
1 46  GLU n 
1 47  VAL n 
1 48  GLU n 
1 49  LYS n 
1 50  GLY n 
1 51  VAL n 
1 52  LEU n 
1 53  PRO n 
1 54  GLN n 
1 55  LEU n 
1 56  GLU n 
1 57  GLN n 
1 58  PRO n 
1 59  TYR n 
1 60  VAL n 
1 61  PHE n 
1 62  ILE n 
1 63  LYS n 
1 64  ARG n 
1 65  SER n 
1 66  ASP n 
1 67  ALA n 
1 68  ARG n 
1 69  THR n 
1 70  ALA n 
1 71  PRO n 
1 72  HIS n 
1 73  GLY n 
1 74  HIS n 
1 75  VAL n 
1 76  MET n 
1 77  VAL n 
1 78  GLU n 
1 79  LEU n 
1 80  VAL n 
1 81  ALA n 
1 82  GLU n 
1 83  LEU n 
1 84  GLU n 
1 85  GLY n 
1 86  ILE n 
1 87  GLN n 
1 88  TYR n 
1 89  GLY n 
1 90  ARG n 
1 91  SER n 
1 92  GLY n 
1 93  GLU n 
1 94  THR n 
1 95  LEU n 
1 96  GLY n 
1 97  VAL n 
1 98  LEU n 
1 99  VAL n 
1 100 PRO n 
1 101 HIS n 
1 102 VAL n 
1 103 GLY n 
1 104 GLU n 
1 105 ILE n 
1 106 PRO n 
1 107 VAL n 
1 108 ALA n 
1 109 TYR n 
1 110 ARG n 
1 111 LYS n 
1 112 VAL n 
1 113 LEU n 
1 114 LEU n 
1 115 ARG n 
1 116 LYS n 
# 
_entity_src_gen.entity_id                          1 
_entity_src_gen.pdbx_src_id                        1 
_entity_src_gen.pdbx_alt_source_flag               sample 
_entity_src_gen.pdbx_seq_type                      'Biological sequence' 
_entity_src_gen.pdbx_beg_seq_num                   1 
_entity_src_gen.pdbx_end_seq_num                   116 
_entity_src_gen.gene_src_common_name               ? 
_entity_src_gen.gene_src_genus                     ? 
_entity_src_gen.pdbx_gene_src_gene                 'rep, 1a-1b' 
_entity_src_gen.gene_src_species                   ? 
_entity_src_gen.gene_src_strain                    ? 
_entity_src_gen.gene_src_tissue                    ? 
_entity_src_gen.gene_src_tissue_fraction           ? 
_entity_src_gen.gene_src_details                   ? 
_entity_src_gen.pdbx_gene_src_fragment             ? 
_entity_src_gen.pdbx_gene_src_scientific_name      'Severe acute respiratory syndrome coronavirus 2' 
_entity_src_gen.pdbx_gene_src_ncbi_taxonomy_id     2697049 
_entity_src_gen.pdbx_gene_src_variant              ? 
_entity_src_gen.pdbx_gene_src_cell_line            ? 
_entity_src_gen.pdbx_gene_src_atcc                 ? 
_entity_src_gen.pdbx_gene_src_organ                ? 
_entity_src_gen.pdbx_gene_src_organelle            ? 
_entity_src_gen.pdbx_gene_src_cell                 ? 
_entity_src_gen.pdbx_gene_src_cellular_location    ? 
_entity_src_gen.host_org_common_name               ? 
_entity_src_gen.pdbx_host_org_scientific_name      'Escherichia coli BL21(DE3)' 
_entity_src_gen.pdbx_host_org_ncbi_taxonomy_id     469008 
_entity_src_gen.host_org_genus                     ? 
_entity_src_gen.pdbx_host_org_gene                 ? 
_entity_src_gen.pdbx_host_org_organ                ? 
_entity_src_gen.host_org_species                   ? 
_entity_src_gen.pdbx_host_org_tissue               ? 
_entity_src_gen.pdbx_host_org_tissue_fraction      ? 
_entity_src_gen.pdbx_host_org_strain               ? 
_entity_src_gen.pdbx_host_org_variant              ? 
_entity_src_gen.pdbx_host_org_cell_line            ? 
_entity_src_gen.pdbx_host_org_atcc                 ? 
_entity_src_gen.pdbx_host_org_culture_collection   ? 
_entity_src_gen.pdbx_host_org_cell                 ? 
_entity_src_gen.pdbx_host_org_organelle            ? 
_entity_src_gen.pdbx_host_org_cellular_location    ? 
_entity_src_gen.pdbx_host_org_vector_type          plasmid 
_entity_src_gen.pdbx_host_org_vector               ? 
_entity_src_gen.host_org_details                   ? 
_entity_src_gen.expression_system_id               ? 
_entity_src_gen.plasmid_name                       pET15b 
_entity_src_gen.plasmid_details                    ? 
_entity_src_gen.pdbx_description                   ? 
# 
loop_
_chem_comp.id 
_chem_comp.type 
_chem_comp.mon_nstd_flag 
_chem_comp.name 
_chem_comp.pdbx_synonyms 
_chem_comp.formula 
_chem_comp.formula_weight 
A1CEJ non-polymer         . 3-methylnaphthalen-2-ol ? 'C11 H10 O'      158.196 
ALA   'L-peptide linking' y ALANINE                 ? 'C3 H7 N O2'     89.093  
ARG   'L-peptide linking' y ARGININE                ? 'C6 H15 N4 O2 1' 175.209 
ASP   'L-peptide linking' y 'ASPARTIC ACID'         ? 'C4 H7 N O4'     133.103 
CYS   'L-peptide linking' y CYSTEINE                ? 'C3 H7 N O2 S'   121.158 
GLN   'L-peptide linking' y GLUTAMINE               ? 'C5 H10 N2 O3'   146.144 
GLU   'L-peptide linking' y 'GLUTAMIC ACID'         ? 'C5 H9 N O4'     147.129 
GLY   'peptide linking'   y GLYCINE                 ? 'C2 H5 N O2'     75.067  
HIS   'L-peptide linking' y HISTIDINE               ? 'C6 H10 N3 O2 1' 156.162 
HOH   non-polymer         . WATER                   ? 'H2 O'           18.015  
ILE   'L-peptide linking' y ISOLEUCINE              ? 'C6 H13 N O2'    131.173 
LEU   'L-peptide linking' y LEUCINE                 ? 'C6 H13 N O2'    131.173 
LYS   'L-peptide linking' y LYSINE                  ? 'C6 H15 N2 O2 1' 147.195 
MET   'L-peptide linking' y METHIONINE              ? 'C5 H11 N O2 S'  149.211 
PHE   'L-peptide linking' y PHENYLALANINE           ? 'C9 H11 N O2'    165.189 
PRO   'L-peptide linking' y PROLINE                 ? 'C5 H9 N O2'     115.130 
SER   'L-peptide linking' y SERINE                  ? 'C3 H7 N O3'     105.093 
THR   'L-peptide linking' y THREONINE               ? 'C4 H9 N O3'     119.119 
TYR   'L-peptide linking' y TYROSINE                ? 'C9 H11 N O3'    181.189 
VAL   'L-peptide linking' y VALINE                  ? 'C5 H11 N O2'    117.146 
# 
loop_
_pdbx_poly_seq_scheme.asym_id 
_pdbx_poly_seq_scheme.entity_id 
_pdbx_poly_seq_scheme.seq_id 
_pdbx_poly_seq_scheme.mon_id 
_pdbx_poly_seq_scheme.ndb_seq_num 
_pdbx_poly_seq_scheme.pdb_seq_num 
_pdbx_poly_seq_scheme.auth_seq_num 
_pdbx_poly_seq_scheme.pdb_mon_id 
_pdbx_poly_seq_scheme.auth_mon_id 
_pdbx_poly_seq_scheme.pdb_strand_id 
_pdbx_poly_seq_scheme.pdb_ins_code 
_pdbx_poly_seq_scheme.hetero 
A 1 1   GLU 1   10  ?   ?   ?   A . n 
A 1 2   LYS 2   11  11  LYS LYS A . n 
A 1 3   THR 3   12  12  THR THR A . n 
A 1 4   HIS 4   13  13  HIS HIS A . n 
A 1 5   VAL 5   14  14  VAL VAL A . n 
A 1 6   GLN 6   15  15  GLN GLN A . n 
A 1 7   LEU 7   16  16  LEU LEU A . n 
A 1 8   SER 8   17  17  SER SER A . n 
A 1 9   LEU 9   18  18  LEU LEU A . n 
A 1 10  PRO 10  19  19  PRO PRO A . n 
A 1 11  VAL 11  20  20  VAL VAL A . n 
A 1 12  LEU 12  21  21  LEU LEU A . n 
A 1 13  GLN 13  22  22  GLN GLN A . n 
A 1 14  VAL 14  23  23  VAL VAL A . n 
A 1 15  ARG 15  24  24  ARG ARG A . n 
A 1 16  ASP 16  25  25  ASP ASP A . n 
A 1 17  VAL 17  26  26  VAL VAL A . n 
A 1 18  LEU 18  27  27  LEU LEU A . n 
A 1 19  VAL 19  28  28  VAL VAL A . n 
A 1 20  ARG 20  29  29  ARG ARG A . n 
A 1 21  GLY 21  30  30  GLY GLY A . n 
A 1 22  PHE 22  31  31  PHE PHE A . n 
A 1 23  GLY 23  32  32  GLY GLY A . n 
A 1 24  ASP 24  33  33  ASP ASP A . n 
A 1 25  SER 25  34  34  SER SER A . n 
A 1 26  VAL 26  35  35  VAL VAL A . n 
A 1 27  GLU 27  36  36  GLU GLU A . n 
A 1 28  GLU 28  37  37  GLU GLU A . n 
A 1 29  VAL 29  38  38  VAL VAL A . n 
A 1 30  LEU 30  39  39  LEU LEU A . n 
A 1 31  SER 31  40  40  SER SER A . n 
A 1 32  GLU 32  41  41  GLU GLU A . n 
A 1 33  ALA 33  42  42  ALA ALA A . n 
A 1 34  ARG 34  43  43  ARG ARG A . n 
A 1 35  GLN 35  44  44  GLN GLN A . n 
A 1 36  HIS 36  45  45  HIS HIS A . n 
A 1 37  LEU 37  46  46  LEU LEU A . n 
A 1 38  LYS 38  47  47  LYS LYS A . n 
A 1 39  ASP 39  48  48  ASP ASP A . n 
A 1 40  GLY 40  49  49  GLY GLY A . n 
A 1 41  THR 41  50  50  THR THR A . n 
A 1 42  CYS 42  51  51  CYS CYS A . n 
A 1 43  GLY 43  52  52  GLY GLY A . n 
A 1 44  LEU 44  53  53  LEU LEU A . n 
A 1 45  VAL 45  54  54  VAL VAL A . n 
A 1 46  GLU 46  55  55  GLU GLU A . n 
A 1 47  VAL 47  56  56  VAL VAL A . n 
A 1 48  GLU 48  57  57  GLU GLU A . n 
A 1 49  LYS 49  58  58  LYS LYS A . n 
A 1 50  GLY 50  59  59  GLY GLY A . n 
A 1 51  VAL 51  60  60  VAL VAL A . n 
A 1 52  LEU 52  61  61  LEU LEU A . n 
A 1 53  PRO 53  62  62  PRO PRO A . n 
A 1 54  GLN 54  63  63  GLN GLN A . n 
A 1 55  LEU 55  64  64  LEU LEU A . n 
A 1 56  GLU 56  65  65  GLU GLU A . n 
A 1 57  GLN 57  66  66  GLN GLN A . n 
A 1 58  PRO 58  67  67  PRO PRO A . n 
A 1 59  TYR 59  68  68  TYR TYR A . n 
A 1 60  VAL 60  69  69  VAL VAL A . n 
A 1 61  PHE 61  70  70  PHE PHE A . n 
A 1 62  ILE 62  71  71  ILE ILE A . n 
A 1 63  LYS 63  72  72  LYS LYS A . n 
A 1 64  ARG 64  73  73  ARG ARG A . n 
A 1 65  SER 65  74  74  SER SER A . n 
A 1 66  ASP 66  75  75  ASP ASP A . n 
A 1 67  ALA 67  76  76  ALA ALA A . n 
A 1 68  ARG 68  77  ?   ?   ?   A . n 
A 1 69  THR 69  78  ?   ?   ?   A . n 
A 1 70  ALA 70  79  79  ALA ALA A . n 
A 1 71  PRO 71  80  80  PRO PRO A . n 
A 1 72  HIS 72  81  81  HIS HIS A . n 
A 1 73  GLY 73  82  82  GLY GLY A . n 
A 1 74  HIS 74  83  83  HIS HIS A . n 
A 1 75  VAL 75  84  84  VAL VAL A . n 
A 1 76  MET 76  85  85  MET MET A . n 
A 1 77  VAL 77  86  86  VAL VAL A . n 
A 1 78  GLU 78  87  87  GLU GLU A . n 
A 1 79  LEU 79  88  88  LEU LEU A . n 
A 1 80  VAL 80  89  89  VAL VAL A . n 
A 1 81  ALA 81  90  90  ALA ALA A . n 
A 1 82  GLU 82  91  91  GLU GLU A . n 
A 1 83  LEU 83  92  92  LEU LEU A . n 
A 1 84  GLU 84  93  93  GLU GLU A . n 
A 1 85  GLY 85  94  94  GLY GLY A . n 
A 1 86  ILE 86  95  95  ILE ILE A . n 
A 1 87  GLN 87  96  96  GLN GLN A . n 
A 1 88  TYR 88  97  97  TYR TYR A . n 
A 1 89  GLY 89  98  98  GLY GLY A . n 
A 1 90  ARG 90  99  99  ARG ARG A . n 
A 1 91  SER 91  100 100 SER SER A . n 
A 1 92  GLY 92  101 101 GLY GLY A . n 
A 1 93  GLU 93  102 102 GLU GLU A . n 
A 1 94  THR 94  103 103 THR THR A . n 
A 1 95  LEU 95  104 104 LEU LEU A . n 
A 1 96  GLY 96  105 105 GLY GLY A . n 
A 1 97  VAL 97  106 106 VAL VAL A . n 
A 1 98  LEU 98  107 107 LEU LEU A . n 
A 1 99  VAL 99  108 108 VAL VAL A . n 
A 1 100 PRO 100 109 109 PRO PRO A . n 
A 1 101 HIS 101 110 110 HIS HIS A . n 
A 1 102 VAL 102 111 111 VAL VAL A . n 
A 1 103 GLY 103 112 112 GLY GLY A . n 
A 1 104 GLU 104 113 113 GLU GLU A . n 
A 1 105 ILE 105 114 114 ILE ILE A . n 
A 1 106 PRO 106 115 115 PRO PRO A . n 
A 1 107 VAL 107 116 116 VAL VAL A . n 
A 1 108 ALA 108 117 117 ALA ALA A . n 
A 1 109 TYR 109 118 118 TYR TYR A . n 
A 1 110 ARG 110 119 119 ARG ARG A . n 
A 1 111 LYS 111 120 120 LYS LYS A . n 
A 1 112 VAL 112 121 121 VAL VAL A . n 
A 1 113 LEU 113 122 122 LEU LEU A . n 
A 1 114 LEU 114 123 123 LEU LEU A . n 
A 1 115 ARG 115 124 124 ARG ARG A . n 
A 1 116 LYS 116 125 125 LYS LYS A . n 
# 
loop_
_pdbx_nonpoly_scheme.asym_id 
_pdbx_nonpoly_scheme.entity_id 
_pdbx_nonpoly_scheme.mon_id 
_pdbx_nonpoly_scheme.ndb_seq_num 
_pdbx_nonpoly_scheme.pdb_seq_num 
_pdbx_nonpoly_scheme.auth_seq_num 
_pdbx_nonpoly_scheme.pdb_mon_id 
_pdbx_nonpoly_scheme.auth_mon_id 
_pdbx_nonpoly_scheme.pdb_strand_id 
_pdbx_nonpoly_scheme.pdb_ins_code 
B 2 A1CEJ 1  201 210 A1CEJ LIG A . 
C 3 HOH   1  301 44  HOH   HOH A . 
C 3 HOH   2  302 68  HOH   HOH A . 
C 3 HOH   3  303 35  HOH   HOH A . 
C 3 HOH   4  304 17  HOH   HOH A . 
C 3 HOH   5  305 82  HOH   HOH A . 
C 3 HOH   6  306 72  HOH   HOH A . 
C 3 HOH   7  307 40  HOH   HOH A . 
C 3 HOH   8  308 23  HOH   HOH A . 
C 3 HOH   9  309 43  HOH   HOH A . 
C 3 HOH   10 310 28  HOH   HOH A . 
C 3 HOH   11 311 14  HOH   HOH A . 
C 3 HOH   12 312 56  HOH   HOH A . 
C 3 HOH   13 313 19  HOH   HOH A . 
C 3 HOH   14 314 69  HOH   HOH A . 
C 3 HOH   15 315 21  HOH   HOH A . 
C 3 HOH   16 316 80  HOH   HOH A . 
C 3 HOH   17 317 25  HOH   HOH A . 
C 3 HOH   18 318 78  HOH   HOH A . 
C 3 HOH   19 319 13  HOH   HOH A . 
C 3 HOH   20 320 81  HOH   HOH A . 
C 3 HOH   21 321 10  HOH   HOH A . 
C 3 HOH   22 322 37  HOH   HOH A . 
C 3 HOH   23 323 30  HOH   HOH A . 
C 3 HOH   24 324 77  HOH   HOH A . 
C 3 HOH   25 325 64  HOH   HOH A . 
C 3 HOH   26 326 76  HOH   HOH A . 
C 3 HOH   27 327 12  HOH   HOH A . 
C 3 HOH   28 328 66  HOH   HOH A . 
C 3 HOH   29 329 36  HOH   HOH A . 
C 3 HOH   30 330 39  HOH   HOH A . 
C 3 HOH   31 331 46  HOH   HOH A . 
C 3 HOH   32 332 3   HOH   HOH A . 
C 3 HOH   33 333 26  HOH   HOH A . 
C 3 HOH   34 334 6   HOH   HOH A . 
C 3 HOH   35 335 4   HOH   HOH A . 
C 3 HOH   36 336 7   HOH   HOH A . 
C 3 HOH   37 337 51  HOH   HOH A . 
C 3 HOH   38 338 22  HOH   HOH A . 
C 3 HOH   39 339 9   HOH   HOH A . 
C 3 HOH   40 340 8   HOH   HOH A . 
C 3 HOH   41 341 73  HOH   HOH A . 
C 3 HOH   42 342 55  HOH   HOH A . 
C 3 HOH   43 343 74  HOH   HOH A . 
C 3 HOH   44 344 48  HOH   HOH A . 
C 3 HOH   45 345 45  HOH   HOH A . 
C 3 HOH   46 346 24  HOH   HOH A . 
C 3 HOH   47 347 58  HOH   HOH A . 
C 3 HOH   48 348 2   HOH   HOH A . 
C 3 HOH   49 349 63  HOH   HOH A . 
C 3 HOH   50 350 15  HOH   HOH A . 
C 3 HOH   51 351 27  HOH   HOH A . 
C 3 HOH   52 352 50  HOH   HOH A . 
C 3 HOH   53 353 29  HOH   HOH A . 
C 3 HOH   54 354 18  HOH   HOH A . 
C 3 HOH   55 355 20  HOH   HOH A . 
C 3 HOH   56 356 60  HOH   HOH A . 
C 3 HOH   57 357 57  HOH   HOH A . 
C 3 HOH   58 358 33  HOH   HOH A . 
C 3 HOH   59 359 49  HOH   HOH A . 
C 3 HOH   60 360 16  HOH   HOH A . 
C 3 HOH   61 361 52  HOH   HOH A . 
C 3 HOH   62 362 1   HOH   HOH A . 
C 3 HOH   63 363 71  HOH   HOH A . 
C 3 HOH   64 364 70  HOH   HOH A . 
C 3 HOH   65 365 32  HOH   HOH A . 
C 3 HOH   66 366 47  HOH   HOH A . 
C 3 HOH   67 367 31  HOH   HOH A . 
C 3 HOH   68 368 11  HOH   HOH A . 
C 3 HOH   69 369 5   HOH   HOH A . 
C 3 HOH   70 370 34  HOH   HOH A . 
C 3 HOH   71 371 38  HOH   HOH A . 
C 3 HOH   72 372 65  HOH   HOH A . 
C 3 HOH   73 373 62  HOH   HOH A . 
C 3 HOH   74 374 79  HOH   HOH A . 
C 3 HOH   75 375 54  HOH   HOH A . 
C 3 HOH   76 376 67  HOH   HOH A . 
C 3 HOH   77 377 61  HOH   HOH A . 
C 3 HOH   78 378 41  HOH   HOH A . 
C 3 HOH   79 379 59  HOH   HOH A . 
C 3 HOH   80 380 42  HOH   HOH A . 
C 3 HOH   81 381 75  HOH   HOH A . 
C 3 HOH   82 382 53  HOH   HOH A . 
# 
loop_
_software.classification 
_software.name 
_software.version 
_software.citation_id 
_software.pdbx_ordinal 
refinement       REFMAC 5.8.0267 ? 1 
phasing          PHASER .        ? 2 
'data scaling'   XDS    .        ? 3 
'data reduction' XDS    .        ? 4 
# 
_cell.entry_id           7IB9 
_cell.length_a           36.660 
_cell.length_b           36.660 
_cell.length_c           141.420 
_cell.angle_alpha        90.00 
_cell.angle_beta         90.00 
_cell.angle_gamma        90.00 
_cell.Z_PDB              8 
_cell.pdbx_unique_axis   ? 
# 
_symmetry.entry_id                         7IB9 
_symmetry.space_group_name_H-M             'P 43 21 2' 
_symmetry.pdbx_full_space_group_name_H-M   ? 
_symmetry.cell_setting                     ? 
_symmetry.Int_Tables_number                96 
# 
_exptl.entry_id          7IB9 
_exptl.method            'X-RAY DIFFRACTION' 
_exptl.crystals_number   1 
# 
_exptl_crystal.id                    1 
_exptl_crystal.density_Matthews      1.85 
_exptl_crystal.density_percent_sol   33.54 
_exptl_crystal.density_meas          ? 
_exptl_crystal.description           ? 
# 
_exptl_crystal_grow.crystal_id      1 
_exptl_crystal_grow.method          'VAPOR DIFFUSION, SITTING DROP' 
_exptl_crystal_grow.pdbx_details    '0.1 M HEPES pH 7.5 and 25% (w/v) PEG 3350. Reproducibility was improved by seeding.' 
_exptl_crystal_grow.temp            293 
_exptl_crystal_grow.pH              7.5 
_exptl_crystal_grow.temp_details    ? 
_exptl_crystal_grow.pdbx_pH_range   ? 
# 
_diffrn.id                     1 
_diffrn.ambient_temp           100 
_diffrn.crystal_id             1 
_diffrn.ambient_temp_details   ? 
# 
_diffrn_detector.diffrn_id              1 
_diffrn_detector.detector               PIXEL 
_diffrn_detector.pdbx_collection_date   2023-05-02 
_diffrn_detector.type                   'DECTRIS PILATUS3 6M' 
_diffrn_detector.id                     1 
_diffrn_detector.details                ? 
# 
_diffrn_radiation.diffrn_id                        1 
_diffrn_radiation.pdbx_diffrn_protocol             'SINGLE WAVELENGTH' 
_diffrn_radiation.pdbx_monochromatic_or_laue_m_l   M 
_diffrn_radiation.pdbx_scattering_type             x-ray 
_diffrn_radiation.wavelength_id                    1 
_diffrn_radiation.monochromator                    ? 
# 
_diffrn_radiation_wavelength.id           1 
_diffrn_radiation_wavelength.wavelength   0.9184 
_diffrn_radiation_wavelength.wt           1.0 
# 
_diffrn_source.diffrn_id                   1 
_diffrn_source.pdbx_wavelength_list        0.9184 
_diffrn_source.source                      SYNCHROTRON 
_diffrn_source.type                        'BESSY BEAMLINE 14.1' 
_diffrn_source.pdbx_synchrotron_site       BESSY 
_diffrn_source.pdbx_synchrotron_beamline   14.1 
_diffrn_source.pdbx_wavelength             ? 
# 
_reflns.entry_id                     7IB9 
_reflns.pdbx_diffrn_id               1 
_reflns.pdbx_ordinal                 1 
_reflns.d_resolution_low             35.49 
_reflns.d_resolution_high            1.61 
_reflns.number_obs                   13240 
_reflns.percent_possible_obs         99.9 
_reflns.pdbx_Rmerge_I_obs            0.07400000000000001 
_reflns.pdbx_netI_over_sigmaI        19.28 
_reflns.pdbx_Rrim_I_all              0.077 
_reflns.pdbx_CC_half                 0.9990000000000001 
_reflns.pdbx_number_measured_all     158813 
_reflns.observed_criterion_sigma_I   ? 
_reflns.observed_criterion_sigma_F   ? 
_reflns.number_all                   ? 
_reflns.pdbx_Rsym_value              ? 
_reflns.B_iso_Wilson_estimate        ? 
_reflns.pdbx_redundancy              ? 
# 
loop_
_reflns_shell.pdbx_diffrn_id 
_reflns_shell.pdbx_ordinal 
_reflns_shell.d_res_high 
_reflns_shell.d_res_low 
_reflns_shell.number_measured_obs 
_reflns_shell.number_unique_obs 
_reflns_shell.Rmerge_I_obs 
_reflns_shell.percent_possible_obs 
_reflns_shell.pdbx_netI_over_sigmaI_obs 
_reflns_shell.pdbx_Rrim_I_all 
_reflns_shell.pdbx_CC_half 
_reflns_shell.percent_possible_all 
_reflns_shell.pdbx_Rsym_value 
_reflns_shell.meanI_over_sigI_obs 
_reflns_shell.pdbx_redundancy 
1 1 1.61 1.71 25907 2062 1.726                99.9  1.47  1.8                  0.5920000000000001 ? ? ? ? 
1 2 1.71 1.83 24151 1971 1.02                 100.0 2.61  1.065                0.8059999999999999 ? ? ? ? 
1 3 1.83 1.97 21910 1817 0.532                100.0 5.12  0.556                0.9329999999999999 ? ? ? ? 
1 4 1.97 2.16 21734 1713 0.27399999999999997  100.0 10.49 0.285                0.983              ? ? ? ? 
1 5 2.16 2.42 18134 1542 0.17                 99.9  16.17 0.17800000000000002  0.992              ? ? ? ? 
1 6 2.42 2.79 17256 1383 0.10400000000000001  99.9  26.14 0.109                0.998              ? ? ? ? 
1 7 2.79 3.41 13280 1195 0.057999999999999996 99.8  42.76 0.061                0.9990000000000001 ? ? ? ? 
1 8 3.41 4.8  10389 956  0.034                99.9  68.03 0.036000000000000004 0.9990000000000001 ? ? ? ? 
1 9 4.80 ?    6052  601  0.024                99.8  70.96 0.026000000000000002 0.9990000000000001 ? ? ? ? 
# 
_refine.pdbx_refine_id                           'X-RAY DIFFRACTION' 
_refine.entry_id                                 7IB9 
_refine.pdbx_diffrn_id                           1 
_refine.pdbx_TLS_residual_ADP_flag               ? 
_refine.ls_number_reflns_obs                     12577 
_refine.ls_number_reflns_all                     ? 
_refine.pdbx_ls_sigma_I                          ? 
_refine.pdbx_ls_sigma_F                          ? 
_refine.pdbx_data_cutoff_high_absF               ? 
_refine.pdbx_data_cutoff_low_absF                ? 
_refine.pdbx_data_cutoff_high_rms_absF           ? 
_refine.ls_d_res_low                             35.49 
_refine.ls_d_res_high                            1.61 
_refine.ls_percent_reflns_obs                    99.94 
_refine.ls_R_factor_obs                          0.19476 
_refine.ls_R_factor_all                          ? 
_refine.ls_R_factor_R_work                       0.19334 
_refine.ls_R_factor_R_free                       0.22177 
_refine.ls_R_factor_R_free_error                 ? 
_refine.ls_R_factor_R_free_error_details         ? 
_refine.ls_percent_reflns_R_free                 5.0 
_refine.ls_number_reflns_R_free                  662 
_refine.ls_number_parameters                     ? 
_refine.ls_number_restraints                     ? 
_refine.occupancy_min                            ? 
_refine.occupancy_max                            ? 
_refine.correlation_coeff_Fo_to_Fc               0.966 
_refine.correlation_coeff_Fo_to_Fc_free          0.954 
_refine.B_iso_mean                               30.734 
_refine.aniso_B[1][1]                            -0.44 
_refine.aniso_B[2][2]                            -0.44 
_refine.aniso_B[3][3]                            0.89 
_refine.aniso_B[1][2]                            0.00 
_refine.aniso_B[1][3]                            0.00 
_refine.aniso_B[2][3]                            0.00 
_refine.solvent_model_details                    MASK 
_refine.solvent_model_param_ksol                 ? 
_refine.solvent_model_param_bsol                 ? 
_refine.pdbx_solvent_vdw_probe_radii             1.20 
_refine.pdbx_solvent_ion_probe_radii             0.80 
_refine.pdbx_solvent_shrinkage_radii             0.80 
_refine.pdbx_ls_cross_valid_method               THROUGHOUT 
_refine.details                                  'HYDROGENS HAVE BEEN ADDED IN THE RIDING POSITIONS' 
_refine.pdbx_starting_model                      ? 
_refine.pdbx_method_to_determine_struct          'MOLECULAR REPLACEMENT' 
_refine.pdbx_isotropic_thermal_model             ? 
_refine.pdbx_stereochemistry_target_values       'MAXIMUM LIKELIHOOD' 
_refine.pdbx_stereochem_target_val_spec_case     ? 
_refine.pdbx_R_Free_selection_details            RANDOM 
_refine.pdbx_overall_ESU_R                       0.139 
_refine.pdbx_overall_ESU_R_Free                  0.120 
_refine.overall_SU_ML                            0.102 
_refine.pdbx_overall_phase_error                 ? 
_refine.overall_SU_B                             3.153 
_refine.overall_SU_R_Cruickshank_DPI             ? 
_refine.pdbx_overall_SU_R_free_Cruickshank_DPI   ? 
_refine.pdbx_overall_SU_R_Blow_DPI               ? 
_refine.pdbx_overall_SU_R_free_Blow_DPI          ? 
# 
_refine_hist.pdbx_refine_id                   'X-RAY DIFFRACTION' 
_refine_hist.cycle_id                         1 
_refine_hist.pdbx_number_atoms_protein        877 
_refine_hist.pdbx_number_atoms_nucleic_acid   0 
_refine_hist.pdbx_number_atoms_ligand         12 
_refine_hist.number_atoms_solvent             82 
_refine_hist.number_atoms_total               971 
_refine_hist.d_res_high                       1.61 
_refine_hist.d_res_low                        35.49 
# 
loop_
_refine_ls_restr.type 
_refine_ls_restr.dev_ideal 
_refine_ls_restr.dev_ideal_target 
_refine_ls_restr.weight 
_refine_ls_restr.number 
_refine_ls_restr.pdbx_refine_id 
_refine_ls_restr.pdbx_restraint_function 
r_bond_refined_d             0.008  0.014  ? 1615 'X-RAY DIFFRACTION' ? 
r_bond_other_d               0.001  0.017  ? 1350 'X-RAY DIFFRACTION' ? 
r_angle_refined_deg          1.548  1.639  ? 1812 'X-RAY DIFFRACTION' ? 
r_angle_other_deg            1.264  1.591  ? 3110 'X-RAY DIFFRACTION' ? 
r_dihedral_angle_1_deg       7.692  5.000  ? 178  'X-RAY DIFFRACTION' ? 
r_dihedral_angle_2_deg       27.821 20.702 ? 57   'X-RAY DIFFRACTION' ? 
r_dihedral_angle_3_deg       13.716 15.000 ? 242  'X-RAY DIFFRACTION' ? 
r_dihedral_angle_4_deg       19.774 15.000 ? 10   'X-RAY DIFFRACTION' ? 
r_chiral_restr               0.072  0.200  ? 159  'X-RAY DIFFRACTION' ? 
r_gen_planes_refined         0.007  0.020  ? 1526 'X-RAY DIFFRACTION' ? 
r_gen_planes_other           0.001  0.020  ? 290  'X-RAY DIFFRACTION' ? 
r_nbd_refined                ?      ?      ? ?    'X-RAY DIFFRACTION' ? 
r_nbd_other                  ?      ?      ? ?    'X-RAY DIFFRACTION' ? 
r_nbtor_refined              ?      ?      ? ?    'X-RAY DIFFRACTION' ? 
r_nbtor_other                ?      ?      ? ?    'X-RAY DIFFRACTION' ? 
r_xyhbond_nbd_refined        ?      ?      ? ?    'X-RAY DIFFRACTION' ? 
r_xyhbond_nbd_other          ?      ?      ? ?    'X-RAY DIFFRACTION' ? 
r_metal_ion_refined          ?      ?      ? ?    'X-RAY DIFFRACTION' ? 
r_metal_ion_other            ?      ?      ? ?    'X-RAY DIFFRACTION' ? 
r_symmetry_vdw_refined       ?      ?      ? ?    'X-RAY DIFFRACTION' ? 
r_symmetry_vdw_other         ?      ?      ? ?    'X-RAY DIFFRACTION' ? 
r_symmetry_hbond_refined     ?      ?      ? ?    'X-RAY DIFFRACTION' ? 
r_symmetry_hbond_other       ?      ?      ? ?    'X-RAY DIFFRACTION' ? 
r_symmetry_metal_ion_refined ?      ?      ? ?    'X-RAY DIFFRACTION' ? 
r_symmetry_metal_ion_other   ?      ?      ? ?    'X-RAY DIFFRACTION' ? 
r_mcbond_it                  1.956  2.886  ? 809  'X-RAY DIFFRACTION' ? 
r_mcbond_other               1.956  2.883  ? 805  'X-RAY DIFFRACTION' ? 
r_mcangle_it                 3.098  4.287  ? 856  'X-RAY DIFFRACTION' ? 
r_mcangle_other              3.097  4.288  ? 857  'X-RAY DIFFRACTION' ? 
r_scbond_it                  3.173  3.343  ? 806  'X-RAY DIFFRACTION' ? 
r_scbond_other               3.171  3.342  ? 807  'X-RAY DIFFRACTION' ? 
r_scangle_it                 ?      ?      ? ?    'X-RAY DIFFRACTION' ? 
r_scangle_other              5.471  4.877  ? 957  'X-RAY DIFFRACTION' ? 
r_long_range_B_refined       7.141  33.888 ? 1375 'X-RAY DIFFRACTION' ? 
r_long_range_B_other         7.139  33.892 ? 1376 'X-RAY DIFFRACTION' ? 
r_rigid_bond_restr           ?      ?      ? ?    'X-RAY DIFFRACTION' ? 
r_sphericity_free            ?      ?      ? ?    'X-RAY DIFFRACTION' ? 
r_sphericity_bonded          ?      ?      ? ?    'X-RAY DIFFRACTION' ? 
# 
_refine_ls_shell.pdbx_refine_id                   'X-RAY DIFFRACTION' 
_refine_ls_shell.pdbx_total_number_of_bins_used   20 
_refine_ls_shell.d_res_high                       1.613 
_refine_ls_shell.d_res_low                        1.655 
_refine_ls_shell.number_reflns_R_work             898 
_refine_ls_shell.R_factor_R_work                  0.325 
_refine_ls_shell.percent_reflns_obs               99.89 
_refine_ls_shell.R_factor_R_free                  0.398 
_refine_ls_shell.R_factor_R_free_error            ? 
_refine_ls_shell.percent_reflns_R_free            ? 
_refine_ls_shell.number_reflns_R_free             47 
_refine_ls_shell.number_reflns_all                ? 
_refine_ls_shell.R_factor_all                     ? 
# 
_struct.entry_id                  7IB9 
_struct.title                     
'PanDDA analysis group deposition -- SARS-CoV-2 Nsp1 in complex with fragment X11415 (well A09) from the KIT library' 
_struct.pdbx_CASP_flag            N 
_struct.pdbx_model_details        ? 
_struct.pdbx_model_type_details   ? 
# 
_struct_keywords.entry_id        7IB9 
_struct_keywords.pdbx_keywords   'VIRAL PROTEIN' 
_struct_keywords.text            'SARS-CoV-2, fragment screen, Nsp1, KIT library, VIRAL PROTEIN' 
# 
loop_
_struct_asym.id 
_struct_asym.pdbx_blank_PDB_chainid_flag 
_struct_asym.pdbx_modified 
_struct_asym.entity_id 
_struct_asym.details 
A N N 1 ? 
B N N 2 ? 
C N N 3 ? 
# 
_struct_ref.id                         1 
_struct_ref.db_name                    UNP 
_struct_ref.db_code                    R1AB_SARS2 
_struct_ref.pdbx_db_accession          P0DTD1 
_struct_ref.pdbx_db_isoform            ? 
_struct_ref.entity_id                  1 
_struct_ref.pdbx_seq_one_letter_code   
;EKTHVQLSLPVLQVRDVLVRGFGDSVEEVLSEARQHLKDGTCGLVEVEKGVLPQLEQPYVFIKRSDARTAPHGHVMVELV
AELEGIQYGRSGETLGVLVPHVGEIPVAYRKVLLRK
;
_struct_ref.pdbx_align_begin           10 
# 
_struct_ref_seq.align_id                      1 
_struct_ref_seq.ref_id                        1 
_struct_ref_seq.pdbx_PDB_id_code              7IB9 
_struct_ref_seq.pdbx_strand_id                A 
_struct_ref_seq.seq_align_beg                 1 
_struct_ref_seq.pdbx_seq_align_beg_ins_code   ? 
_struct_ref_seq.seq_align_end                 116 
_struct_ref_seq.pdbx_seq_align_end_ins_code   ? 
_struct_ref_seq.pdbx_db_accession             P0DTD1 
_struct_ref_seq.db_align_beg                  10 
_struct_ref_seq.pdbx_db_align_beg_ins_code    ? 
_struct_ref_seq.db_align_end                  125 
_struct_ref_seq.pdbx_db_align_end_ins_code    ? 
_struct_ref_seq.pdbx_auth_seq_align_beg       10 
_struct_ref_seq.pdbx_auth_seq_align_end       125 
# 
_pdbx_struct_assembly.id                   1 
_pdbx_struct_assembly.details              author_and_software_defined_assembly 
_pdbx_struct_assembly.method_details       PISA 
_pdbx_struct_assembly.oligomeric_details   monomeric 
_pdbx_struct_assembly.oligomeric_count     1 
# 
loop_
_pdbx_struct_assembly_prop.biol_id 
_pdbx_struct_assembly_prop.type 
_pdbx_struct_assembly_prop.value 
_pdbx_struct_assembly_prop.details 
1 'ABSA (A^2)' 400  ? 
1 MORE         -1   ? 
1 'SSA (A^2)'  6360 ? 
# 
_pdbx_struct_assembly_gen.assembly_id       1 
_pdbx_struct_assembly_gen.oper_expression   1 
_pdbx_struct_assembly_gen.asym_id_list      A,B,C 
# 
_pdbx_struct_oper_list.id                   1 
_pdbx_struct_oper_list.type                 'identity operation' 
_pdbx_struct_oper_list.name                 1_555 
_pdbx_struct_oper_list.symmetry_operation   x,y,z 
_pdbx_struct_oper_list.matrix[1][1]         1.0000000000 
_pdbx_struct_oper_list.matrix[1][2]         0.0000000000 
_pdbx_struct_oper_list.matrix[1][3]         0.0000000000 
_pdbx_struct_oper_list.vector[1]            0.0000000000 
_pdbx_struct_oper_list.matrix[2][1]         0.0000000000 
_pdbx_struct_oper_list.matrix[2][2]         1.0000000000 
_pdbx_struct_oper_list.matrix[2][3]         0.0000000000 
_pdbx_struct_oper_list.vector[2]            0.0000000000 
_pdbx_struct_oper_list.matrix[3][1]         0.0000000000 
_pdbx_struct_oper_list.matrix[3][2]         0.0000000000 
_pdbx_struct_oper_list.matrix[3][3]         1.0000000000 
_pdbx_struct_oper_list.vector[3]            0.0000000000 
# 
loop_
_struct_conf.conf_type_id 
_struct_conf.id 
_struct_conf.pdbx_PDB_helix_id 
_struct_conf.beg_label_comp_id 
_struct_conf.beg_label_asym_id 
_struct_conf.beg_label_seq_id 
_struct_conf.pdbx_beg_PDB_ins_code 
_struct_conf.end_label_comp_id 
_struct_conf.end_label_asym_id 
_struct_conf.end_label_seq_id 
_struct_conf.pdbx_end_PDB_ins_code 
_struct_conf.beg_auth_comp_id 
_struct_conf.beg_auth_asym_id 
_struct_conf.beg_auth_seq_id 
_struct_conf.end_auth_comp_id 
_struct_conf.end_auth_asym_id 
_struct_conf.end_auth_seq_id 
_struct_conf.pdbx_PDB_helix_class 
_struct_conf.details 
_struct_conf.pdbx_PDB_helix_length 
HELX_P HELX_P1 AA1 GLN A 13 ? VAL A 17 ? GLN A 22 VAL A 26 5 ? 5  
HELX_P HELX_P2 AA2 SER A 25 ? GLY A 40 ? SER A 34 GLY A 49 1 ? 16 
HELX_P HELX_P3 AA3 VAL A 51 ? LEU A 55 ? VAL A 60 LEU A 64 5 ? 5  
HELX_P HELX_P4 AA4 ALA A 70 ? HIS A 74 ? ALA A 79 HIS A 83 5 ? 5  
# 
_struct_conf_type.id          HELX_P 
_struct_conf_type.criteria    ? 
_struct_conf_type.reference   ? 
# 
_struct_mon_prot_cis.pdbx_id                1 
_struct_mon_prot_cis.label_comp_id          GLN 
_struct_mon_prot_cis.label_seq_id           57 
_struct_mon_prot_cis.label_asym_id          A 
_struct_mon_prot_cis.label_alt_id           . 
_struct_mon_prot_cis.pdbx_PDB_ins_code      ? 
_struct_mon_prot_cis.auth_comp_id           GLN 
_struct_mon_prot_cis.auth_seq_id            66 
_struct_mon_prot_cis.auth_asym_id           A 
_struct_mon_prot_cis.pdbx_label_comp_id_2   PRO 
_struct_mon_prot_cis.pdbx_label_seq_id_2    58 
_struct_mon_prot_cis.pdbx_label_asym_id_2   A 
_struct_mon_prot_cis.pdbx_PDB_ins_code_2    ? 
_struct_mon_prot_cis.pdbx_auth_comp_id_2    PRO 
_struct_mon_prot_cis.pdbx_auth_seq_id_2     67 
_struct_mon_prot_cis.pdbx_auth_asym_id_2    A 
_struct_mon_prot_cis.pdbx_PDB_model_num     1 
_struct_mon_prot_cis.pdbx_omega_angle       -9.41 
# 
_struct_sheet.id               AA1 
_struct_sheet.type             ? 
_struct_sheet.number_strands   8 
_struct_sheet.details          ? 
# 
loop_
_struct_sheet_order.sheet_id 
_struct_sheet_order.range_id_1 
_struct_sheet_order.range_id_2 
_struct_sheet_order.offset 
_struct_sheet_order.sense 
AA1 1 2 ? anti-parallel 
AA1 2 3 ? parallel      
AA1 3 4 ? anti-parallel 
AA1 4 5 ? parallel      
AA1 5 6 ? anti-parallel 
AA1 6 7 ? anti-parallel 
AA1 7 8 ? anti-parallel 
# 
loop_
_struct_sheet_range.sheet_id 
_struct_sheet_range.id 
_struct_sheet_range.beg_label_comp_id 
_struct_sheet_range.beg_label_asym_id 
_struct_sheet_range.beg_label_seq_id 
_struct_sheet_range.pdbx_beg_PDB_ins_code 
_struct_sheet_range.end_label_comp_id 
_struct_sheet_range.end_label_asym_id 
_struct_sheet_range.end_label_seq_id 
_struct_sheet_range.pdbx_end_PDB_ins_code 
_struct_sheet_range.beg_auth_comp_id 
_struct_sheet_range.beg_auth_asym_id 
_struct_sheet_range.beg_auth_seq_id 
_struct_sheet_range.end_auth_comp_id 
_struct_sheet_range.end_auth_asym_id 
_struct_sheet_range.end_auth_seq_id 
AA1 1 ILE A 86  ? TYR A 88  ? ILE A 95  TYR A 97  
AA1 2 VAL A 75  ? LEU A 83  ? VAL A 84  LEU A 92  
AA1 3 ALA A 108 ? ARG A 115 ? ALA A 117 ARG A 124 
AA1 4 HIS A 4   ? VAL A 11  ? HIS A 13  VAL A 20  
AA1 5 CYS A 42  ? VAL A 45  ? CYS A 51  VAL A 54  
AA1 6 THR A 94  ? PRO A 100 ? THR A 103 PRO A 109 
AA1 7 TYR A 59  ? ARG A 64  ? TYR A 68  ARG A 73  
AA1 8 VAL A 75  ? LEU A 83  ? VAL A 84  LEU A 92  
# 
loop_
_pdbx_struct_sheet_hbond.sheet_id 
_pdbx_struct_sheet_hbond.range_id_1 
_pdbx_struct_sheet_hbond.range_id_2 
_pdbx_struct_sheet_hbond.range_1_label_atom_id 
_pdbx_struct_sheet_hbond.range_1_label_comp_id 
_pdbx_struct_sheet_hbond.range_1_label_asym_id 
_pdbx_struct_sheet_hbond.range_1_label_seq_id 
_pdbx_struct_sheet_hbond.range_1_PDB_ins_code 
_pdbx_struct_sheet_hbond.range_1_auth_atom_id 
_pdbx_struct_sheet_hbond.range_1_auth_comp_id 
_pdbx_struct_sheet_hbond.range_1_auth_asym_id 
_pdbx_struct_sheet_hbond.range_1_auth_seq_id 
_pdbx_struct_sheet_hbond.range_2_label_atom_id 
_pdbx_struct_sheet_hbond.range_2_label_comp_id 
_pdbx_struct_sheet_hbond.range_2_label_asym_id 
_pdbx_struct_sheet_hbond.range_2_label_seq_id 
_pdbx_struct_sheet_hbond.range_2_PDB_ins_code 
_pdbx_struct_sheet_hbond.range_2_auth_atom_id 
_pdbx_struct_sheet_hbond.range_2_auth_comp_id 
_pdbx_struct_sheet_hbond.range_2_auth_asym_id 
_pdbx_struct_sheet_hbond.range_2_auth_seq_id 
AA1 1 2 O TYR A 88  ? O TYR A 97  N ALA A 81  ? N ALA A 90  
AA1 2 3 N VAL A 75  ? N VAL A 84  O LEU A 113 ? O LEU A 122 
AA1 3 4 O VAL A 112 ? O VAL A 121 N LEU A 7   ? N LEU A 16  
AA1 4 5 N PRO A 10  ? N PRO A 19  O LEU A 44  ? O LEU A 53  
AA1 5 6 N VAL A 45  ? N VAL A 54  O VAL A 97  ? O VAL A 106 
AA1 6 7 O LEU A 98  ? O LEU A 107 N VAL A 60  ? N VAL A 69  
AA1 7 8 N PHE A 61  ? N PHE A 70  O VAL A 80  ? O VAL A 89  
# 
_pdbx_entry_details.entry_id                   7IB9 
_pdbx_entry_details.has_ligand_of_interest     Y 
_pdbx_entry_details.compound_details           ? 
_pdbx_entry_details.source_details             ? 
_pdbx_entry_details.nonpolymer_details         ? 
_pdbx_entry_details.sequence_details           ? 
_pdbx_entry_details.has_protein_modification   N 
# 
_pdbx_validate_close_contact.id               1 
_pdbx_validate_close_contact.PDB_model_num    1 
_pdbx_validate_close_contact.auth_atom_id_1   O 
_pdbx_validate_close_contact.auth_asym_id_1   A 
_pdbx_validate_close_contact.auth_comp_id_1   HOH 
_pdbx_validate_close_contact.auth_seq_id_1    365 
_pdbx_validate_close_contact.PDB_ins_code_1   ? 
_pdbx_validate_close_contact.label_alt_id_1   ? 
_pdbx_validate_close_contact.auth_atom_id_2   O 
_pdbx_validate_close_contact.auth_asym_id_2   A 
_pdbx_validate_close_contact.auth_comp_id_2   HOH 
_pdbx_validate_close_contact.auth_seq_id_2    373 
_pdbx_validate_close_contact.PDB_ins_code_2   ? 
_pdbx_validate_close_contact.label_alt_id_2   ? 
_pdbx_validate_close_contact.dist             2.13 
# 
_pdbx_validate_symm_contact.id                1 
_pdbx_validate_symm_contact.PDB_model_num     1 
_pdbx_validate_symm_contact.auth_atom_id_1    O 
_pdbx_validate_symm_contact.auth_asym_id_1    A 
_pdbx_validate_symm_contact.auth_comp_id_1    HOH 
_pdbx_validate_symm_contact.auth_seq_id_1     344 
_pdbx_validate_symm_contact.PDB_ins_code_1    ? 
_pdbx_validate_symm_contact.label_alt_id_1    ? 
_pdbx_validate_symm_contact.site_symmetry_1   1_555 
_pdbx_validate_symm_contact.auth_atom_id_2    O 
_pdbx_validate_symm_contact.auth_asym_id_2    A 
_pdbx_validate_symm_contact.auth_comp_id_2    HOH 
_pdbx_validate_symm_contact.auth_seq_id_2     361 
_pdbx_validate_symm_contact.PDB_ins_code_2    ? 
_pdbx_validate_symm_contact.label_alt_id_2    ? 
_pdbx_validate_symm_contact.site_symmetry_2   7_645 
_pdbx_validate_symm_contact.dist              2.01 
# 
_pdbx_validate_rmsd_angle.id                         1 
_pdbx_validate_rmsd_angle.PDB_model_num              1 
_pdbx_validate_rmsd_angle.auth_atom_id_1             CG 
_pdbx_validate_rmsd_angle.auth_asym_id_1             A 
_pdbx_validate_rmsd_angle.auth_comp_id_1             ARG 
_pdbx_validate_rmsd_angle.auth_seq_id_1              29 
_pdbx_validate_rmsd_angle.PDB_ins_code_1             ? 
_pdbx_validate_rmsd_angle.label_alt_id_1             ? 
_pdbx_validate_rmsd_angle.auth_atom_id_2             CD 
_pdbx_validate_rmsd_angle.auth_asym_id_2             A 
_pdbx_validate_rmsd_angle.auth_comp_id_2             ARG 
_pdbx_validate_rmsd_angle.auth_seq_id_2              29 
_pdbx_validate_rmsd_angle.PDB_ins_code_2             ? 
_pdbx_validate_rmsd_angle.label_alt_id_2             ? 
_pdbx_validate_rmsd_angle.auth_atom_id_3             NE 
_pdbx_validate_rmsd_angle.auth_asym_id_3             A 
_pdbx_validate_rmsd_angle.auth_comp_id_3             ARG 
_pdbx_validate_rmsd_angle.auth_seq_id_3              29 
_pdbx_validate_rmsd_angle.PDB_ins_code_3             ? 
_pdbx_validate_rmsd_angle.label_alt_id_3             ? 
_pdbx_validate_rmsd_angle.angle_value                98.94 
_pdbx_validate_rmsd_angle.angle_target_value         111.80 
_pdbx_validate_rmsd_angle.angle_deviation            -12.86 
_pdbx_validate_rmsd_angle.angle_standard_deviation   2.10 
_pdbx_validate_rmsd_angle.linker_flag                N 
# 
_pdbx_validate_torsion.id              1 
_pdbx_validate_torsion.PDB_model_num   1 
_pdbx_validate_torsion.auth_comp_id    ALA 
_pdbx_validate_torsion.auth_asym_id    A 
_pdbx_validate_torsion.auth_seq_id     117 
_pdbx_validate_torsion.PDB_ins_code    ? 
_pdbx_validate_torsion.label_alt_id    ? 
_pdbx_validate_torsion.phi             -173.25 
_pdbx_validate_torsion.psi             -179.85 
# 
loop_
_pdbx_validate_polymer_linkage.id 
_pdbx_validate_polymer_linkage.PDB_model_num 
_pdbx_validate_polymer_linkage.auth_atom_id_1 
_pdbx_validate_polymer_linkage.auth_asym_id_1 
_pdbx_validate_polymer_linkage.auth_comp_id_1 
_pdbx_validate_polymer_linkage.auth_seq_id_1 
_pdbx_validate_polymer_linkage.PDB_ins_code_1 
_pdbx_validate_polymer_linkage.label_alt_id_1 
_pdbx_validate_polymer_linkage.auth_atom_id_2 
_pdbx_validate_polymer_linkage.auth_asym_id_2 
_pdbx_validate_polymer_linkage.auth_comp_id_2 
_pdbx_validate_polymer_linkage.auth_seq_id_2 
_pdbx_validate_polymer_linkage.PDB_ins_code_2 
_pdbx_validate_polymer_linkage.label_alt_id_2 
_pdbx_validate_polymer_linkage.dist 
1 1 C A ARG 124 ? C N A LYS 125 ? C 2.00 
2 1 C A ARG 124 ? D N A LYS 125 ? D 2.00 
# 
loop_
_pdbx_struct_special_symmetry.id 
_pdbx_struct_special_symmetry.PDB_model_num 
_pdbx_struct_special_symmetry.auth_asym_id 
_pdbx_struct_special_symmetry.auth_comp_id 
_pdbx_struct_special_symmetry.auth_seq_id 
_pdbx_struct_special_symmetry.PDB_ins_code 
_pdbx_struct_special_symmetry.label_asym_id 
_pdbx_struct_special_symmetry.label_comp_id 
_pdbx_struct_special_symmetry.label_seq_id 
1 1 A HOH 301 ? C HOH . 
2 1 A HOH 376 ? C HOH . 
3 1 A HOH 380 ? C HOH . 
# 
loop_
_pdbx_unobs_or_zero_occ_residues.id 
_pdbx_unobs_or_zero_occ_residues.PDB_model_num 
_pdbx_unobs_or_zero_occ_residues.polymer_flag 
_pdbx_unobs_or_zero_occ_residues.occupancy_flag 
_pdbx_unobs_or_zero_occ_residues.auth_asym_id 
_pdbx_unobs_or_zero_occ_residues.auth_comp_id 
_pdbx_unobs_or_zero_occ_residues.auth_seq_id 
_pdbx_unobs_or_zero_occ_residues.PDB_ins_code 
_pdbx_unobs_or_zero_occ_residues.label_asym_id 
_pdbx_unobs_or_zero_occ_residues.label_comp_id 
_pdbx_unobs_or_zero_occ_residues.label_seq_id 
1 1 Y 1 A GLU 10 ? A GLU 1  
2 1 Y 1 A ARG 77 ? A ARG 68 
3 1 Y 1 A THR 78 ? A THR 69 
# 
loop_
_chem_comp_atom.comp_id 
_chem_comp_atom.atom_id 
_chem_comp_atom.type_symbol 
_chem_comp_atom.pdbx_aromatic_flag 
_chem_comp_atom.pdbx_stereo_config 
_chem_comp_atom.pdbx_ordinal 
A1CEJ C10  C Y N 1   
A1CEJ C01  C N N 2   
A1CEJ C02  C Y N 3   
A1CEJ C03  C Y N 4   
A1CEJ C04  C Y N 5   
A1CEJ C05  C Y N 6   
A1CEJ C06  C Y N 7   
A1CEJ C07  C Y N 8   
A1CEJ C08  C Y N 9   
A1CEJ C09  C Y N 10  
A1CEJ C11  C Y N 11  
A1CEJ O12  O N N 12  
A1CEJ H1   H N N 13  
A1CEJ H2   H N N 14  
A1CEJ H3   H N N 15  
A1CEJ H4   H N N 16  
A1CEJ H5   H N N 17  
A1CEJ H6   H N N 18  
A1CEJ H7   H N N 19  
A1CEJ H8   H N N 20  
A1CEJ H9   H N N 21  
A1CEJ H10  H N N 22  
ALA   N    N N N 23  
ALA   CA   C N S 24  
ALA   C    C N N 25  
ALA   O    O N N 26  
ALA   CB   C N N 27  
ALA   OXT  O N N 28  
ALA   H    H N N 29  
ALA   H2   H N N 30  
ALA   HA   H N N 31  
ALA   HB1  H N N 32  
ALA   HB2  H N N 33  
ALA   HB3  H N N 34  
ALA   HXT  H N N 35  
ARG   N    N N N 36  
ARG   CA   C N S 37  
ARG   C    C N N 38  
ARG   O    O N N 39  
ARG   CB   C N N 40  
ARG   CG   C N N 41  
ARG   CD   C N N 42  
ARG   NE   N N N 43  
ARG   CZ   C N N 44  
ARG   NH1  N N N 45  
ARG   NH2  N N N 46  
ARG   OXT  O N N 47  
ARG   H    H N N 48  
ARG   H2   H N N 49  
ARG   HA   H N N 50  
ARG   HB2  H N N 51  
ARG   HB3  H N N 52  
ARG   HG2  H N N 53  
ARG   HG3  H N N 54  
ARG   HD2  H N N 55  
ARG   HD3  H N N 56  
ARG   HE   H N N 57  
ARG   HH11 H N N 58  
ARG   HH12 H N N 59  
ARG   HH21 H N N 60  
ARG   HH22 H N N 61  
ARG   HXT  H N N 62  
ASP   N    N N N 63  
ASP   CA   C N S 64  
ASP   C    C N N 65  
ASP   O    O N N 66  
ASP   CB   C N N 67  
ASP   CG   C N N 68  
ASP   OD1  O N N 69  
ASP   OD2  O N N 70  
ASP   OXT  O N N 71  
ASP   H    H N N 72  
ASP   H2   H N N 73  
ASP   HA   H N N 74  
ASP   HB2  H N N 75  
ASP   HB3  H N N 76  
ASP   HD2  H N N 77  
ASP   HXT  H N N 78  
CYS   N    N N N 79  
CYS   CA   C N R 80  
CYS   C    C N N 81  
CYS   O    O N N 82  
CYS   CB   C N N 83  
CYS   SG   S N N 84  
CYS   OXT  O N N 85  
CYS   H    H N N 86  
CYS   H2   H N N 87  
CYS   HA   H N N 88  
CYS   HB2  H N N 89  
CYS   HB3  H N N 90  
CYS   HG   H N N 91  
CYS   HXT  H N N 92  
GLN   N    N N N 93  
GLN   CA   C N S 94  
GLN   C    C N N 95  
GLN   O    O N N 96  
GLN   CB   C N N 97  
GLN   CG   C N N 98  
GLN   CD   C N N 99  
GLN   OE1  O N N 100 
GLN   NE2  N N N 101 
GLN   OXT  O N N 102 
GLN   H    H N N 103 
GLN   H2   H N N 104 
GLN   HA   H N N 105 
GLN   HB2  H N N 106 
GLN   HB3  H N N 107 
GLN   HG2  H N N 108 
GLN   HG3  H N N 109 
GLN   HE21 H N N 110 
GLN   HE22 H N N 111 
GLN   HXT  H N N 112 
GLU   N    N N N 113 
GLU   CA   C N S 114 
GLU   C    C N N 115 
GLU   O    O N N 116 
GLU   CB   C N N 117 
GLU   CG   C N N 118 
GLU   CD   C N N 119 
GLU   OE1  O N N 120 
GLU   OE2  O N N 121 
GLU   OXT  O N N 122 
GLU   H    H N N 123 
GLU   H2   H N N 124 
GLU   HA   H N N 125 
GLU   HB2  H N N 126 
GLU   HB3  H N N 127 
GLU   HG2  H N N 128 
GLU   HG3  H N N 129 
GLU   HE2  H N N 130 
GLU   HXT  H N N 131 
GLY   N    N N N 132 
GLY   CA   C N N 133 
GLY   C    C N N 134 
GLY   O    O N N 135 
GLY   OXT  O N N 136 
GLY   H    H N N 137 
GLY   H2   H N N 138 
GLY   HA2  H N N 139 
GLY   HA3  H N N 140 
GLY   HXT  H N N 141 
HIS   N    N N N 142 
HIS   CA   C N S 143 
HIS   C    C N N 144 
HIS   O    O N N 145 
HIS   CB   C N N 146 
HIS   CG   C Y N 147 
HIS   ND1  N Y N 148 
HIS   CD2  C Y N 149 
HIS   CE1  C Y N 150 
HIS   NE2  N Y N 151 
HIS   OXT  O N N 152 
HIS   H    H N N 153 
HIS   H2   H N N 154 
HIS   HA   H N N 155 
HIS   HB2  H N N 156 
HIS   HB3  H N N 157 
HIS   HD1  H N N 158 
HIS   HD2  H N N 159 
HIS   HE1  H N N 160 
HIS   HE2  H N N 161 
HIS   HXT  H N N 162 
HOH   O    O N N 163 
HOH   H1   H N N 164 
HOH   H2   H N N 165 
ILE   N    N N N 166 
ILE   CA   C N S 167 
ILE   C    C N N 168 
ILE   O    O N N 169 
ILE   CB   C N S 170 
ILE   CG1  C N N 171 
ILE   CG2  C N N 172 
ILE   CD1  C N N 173 
ILE   OXT  O N N 174 
ILE   H    H N N 175 
ILE   H2   H N N 176 
ILE   HA   H N N 177 
ILE   HB   H N N 178 
ILE   HG12 H N N 179 
ILE   HG13 H N N 180 
ILE   HG21 H N N 181 
ILE   HG22 H N N 182 
ILE   HG23 H N N 183 
ILE   HD11 H N N 184 
ILE   HD12 H N N 185 
ILE   HD13 H N N 186 
ILE   HXT  H N N 187 
LEU   N    N N N 188 
LEU   CA   C N S 189 
LEU   C    C N N 190 
LEU   O    O N N 191 
LEU   CB   C N N 192 
LEU   CG   C N N 193 
LEU   CD1  C N N 194 
LEU   CD2  C N N 195 
LEU   OXT  O N N 196 
LEU   H    H N N 197 
LEU   H2   H N N 198 
LEU   HA   H N N 199 
LEU   HB2  H N N 200 
LEU   HB3  H N N 201 
LEU   HG   H N N 202 
LEU   HD11 H N N 203 
LEU   HD12 H N N 204 
LEU   HD13 H N N 205 
LEU   HD21 H N N 206 
LEU   HD22 H N N 207 
LEU   HD23 H N N 208 
LEU   HXT  H N N 209 
LYS   N    N N N 210 
LYS   CA   C N S 211 
LYS   C    C N N 212 
LYS   O    O N N 213 
LYS   CB   C N N 214 
LYS   CG   C N N 215 
LYS   CD   C N N 216 
LYS   CE   C N N 217 
LYS   NZ   N N N 218 
LYS   OXT  O N N 219 
LYS   H    H N N 220 
LYS   H2   H N N 221 
LYS   HA   H N N 222 
LYS   HB2  H N N 223 
LYS   HB3  H N N 224 
LYS   HG2  H N N 225 
LYS   HG3  H N N 226 
LYS   HD2  H N N 227 
LYS   HD3  H N N 228 
LYS   HE2  H N N 229 
LYS   HE3  H N N 230 
LYS   HZ1  H N N 231 
LYS   HZ2  H N N 232 
LYS   HZ3  H N N 233 
LYS   HXT  H N N 234 
MET   N    N N N 235 
MET   CA   C N S 236 
MET   C    C N N 237 
MET   O    O N N 238 
MET   CB   C N N 239 
MET   CG   C N N 240 
MET   SD   S N N 241 
MET   CE   C N N 242 
MET   OXT  O N N 243 
MET   H    H N N 244 
MET   H2   H N N 245 
MET   HA   H N N 246 
MET   HB2  H N N 247 
MET   HB3  H N N 248 
MET   HG2  H N N 249 
MET   HG3  H N N 250 
MET   HE1  H N N 251 
MET   HE2  H N N 252 
MET   HE3  H N N 253 
MET   HXT  H N N 254 
PHE   N    N N N 255 
PHE   CA   C N S 256 
PHE   C    C N N 257 
PHE   O    O N N 258 
PHE   CB   C N N 259 
PHE   CG   C Y N 260 
PHE   CD1  C Y N 261 
PHE   CD2  C Y N 262 
PHE   CE1  C Y N 263 
PHE   CE2  C Y N 264 
PHE   CZ   C Y N 265 
PHE   OXT  O N N 266 
PHE   H    H N N 267 
PHE   H2   H N N 268 
PHE   HA   H N N 269 
PHE   HB2  H N N 270 
PHE   HB3  H N N 271 
PHE   HD1  H N N 272 
PHE   HD2  H N N 273 
PHE   HE1  H N N 274 
PHE   HE2  H N N 275 
PHE   HZ   H N N 276 
PHE   HXT  H N N 277 
PRO   N    N N N 278 
PRO   CA   C N S 279 
PRO   C    C N N 280 
PRO   O    O N N 281 
PRO   CB   C N N 282 
PRO   CG   C N N 283 
PRO   CD   C N N 284 
PRO   OXT  O N N 285 
PRO   H    H N N 286 
PRO   HA   H N N 287 
PRO   HB2  H N N 288 
PRO   HB3  H N N 289 
PRO   HG2  H N N 290 
PRO   HG3  H N N 291 
PRO   HD2  H N N 292 
PRO   HD3  H N N 293 
PRO   HXT  H N N 294 
SER   N    N N N 295 
SER   CA   C N S 296 
SER   C    C N N 297 
SER   O    O N N 298 
SER   CB   C N N 299 
SER   OG   O N N 300 
SER   OXT  O N N 301 
SER   H    H N N 302 
SER   H2   H N N 303 
SER   HA   H N N 304 
SER   HB2  H N N 305 
SER   HB3  H N N 306 
SER   HG   H N N 307 
SER   HXT  H N N 308 
THR   N    N N N 309 
THR   CA   C N S 310 
THR   C    C N N 311 
THR   O    O N N 312 
THR   CB   C N R 313 
THR   OG1  O N N 314 
THR   CG2  C N N 315 
THR   OXT  O N N 316 
THR   H    H N N 317 
THR   H2   H N N 318 
THR   HA   H N N 319 
THR   HB   H N N 320 
THR   HG1  H N N 321 
THR   HG21 H N N 322 
THR   HG22 H N N 323 
THR   HG23 H N N 324 
THR   HXT  H N N 325 
TYR   N    N N N 326 
TYR   CA   C N S 327 
TYR   C    C N N 328 
TYR   O    O N N 329 
TYR   CB   C N N 330 
TYR   CG   C Y N 331 
TYR   CD1  C Y N 332 
TYR   CD2  C Y N 333 
TYR   CE1  C Y N 334 
TYR   CE2  C Y N 335 
TYR   CZ   C Y N 336 
TYR   OH   O N N 337 
TYR   OXT  O N N 338 
TYR   H    H N N 339 
TYR   H2   H N N 340 
TYR   HA   H N N 341 
TYR   HB2  H N N 342 
TYR   HB3  H N N 343 
TYR   HD1  H N N 344 
TYR   HD2  H N N 345 
TYR   HE1  H N N 346 
TYR   HE2  H N N 347 
TYR   HH   H N N 348 
TYR   HXT  H N N 349 
VAL   N    N N N 350 
VAL   CA   C N S 351 
VAL   C    C N N 352 
VAL   O    O N N 353 
VAL   CB   C N N 354 
VAL   CG1  C N N 355 
VAL   CG2  C N N 356 
VAL   OXT  O N N 357 
VAL   H    H N N 358 
VAL   H2   H N N 359 
VAL   HA   H N N 360 
VAL   HB   H N N 361 
VAL   HG11 H N N 362 
VAL   HG12 H N N 363 
VAL   HG13 H N N 364 
VAL   HG21 H N N 365 
VAL   HG22 H N N 366 
VAL   HG23 H N N 367 
VAL   HXT  H N N 368 
# 
loop_
_chem_comp_bond.comp_id 
_chem_comp_bond.atom_id_1 
_chem_comp_bond.atom_id_2 
_chem_comp_bond.value_order 
_chem_comp_bond.pdbx_aromatic_flag 
_chem_comp_bond.pdbx_stereo_config 
_chem_comp_bond.pdbx_ordinal 
A1CEJ C06 C07  doub Y N 1   
A1CEJ C06 C05  sing Y N 2   
A1CEJ C07 C08  sing Y N 3   
A1CEJ C05 C04  doub Y N 4   
A1CEJ C08 C09  doub Y N 5   
A1CEJ C04 C09  sing Y N 6   
A1CEJ C04 C03  sing Y N 7   
A1CEJ C09 C10  sing Y N 8   
A1CEJ C03 C02  doub Y N 9   
A1CEJ C10 C11  doub Y N 10  
A1CEJ C02 C11  sing Y N 11  
A1CEJ C02 C01  sing N N 12  
A1CEJ C11 O12  sing N N 13  
A1CEJ C10 H1   sing N N 14  
A1CEJ C01 H2   sing N N 15  
A1CEJ C01 H3   sing N N 16  
A1CEJ C01 H4   sing N N 17  
A1CEJ C03 H5   sing N N 18  
A1CEJ C05 H6   sing N N 19  
A1CEJ C06 H7   sing N N 20  
A1CEJ C07 H8   sing N N 21  
A1CEJ C08 H9   sing N N 22  
A1CEJ O12 H10  sing N N 23  
ALA   N   CA   sing N N 24  
ALA   N   H    sing N N 25  
ALA   N   H2   sing N N 26  
ALA   CA  C    sing N N 27  
ALA   CA  CB   sing N N 28  
ALA   CA  HA   sing N N 29  
ALA   C   O    doub N N 30  
ALA   C   OXT  sing N N 31  
ALA   CB  HB1  sing N N 32  
ALA   CB  HB2  sing N N 33  
ALA   CB  HB3  sing N N 34  
ALA   OXT HXT  sing N N 35  
ARG   N   CA   sing N N 36  
ARG   N   H    sing N N 37  
ARG   N   H2   sing N N 38  
ARG   CA  C    sing N N 39  
ARG   CA  CB   sing N N 40  
ARG   CA  HA   sing N N 41  
ARG   C   O    doub N N 42  
ARG   C   OXT  sing N N 43  
ARG   CB  CG   sing N N 44  
ARG   CB  HB2  sing N N 45  
ARG   CB  HB3  sing N N 46  
ARG   CG  CD   sing N N 47  
ARG   CG  HG2  sing N N 48  
ARG   CG  HG3  sing N N 49  
ARG   CD  NE   sing N N 50  
ARG   CD  HD2  sing N N 51  
ARG   CD  HD3  sing N N 52  
ARG   NE  CZ   sing N N 53  
ARG   NE  HE   sing N N 54  
ARG   CZ  NH1  sing N N 55  
ARG   CZ  NH2  doub N N 56  
ARG   NH1 HH11 sing N N 57  
ARG   NH1 HH12 sing N N 58  
ARG   NH2 HH21 sing N N 59  
ARG   NH2 HH22 sing N N 60  
ARG   OXT HXT  sing N N 61  
ASP   N   CA   sing N N 62  
ASP   N   H    sing N N 63  
ASP   N   H2   sing N N 64  
ASP   CA  C    sing N N 65  
ASP   CA  CB   sing N N 66  
ASP   CA  HA   sing N N 67  
ASP   C   O    doub N N 68  
ASP   C   OXT  sing N N 69  
ASP   CB  CG   sing N N 70  
ASP   CB  HB2  sing N N 71  
ASP   CB  HB3  sing N N 72  
ASP   CG  OD1  doub N N 73  
ASP   CG  OD2  sing N N 74  
ASP   OD2 HD2  sing N N 75  
ASP   OXT HXT  sing N N 76  
CYS   N   CA   sing N N 77  
CYS   N   H    sing N N 78  
CYS   N   H2   sing N N 79  
CYS   CA  C    sing N N 80  
CYS   CA  CB   sing N N 81  
CYS   CA  HA   sing N N 82  
CYS   C   O    doub N N 83  
CYS   C   OXT  sing N N 84  
CYS   CB  SG   sing N N 85  
CYS   CB  HB2  sing N N 86  
CYS   CB  HB3  sing N N 87  
CYS   SG  HG   sing N N 88  
CYS   OXT HXT  sing N N 89  
GLN   N   CA   sing N N 90  
GLN   N   H    sing N N 91  
GLN   N   H2   sing N N 92  
GLN   CA  C    sing N N 93  
GLN   CA  CB   sing N N 94  
GLN   CA  HA   sing N N 95  
GLN   C   O    doub N N 96  
GLN   C   OXT  sing N N 97  
GLN   CB  CG   sing N N 98  
GLN   CB  HB2  sing N N 99  
GLN   CB  HB3  sing N N 100 
GLN   CG  CD   sing N N 101 
GLN   CG  HG2  sing N N 102 
GLN   CG  HG3  sing N N 103 
GLN   CD  OE1  doub N N 104 
GLN   CD  NE2  sing N N 105 
GLN   NE2 HE21 sing N N 106 
GLN   NE2 HE22 sing N N 107 
GLN   OXT HXT  sing N N 108 
GLU   N   CA   sing N N 109 
GLU   N   H    sing N N 110 
GLU   N   H2   sing N N 111 
GLU   CA  C    sing N N 112 
GLU   CA  CB   sing N N 113 
GLU   CA  HA   sing N N 114 
GLU   C   O    doub N N 115 
GLU   C   OXT  sing N N 116 
GLU   CB  CG   sing N N 117 
GLU   CB  HB2  sing N N 118 
GLU   CB  HB3  sing N N 119 
GLU   CG  CD   sing N N 120 
GLU   CG  HG2  sing N N 121 
GLU   CG  HG3  sing N N 122 
GLU   CD  OE1  doub N N 123 
GLU   CD  OE2  sing N N 124 
GLU   OE2 HE2  sing N N 125 
GLU   OXT HXT  sing N N 126 
GLY   N   CA   sing N N 127 
GLY   N   H    sing N N 128 
GLY   N   H2   sing N N 129 
GLY   CA  C    sing N N 130 
GLY   CA  HA2  sing N N 131 
GLY   CA  HA3  sing N N 132 
GLY   C   O    doub N N 133 
GLY   C   OXT  sing N N 134 
GLY   OXT HXT  sing N N 135 
HIS   N   CA   sing N N 136 
HIS   N   H    sing N N 137 
HIS   N   H2   sing N N 138 
HIS   CA  C    sing N N 139 
HIS   CA  CB   sing N N 140 
HIS   CA  HA   sing N N 141 
HIS   C   O    doub N N 142 
HIS   C   OXT  sing N N 143 
HIS   CB  CG   sing N N 144 
HIS   CB  HB2  sing N N 145 
HIS   CB  HB3  sing N N 146 
HIS   CG  ND1  sing Y N 147 
HIS   CG  CD2  doub Y N 148 
HIS   ND1 CE1  doub Y N 149 
HIS   ND1 HD1  sing N N 150 
HIS   CD2 NE2  sing Y N 151 
HIS   CD2 HD2  sing N N 152 
HIS   CE1 NE2  sing Y N 153 
HIS   CE1 HE1  sing N N 154 
HIS   NE2 HE2  sing N N 155 
HIS   OXT HXT  sing N N 156 
HOH   O   H1   sing N N 157 
HOH   O   H2   sing N N 158 
ILE   N   CA   sing N N 159 
ILE   N   H    sing N N 160 
ILE   N   H2   sing N N 161 
ILE   CA  C    sing N N 162 
ILE   CA  CB   sing N N 163 
ILE   CA  HA   sing N N 164 
ILE   C   O    doub N N 165 
ILE   C   OXT  sing N N 166 
ILE   CB  CG1  sing N N 167 
ILE   CB  CG2  sing N N 168 
ILE   CB  HB   sing N N 169 
ILE   CG1 CD1  sing N N 170 
ILE   CG1 HG12 sing N N 171 
ILE   CG1 HG13 sing N N 172 
ILE   CG2 HG21 sing N N 173 
ILE   CG2 HG22 sing N N 174 
ILE   CG2 HG23 sing N N 175 
ILE   CD1 HD11 sing N N 176 
ILE   CD1 HD12 sing N N 177 
ILE   CD1 HD13 sing N N 178 
ILE   OXT HXT  sing N N 179 
LEU   N   CA   sing N N 180 
LEU   N   H    sing N N 181 
LEU   N   H2   sing N N 182 
LEU   CA  C    sing N N 183 
LEU   CA  CB   sing N N 184 
LEU   CA  HA   sing N N 185 
LEU   C   O    doub N N 186 
LEU   C   OXT  sing N N 187 
LEU   CB  CG   sing N N 188 
LEU   CB  HB2  sing N N 189 
LEU   CB  HB3  sing N N 190 
LEU   CG  CD1  sing N N 191 
LEU   CG  CD2  sing N N 192 
LEU   CG  HG   sing N N 193 
LEU   CD1 HD11 sing N N 194 
LEU   CD1 HD12 sing N N 195 
LEU   CD1 HD13 sing N N 196 
LEU   CD2 HD21 sing N N 197 
LEU   CD2 HD22 sing N N 198 
LEU   CD2 HD23 sing N N 199 
LEU   OXT HXT  sing N N 200 
LYS   N   CA   sing N N 201 
LYS   N   H    sing N N 202 
LYS   N   H2   sing N N 203 
LYS   CA  C    sing N N 204 
LYS   CA  CB   sing N N 205 
LYS   CA  HA   sing N N 206 
LYS   C   O    doub N N 207 
LYS   C   OXT  sing N N 208 
LYS   CB  CG   sing N N 209 
LYS   CB  HB2  sing N N 210 
LYS   CB  HB3  sing N N 211 
LYS   CG  CD   sing N N 212 
LYS   CG  HG2  sing N N 213 
LYS   CG  HG3  sing N N 214 
LYS   CD  CE   sing N N 215 
LYS   CD  HD2  sing N N 216 
LYS   CD  HD3  sing N N 217 
LYS   CE  NZ   sing N N 218 
LYS   CE  HE2  sing N N 219 
LYS   CE  HE3  sing N N 220 
LYS   NZ  HZ1  sing N N 221 
LYS   NZ  HZ2  sing N N 222 
LYS   NZ  HZ3  sing N N 223 
LYS   OXT HXT  sing N N 224 
MET   N   CA   sing N N 225 
MET   N   H    sing N N 226 
MET   N   H2   sing N N 227 
MET   CA  C    sing N N 228 
MET   CA  CB   sing N N 229 
MET   CA  HA   sing N N 230 
MET   C   O    doub N N 231 
MET   C   OXT  sing N N 232 
MET   CB  CG   sing N N 233 
MET   CB  HB2  sing N N 234 
MET   CB  HB3  sing N N 235 
MET   CG  SD   sing N N 236 
MET   CG  HG2  sing N N 237 
MET   CG  HG3  sing N N 238 
MET   SD  CE   sing N N 239 
MET   CE  HE1  sing N N 240 
MET   CE  HE2  sing N N 241 
MET   CE  HE3  sing N N 242 
MET   OXT HXT  sing N N 243 
PHE   N   CA   sing N N 244 
PHE   N   H    sing N N 245 
PHE   N   H2   sing N N 246 
PHE   CA  C    sing N N 247 
PHE   CA  CB   sing N N 248 
PHE   CA  HA   sing N N 249 
PHE   C   O    doub N N 250 
PHE   C   OXT  sing N N 251 
PHE   CB  CG   sing N N 252 
PHE   CB  HB2  sing N N 253 
PHE   CB  HB3  sing N N 254 
PHE   CG  CD1  doub Y N 255 
PHE   CG  CD2  sing Y N 256 
PHE   CD1 CE1  sing Y N 257 
PHE   CD1 HD1  sing N N 258 
PHE   CD2 CE2  doub Y N 259 
PHE   CD2 HD2  sing N N 260 
PHE   CE1 CZ   doub Y N 261 
PHE   CE1 HE1  sing N N 262 
PHE   CE2 CZ   sing Y N 263 
PHE   CE2 HE2  sing N N 264 
PHE   CZ  HZ   sing N N 265 
PHE   OXT HXT  sing N N 266 
PRO   N   CA   sing N N 267 
PRO   N   CD   sing N N 268 
PRO   N   H    sing N N 269 
PRO   CA  C    sing N N 270 
PRO   CA  CB   sing N N 271 
PRO   CA  HA   sing N N 272 
PRO   C   O    doub N N 273 
PRO   C   OXT  sing N N 274 
PRO   CB  CG   sing N N 275 
PRO   CB  HB2  sing N N 276 
PRO   CB  HB3  sing N N 277 
PRO   CG  CD   sing N N 278 
PRO   CG  HG2  sing N N 279 
PRO   CG  HG3  sing N N 280 
PRO   CD  HD2  sing N N 281 
PRO   CD  HD3  sing N N 282 
PRO   OXT HXT  sing N N 283 
SER   N   CA   sing N N 284 
SER   N   H    sing N N 285 
SER   N   H2   sing N N 286 
SER   CA  C    sing N N 287 
SER   CA  CB   sing N N 288 
SER   CA  HA   sing N N 289 
SER   C   O    doub N N 290 
SER   C   OXT  sing N N 291 
SER   CB  OG   sing N N 292 
SER   CB  HB2  sing N N 293 
SER   CB  HB3  sing N N 294 
SER   OG  HG   sing N N 295 
SER   OXT HXT  sing N N 296 
THR   N   CA   sing N N 297 
THR   N   H    sing N N 298 
THR   N   H2   sing N N 299 
THR   CA  C    sing N N 300 
THR   CA  CB   sing N N 301 
THR   CA  HA   sing N N 302 
THR   C   O    doub N N 303 
THR   C   OXT  sing N N 304 
THR   CB  OG1  sing N N 305 
THR   CB  CG2  sing N N 306 
THR   CB  HB   sing N N 307 
THR   OG1 HG1  sing N N 308 
THR   CG2 HG21 sing N N 309 
THR   CG2 HG22 sing N N 310 
THR   CG2 HG23 sing N N 311 
THR   OXT HXT  sing N N 312 
TYR   N   CA   sing N N 313 
TYR   N   H    sing N N 314 
TYR   N   H2   sing N N 315 
TYR   CA  C    sing N N 316 
TYR   CA  CB   sing N N 317 
TYR   CA  HA   sing N N 318 
TYR   C   O    doub N N 319 
TYR   C   OXT  sing N N 320 
TYR   CB  CG   sing N N 321 
TYR   CB  HB2  sing N N 322 
TYR   CB  HB3  sing N N 323 
TYR   CG  CD1  doub Y N 324 
TYR   CG  CD2  sing Y N 325 
TYR   CD1 CE1  sing Y N 326 
TYR   CD1 HD1  sing N N 327 
TYR   CD2 CE2  doub Y N 328 
TYR   CD2 HD2  sing N N 329 
TYR   CE1 CZ   doub Y N 330 
TYR   CE1 HE1  sing N N 331 
TYR   CE2 CZ   sing Y N 332 
TYR   CE2 HE2  sing N N 333 
TYR   CZ  OH   sing N N 334 
TYR   OH  HH   sing N N 335 
TYR   OXT HXT  sing N N 336 
VAL   N   CA   sing N N 337 
VAL   N   H    sing N N 338 
VAL   N   H2   sing N N 339 
VAL   CA  C    sing N N 340 
VAL   CA  CB   sing N N 341 
VAL   CA  HA   sing N N 342 
VAL   C   O    doub N N 343 
VAL   C   OXT  sing N N 344 
VAL   CB  CG1  sing N N 345 
VAL   CB  CG2  sing N N 346 
VAL   CB  HB   sing N N 347 
VAL   CG1 HG11 sing N N 348 
VAL   CG1 HG12 sing N N 349 
VAL   CG1 HG13 sing N N 350 
VAL   CG2 HG21 sing N N 351 
VAL   CG2 HG22 sing N N 352 
VAL   CG2 HG23 sing N N 353 
VAL   OXT HXT  sing N N 354 
# 
_pdbx_audit_support.ordinal                1 
_pdbx_audit_support.funding_organization   'Helmholtz Association' 
_pdbx_audit_support.country                Germany 
# 
_pdbx_deposit_group.group_id            G_1002337 
_pdbx_deposit_group.group_title         
'PanDDA analysis group deposition of SARS-CoV-2 Nsp1 soaked with fragments from the KIT library' 
_pdbx_deposit_group.group_description   
;SARS-CoV-2 Nsp1 soaked with Fragments from the KIT library. Includes refined models for hit compounds with ligands placed into the PanDDA event-map, which is the primary evidence for ligand placement. The event-, average and Z-maps and the 2Fo-Fc and Fo-Fc maps are included in the mmcif file. 2Fo-Fc and Fo-Fc maps are not useful to consider as evidence for ligand placement.
;
_pdbx_deposit_group.group_type          'changed state' 
# 
_pdbx_initial_refinement_model.id               1 
_pdbx_initial_refinement_model.type             'experimental model' 
_pdbx_initial_refinement_model.accession_code   7EQ4 
_pdbx_initial_refinement_model.source_name      PDB 
# 
_atom_sites.entry_id                    7IB9 
_atom_sites.fract_transf_matrix[1][1]   0.00391278 
_atom_sites.fract_transf_matrix[1][2]   0.01604423 
_atom_sites.fract_transf_matrix[1][3]   0.02171088 
_atom_sites.fract_transf_matrix[2][1]   -0.02624873 
_atom_sites.fract_transf_matrix[2][2]   -0.00286452 
_atom_sites.fract_transf_matrix[2][3]   0.00684747 
_atom_sites.fract_transf_matrix[3][1]   0.00163501 
_atom_sites.fract_transf_matrix[3][2]   -0.00567014 
_atom_sites.fract_transf_matrix[3][3]   0.00389554 
_atom_sites.fract_transf_vector[1]      0.168226 
_atom_sites.fract_transf_vector[2]      -0.434719 
_atom_sites.fract_transf_vector[3]      0.050209 
# 
loop_
_atom_type.symbol 
C 
N 
O 
S 
# 
loop_
_atom_site.group_PDB 
_atom_site.id 
_atom_site.type_symbol 
_atom_site.label_atom_id 
_atom_site.label_alt_id 
_atom_site.label_comp_id 
_atom_site.label_asym_id 
_atom_site.label_entity_id 
_atom_site.label_seq_id 
_atom_site.pdbx_PDB_ins_code 
_atom_site.Cartn_x 
_atom_site.Cartn_y 
_atom_site.Cartn_z 
_atom_site.occupancy 
_atom_site.B_iso_or_equiv 
_atom_site.pdbx_formal_charge 
_atom_site.auth_seq_id 
_atom_site.auth_comp_id 
_atom_site.auth_asym_id 
_atom_site.auth_atom_id 
_atom_site.pdbx_PDB_model_num 
ATOM   1    N N   . LYS   A 1 2   ? -9.149  12.929  7.778   1.00 46.18  ? 11  LYS   A N   1 
ATOM   2    C CA  . LYS   A 1 2   ? -9.779  12.431  6.497   1.00 40.51  ? 11  LYS   A CA  1 
ATOM   3    C C   . LYS   A 1 2   ? -9.706  10.904  6.421   1.00 34.04  ? 11  LYS   A C   1 
ATOM   4    O O   . LYS   A 1 2   ? -8.666  10.333  6.734   1.00 32.32  ? 11  LYS   A O   1 
ATOM   5    C CB  . LYS   A 1 2   ? -9.041  12.953  5.262   1.00 48.27  ? 11  LYS   A CB  1 
ATOM   6    C CG  . LYS   A 1 2   ? -9.327  14.390  4.861   1.00 56.13  ? 11  LYS   A CG  1 
ATOM   7    C CD  . LYS   A 1 2   ? -8.535  14.822  3.637   1.00 63.60  ? 11  LYS   A CD  1 
ATOM   8    C CE  . LYS   A 1 2   ? -8.310  16.319  3.596   1.00 70.55  ? 11  LYS   A CE  1 
ATOM   9    N NZ  . LYS   A 1 2   ? -9.577  17.054  3.825   1.00 76.92  ? 11  LYS   A NZ  1 
ATOM   10   N N   A THR   A 1 3   ? -10.782 10.283  5.929   0.24 29.65  ? 12  THR   A N   1 
ATOM   11   N N   B THR   A 1 3   ? -10.782 10.283  5.929   0.24 29.65  ? 12  THR   A N   1 
ATOM   12   N N   C THR   A 1 3   ? -10.799 10.255  6.015   0.26 31.23  ? 12  THR   A N   1 
ATOM   13   N N   D THR   A 1 3   ? -10.799 10.255  6.015   0.26 31.24  ? 12  THR   A N   1 
ATOM   14   C CA  A THR   A 1 3   ? -10.930 8.813   5.748   0.24 28.72  ? 12  THR   A CA  1 
ATOM   15   C CA  B THR   A 1 3   ? -10.930 8.813   5.748   0.24 28.72  ? 12  THR   A CA  1 
ATOM   16   C CA  C THR   A 1 3   ? -10.885 8.774   5.881   0.26 31.00  ? 12  THR   A CA  1 
ATOM   17   C CA  D THR   A 1 3   ? -10.885 8.774   5.881   0.26 31.00  ? 12  THR   A CA  1 
ATOM   18   C C   A THR   A 1 3   ? -10.040 8.312   4.604   0.24 27.21  ? 12  THR   A C   1 
ATOM   19   C C   B THR   A 1 3   ? -10.040 8.312   4.604   0.24 27.21  ? 12  THR   A C   1 
ATOM   20   C C   C THR   A 1 3   ? -9.898  8.293   4.809   0.26 30.12  ? 12  THR   A C   1 
ATOM   21   C C   D THR   A 1 3   ? -9.898  8.293   4.810   0.26 30.12  ? 12  THR   A C   1 
ATOM   22   O O   A THR   A 1 3   ? -9.776  7.093   4.566   0.24 26.47  ? 12  THR   A O   1 
ATOM   23   O O   B THR   A 1 3   ? -9.776  7.093   4.566   0.24 26.47  ? 12  THR   A O   1 
ATOM   24   O O   C THR   A 1 3   ? -9.331  7.198   4.986   0.26 29.80  ? 12  THR   A O   1 
ATOM   25   O O   D THR   A 1 3   ? -9.331  7.197   4.987   0.26 29.80  ? 12  THR   A O   1 
ATOM   26   C CB  A THR   A 1 3   ? -12.371 8.408   5.415   0.24 28.93  ? 12  THR   A CB  1 
ATOM   27   C CB  B THR   A 1 3   ? -12.371 8.408   5.415   0.24 28.93  ? 12  THR   A CB  1 
ATOM   28   C CB  C THR   A 1 3   ? -12.307 8.300   5.550   0.26 31.55  ? 12  THR   A CB  1 
ATOM   29   C CB  D THR   A 1 3   ? -12.307 8.300   5.550   0.26 31.55  ? 12  THR   A CB  1 
ATOM   30   O OG1 A THR   A 1 3   ? -12.691 8.933   4.124   0.24 26.91  ? 12  THR   A OG1 1 
ATOM   31   O OG1 B THR   A 1 3   ? -12.691 8.934   4.124   0.24 26.91  ? 12  THR   A OG1 1 
ATOM   32   O OG1 C THR   A 1 3   ? -12.721 8.908   4.325   0.26 29.76  ? 12  THR   A OG1 1 
ATOM   33   O OG1 D THR   A 1 3   ? -12.721 8.908   4.325   0.26 29.76  ? 12  THR   A OG1 1 
ATOM   34   C CG2 A THR   A 1 3   ? -13.372 8.876   6.448   0.24 30.22  ? 12  THR   A CG2 1 
ATOM   35   C CG2 B THR   A 1 3   ? -13.372 8.876   6.448   0.24 30.21  ? 12  THR   A CG2 1 
ATOM   36   C CG2 C THR   A 1 3   ? -13.298 8.607   6.651   0.26 32.77  ? 12  THR   A CG2 1 
ATOM   37   C CG2 D THR   A 1 3   ? -13.298 8.607   6.651   0.26 32.77  ? 12  THR   A CG2 1 
ATOM   38   N N   A HIS   A 1 4   ? -9.651  9.193   3.675   0.24 26.14  ? 13  HIS   A N   1 
ATOM   39   N N   B HIS   A 1 4   ? -9.651  9.193   3.675   0.24 26.14  ? 13  HIS   A N   1 
ATOM   40   N N   C HIS   A 1 4   ? -9.694  9.075   3.744   0.26 29.46  ? 13  HIS   A N   1 
ATOM   41   N N   D HIS   A 1 4   ? -9.694  9.075   3.744   0.26 29.46  ? 13  HIS   A N   1 
ATOM   42   C CA  A HIS   A 1 4   ? -8.820  8.835   2.493   0.24 26.23  ? 13  HIS   A CA  1 
ATOM   43   C CA  B HIS   A 1 4   ? -8.820  8.835   2.493   0.24 26.23  ? 13  HIS   A CA  1 
ATOM   44   C CA  C HIS   A 1 4   ? -8.793  8.710   2.619   0.26 29.73  ? 13  HIS   A CA  1 
ATOM   45   C CA  D HIS   A 1 4   ? -8.793  8.710   2.619   0.26 29.73  ? 13  HIS   A CA  1 
ATOM   46   C C   A HIS   A 1 4   ? -7.715  9.868   2.284   0.24 27.68  ? 13  HIS   A C   1 
ATOM   47   C C   B HIS   A 1 4   ? -7.715  9.868   2.284   0.24 27.67  ? 13  HIS   A C   1 
ATOM   48   C C   C HIS   A 1 4   ? -7.672  9.739   2.476   0.26 30.61  ? 13  HIS   A C   1 
ATOM   49   C C   D HIS   A 1 4   ? -7.672  9.739   2.476   0.26 30.60  ? 13  HIS   A C   1 
ATOM   50   O O   A HIS   A 1 4   ? -7.987  11.073  2.433   0.24 25.21  ? 13  HIS   A O   1 
ATOM   51   O O   B HIS   A 1 4   ? -7.988  11.073  2.433   0.24 25.22  ? 13  HIS   A O   1 
ATOM   52   O O   C HIS   A 1 4   ? -7.835  10.874  2.954   0.26 28.57  ? 13  HIS   A O   1 
ATOM   53   O O   D HIS   A 1 4   ? -7.835  10.874  2.954   0.26 28.57  ? 13  HIS   A O   1 
ATOM   54   C CB  A HIS   A 1 4   ? -9.655  8.722   1.217   0.24 26.65  ? 13  HIS   A CB  1 
ATOM   55   C CB  B HIS   A 1 4   ? -9.655  8.722   1.217   0.24 26.65  ? 13  HIS   A CB  1 
ATOM   56   C CB  C HIS   A 1 4   ? -9.565  8.550   1.309   0.26 30.60  ? 13  HIS   A CB  1 
ATOM   57   C CB  D HIS   A 1 4   ? -9.565  8.550   1.309   0.26 30.60  ? 13  HIS   A CB  1 
ATOM   58   C CG  A HIS   A 1 4   ? -10.452 7.468   1.101   0.24 26.22  ? 13  HIS   A CG  1 
ATOM   59   C CG  B HIS   A 1 4   ? -10.452 7.468   1.101   0.24 26.22  ? 13  HIS   A CG  1 
ATOM   60   C CG  C HIS   A 1 4   ? -10.481 7.376   1.290   0.26 31.43  ? 13  HIS   A CG  1 
ATOM   61   C CG  D HIS   A 1 4   ? -10.482 7.376   1.290   0.26 31.43  ? 13  HIS   A CG  1 
ATOM   62   N ND1 A HIS   A 1 4   ? -11.707 7.351   1.667   0.24 26.01  ? 13  HIS   A ND1 1 
ATOM   63   N ND1 B HIS   A 1 4   ? -11.707 7.351   1.667   0.24 26.01  ? 13  HIS   A ND1 1 
ATOM   64   N ND1 C HIS   A 1 4   ? -11.554 7.271   2.153   0.26 30.87  ? 13  HIS   A ND1 1 
ATOM   65   N ND1 D HIS   A 1 4   ? -11.554 7.271   2.153   0.26 30.87  ? 13  HIS   A ND1 1 
ATOM   66   C CD2 A HIS   A 1 4   ? -10.208 6.299   0.469   0.24 26.16  ? 13  HIS   A CD2 1 
ATOM   67   C CD2 B HIS   A 1 4   ? -10.208 6.299   0.469   0.24 26.16  ? 13  HIS   A CD2 1 
ATOM   68   C CD2 C HIS   A 1 4   ? -10.506 6.272   0.511   0.26 32.41  ? 13  HIS   A CD2 1 
ATOM   69   C CD2 D HIS   A 1 4   ? -10.506 6.272   0.511   0.26 32.40  ? 13  HIS   A CD2 1 
ATOM   70   C CE1 A HIS   A 1 4   ? -12.202 6.160   1.389   0.24 25.49  ? 13  HIS   A CE1 1 
ATOM   71   C CE1 B HIS   A 1 4   ? -12.202 6.160   1.389   0.24 25.49  ? 13  HIS   A CE1 1 
ATOM   72   C CE1 C HIS   A 1 4   ? -12.197 6.145   1.908   0.26 32.10  ? 13  HIS   A CE1 1 
ATOM   73   C CE1 D HIS   A 1 4   ? -12.198 6.145   1.908   0.26 32.10  ? 13  HIS   A CE1 1 
ATOM   74   N NE2 A HIS   A 1 4   ? -11.303 5.489   0.663   0.24 24.77  ? 13  HIS   A NE2 1 
ATOM   75   N NE2 B HIS   A 1 4   ? -11.303 5.489   0.663   0.24 24.77  ? 13  HIS   A NE2 1 
ATOM   76   N NE2 C HIS   A 1 4   ? -11.579 5.517   0.900   0.26 30.60  ? 13  HIS   A NE2 1 
ATOM   77   N NE2 D HIS   A 1 4   ? -11.579 5.517   0.900   0.26 30.60  ? 13  HIS   A NE2 1 
ATOM   78   N N   A VAL   A 1 5   ? -6.535  9.394   1.879   0.24 28.09  ? 14  VAL   A N   1 
ATOM   79   N N   B VAL   A 1 5   ? -6.535  9.394   1.879   0.24 28.09  ? 14  VAL   A N   1 
ATOM   80   N N   C VAL   A 1 5   ? -6.583  9.337   1.818   0.26 30.22  ? 14  VAL   A N   1 
ATOM   81   N N   D VAL   A 1 5   ? -6.583  9.337   1.818   0.26 30.22  ? 14  VAL   A N   1 
ATOM   82   C CA  A VAL   A 1 5   ? -5.341  10.246  1.615   0.24 28.92  ? 14  VAL   A CA  1 
ATOM   83   C CA  B VAL   A 1 5   ? -5.341  10.246  1.615   0.24 28.92  ? 14  VAL   A CA  1 
ATOM   84   C CA  C VAL   A 1 5   ? -5.385  10.192  1.581   0.26 30.43  ? 14  VAL   A CA  1 
ATOM   85   C CA  D VAL   A 1 5   ? -5.385  10.192  1.581   0.26 30.43  ? 14  VAL   A CA  1 
ATOM   86   C C   A VAL   A 1 5   ? -4.813  9.928   0.212   0.24 28.82  ? 14  VAL   A C   1 
ATOM   87   C C   B VAL   A 1 5   ? -4.813  9.928   0.212   0.24 28.82  ? 14  VAL   A C   1 
ATOM   88   C C   C VAL   A 1 5   ? -4.852  9.914   0.174   0.26 29.63  ? 14  VAL   A C   1 
ATOM   89   C C   D VAL   A 1 5   ? -4.851  9.914   0.174   0.26 29.63  ? 14  VAL   A C   1 
ATOM   90   O O   A VAL   A 1 5   ? -4.715  8.736   -0.133  0.24 26.78  ? 14  VAL   A O   1 
ATOM   91   O O   B VAL   A 1 5   ? -4.715  8.735   -0.132  0.24 26.78  ? 14  VAL   A O   1 
ATOM   92   O O   C VAL   A 1 5   ? -4.763  8.732   -0.204  0.26 27.56  ? 14  VAL   A O   1 
ATOM   93   O O   D VAL   A 1 5   ? -4.763  8.732   -0.204  0.26 27.57  ? 14  VAL   A O   1 
ATOM   94   C CB  A VAL   A 1 5   ? -4.279  10.056  2.715   0.24 30.65  ? 14  VAL   A CB  1 
ATOM   95   C CB  B VAL   A 1 5   ? -4.279  10.056  2.715   0.24 30.64  ? 14  VAL   A CB  1 
ATOM   96   C CB  C VAL   A 1 5   ? -4.319  9.953   2.664   0.26 32.11  ? 14  VAL   A CB  1 
ATOM   97   C CB  D VAL   A 1 5   ? -4.319  9.953   2.665   0.26 32.11  ? 14  VAL   A CB  1 
ATOM   98   C CG1 A VAL   A 1 5   ? -3.784  8.620   2.800   0.24 30.51  ? 14  VAL   A CG1 1 
ATOM   99   C CG1 B VAL   A 1 5   ? -3.784  8.620   2.800   0.24 30.51  ? 14  VAL   A CG1 1 
ATOM   100  C CG1 C VAL   A 1 5   ? -3.807  8.520   2.661   0.26 32.02  ? 14  VAL   A CG1 1 
ATOM   101  C CG1 D VAL   A 1 5   ? -3.807  8.520   2.661   0.26 32.02  ? 14  VAL   A CG1 1 
ATOM   102  C CG2 A VAL   A 1 5   ? -3.118  11.030  2.542   0.24 31.81  ? 14  VAL   A CG2 1 
ATOM   103  C CG2 B VAL   A 1 5   ? -3.118  11.030  2.542   0.24 31.81  ? 14  VAL   A CG2 1 
ATOM   104  C CG2 C VAL   A 1 5   ? -3.171  10.947  2.543   0.26 33.85  ? 14  VAL   A CG2 1 
ATOM   105  C CG2 D VAL   A 1 5   ? -3.171  10.947  2.543   0.26 33.84  ? 14  VAL   A CG2 1 
ATOM   106  N N   . GLN   A 1 6   ? -4.524  10.973  -0.569  1.00 29.55  ? 15  GLN   A N   1 
ATOM   107  C CA  . GLN   A 1 6   ? -3.917  10.849  -1.913  1.00 31.59  ? 15  GLN   A CA  1 
ATOM   108  C C   . GLN   A 1 6   ? -2.423  10.612  -1.714  1.00 30.14  ? 15  GLN   A C   1 
ATOM   109  O O   . GLN   A 1 6   ? -1.770  11.424  -1.046  1.00 28.83  ? 15  GLN   A O   1 
ATOM   110  C CB  . GLN   A 1 6   ? -4.151  12.132  -2.699  1.00 36.13  ? 15  GLN   A CB  1 
ATOM   111  C CG  . GLN   A 1 6   ? -5.538  12.195  -3.295  1.00 37.30  ? 15  GLN   A CG  1 
ATOM   112  C CD  . GLN   A 1 6   ? -5.754  13.486  -4.047  1.00 46.70  ? 15  GLN   A CD  1 
ATOM   113  O OE1 . GLN   A 1 6   ? -4.842  14.304  -4.175  1.00 49.52  ? 15  GLN   A OE1 1 
ATOM   114  N NE2 . GLN   A 1 6   ? -6.955  13.663  -4.563  1.00 50.09  ? 15  GLN   A NE2 1 
ATOM   115  N N   A LEU   A 1 7   ? -1.905  9.508   -2.257  0.24 29.50  ? 16  LEU   A N   1 
ATOM   116  N N   B LEU   A 1 7   ? -1.908  9.509   -2.261  0.24 29.54  ? 16  LEU   A N   1 
ATOM   117  N N   C LEU   A 1 7   ? -1.906  9.508   -2.257  0.26 29.49  ? 16  LEU   A N   1 
ATOM   118  N N   D LEU   A 1 7   ? -1.908  9.509   -2.261  0.26 29.53  ? 16  LEU   A N   1 
ATOM   119  C CA  A LEU   A 1 7   ? -0.463  9.155   -2.157  0.24 29.43  ? 16  LEU   A CA  1 
ATOM   120  C CA  B LEU   A 1 7   ? -0.467  9.152   -2.160  0.24 29.55  ? 16  LEU   A CA  1 
ATOM   121  C CA  C LEU   A 1 7   ? -0.463  9.155   -2.158  0.26 29.42  ? 16  LEU   A CA  1 
ATOM   122  C CA  D LEU   A 1 7   ? -0.467  9.152   -2.160  0.26 29.54  ? 16  LEU   A CA  1 
ATOM   123  C C   A LEU   A 1 7   ? 0.082   8.804   -3.542  0.24 29.03  ? 16  LEU   A C   1 
ATOM   124  C C   B LEU   A 1 7   ? 0.082   8.797   -3.540  0.24 29.32  ? 16  LEU   A C   1 
ATOM   125  C C   C LEU   A 1 7   ? 0.082   8.804   -3.542  0.26 29.02  ? 16  LEU   A C   1 
ATOM   126  C C   D LEU   A 1 7   ? 0.082   8.798   -3.540  0.26 29.31  ? 16  LEU   A C   1 
ATOM   127  O O   A LEU   A 1 7   ? -0.664  8.230   -4.354  0.24 28.39  ? 16  LEU   A O   1 
ATOM   128  O O   B LEU   A 1 7   ? -0.658  8.227   -4.361  0.24 28.51  ? 16  LEU   A O   1 
ATOM   129  O O   C LEU   A 1 7   ? -0.664  8.229   -4.355  0.26 28.39  ? 16  LEU   A O   1 
ATOM   130  O O   D LEU   A 1 7   ? -0.659  8.227   -4.360  0.26 28.50  ? 16  LEU   A O   1 
ATOM   131  C CB  A LEU   A 1 7   ? -0.289  7.978   -1.191  0.24 29.58  ? 16  LEU   A CB  1 
ATOM   132  C CB  B LEU   A 1 7   ? -0.293  7.977   -1.193  0.24 29.63  ? 16  LEU   A CB  1 
ATOM   133  C CB  C LEU   A 1 7   ? -0.288  7.978   -1.191  0.26 29.56  ? 16  LEU   A CB  1 
ATOM   134  C CB  D LEU   A 1 7   ? -0.292  7.976   -1.194  0.26 29.61  ? 16  LEU   A CB  1 
ATOM   135  C CG  A LEU   A 1 7   ? -0.792  8.195   0.236   0.24 30.97  ? 16  LEU   A CG  1 
ATOM   136  C CG  B LEU   A 1 7   ? -0.793  8.196   0.234   0.24 30.99  ? 16  LEU   A CG  1 
ATOM   137  C CG  C LEU   A 1 7   ? -0.791  8.194   0.235   0.26 30.99  ? 16  LEU   A CG  1 
ATOM   138  C CG  D LEU   A 1 7   ? -0.792  8.195   0.233   0.26 31.01  ? 16  LEU   A CG  1 
ATOM   139  C CD1 A LEU   A 1 7   ? -0.788  6.885   1.001   0.24 30.97  ? 16  LEU   A CD1 1 
ATOM   140  C CD1 B LEU   A 1 7   ? -0.789  6.886   0.998   0.24 30.98  ? 16  LEU   A CD1 1 
ATOM   141  C CD1 C LEU   A 1 7   ? -0.788  6.884   0.999   0.26 30.98  ? 16  LEU   A CD1 1 
ATOM   142  C CD1 D LEU   A 1 7   ? -0.789  6.884   0.996   0.26 30.99  ? 16  LEU   A CD1 1 
ATOM   143  C CD2 A LEU   A 1 7   ? 0.041   9.241   0.968   0.24 31.13  ? 16  LEU   A CD2 1 
ATOM   144  C CD2 B LEU   A 1 7   ? 0.041   9.242   0.964   0.24 31.14  ? 16  LEU   A CD2 1 
ATOM   145  C CD2 C LEU   A 1 7   ? 0.041   9.240   0.969   0.26 31.14  ? 16  LEU   A CD2 1 
ATOM   146  C CD2 D LEU   A 1 7   ? 0.042   9.241   0.964   0.26 31.15  ? 16  LEU   A CD2 1 
ATOM   147  N N   A SER   A 1 8   ? 1.348   9.154   -3.792  0.24 29.02  ? 17  SER   A N   1 
ATOM   148  N N   B SER   A 1 8   ? 1.359   9.127   -3.759  0.24 30.14  ? 17  SER   A N   1 
ATOM   149  N N   C SER   A 1 8   ? 1.348   9.154   -3.792  0.26 29.03  ? 17  SER   A N   1 
ATOM   150  N N   D SER   A 1 8   ? 1.359   9.127   -3.759  0.26 30.15  ? 17  SER   A N   1 
ATOM   151  C CA  A SER   A 1 8   ? 2.146   8.701   -4.958  0.24 28.68  ? 17  SER   A CA  1 
ATOM   152  C CA  B SER   A 1 8   ? 2.166   8.721   -4.934  0.24 30.44  ? 17  SER   A CA  1 
ATOM   153  C CA  C SER   A 1 8   ? 2.146   8.701   -4.958  0.26 28.69  ? 17  SER   A CA  1 
ATOM   154  C CA  D SER   A 1 8   ? 2.165   8.722   -4.934  0.26 30.46  ? 17  SER   A CA  1 
ATOM   155  C C   A SER   A 1 8   ? 3.216   7.734   -4.442  0.24 27.07  ? 17  SER   A C   1 
ATOM   156  C C   B SER   A 1 8   ? 3.234   7.735   -4.449  0.24 28.05  ? 17  SER   A C   1 
ATOM   157  C C   C SER   A 1 8   ? 3.217   7.734   -4.442  0.26 27.06  ? 17  SER   A C   1 
ATOM   158  C C   D SER   A 1 8   ? 3.234   7.735   -4.449  0.26 28.06  ? 17  SER   A C   1 
ATOM   159  O O   A SER   A 1 8   ? 4.150   8.198   -3.747  0.24 25.04  ? 17  SER   A O   1 
ATOM   160  O O   B SER   A 1 8   ? 4.191   8.186   -3.779  0.24 26.28  ? 17  SER   A O   1 
ATOM   161  O O   C SER   A 1 8   ? 4.151   8.199   -3.748  0.26 25.00  ? 17  SER   A O   1 
ATOM   162  O O   D SER   A 1 8   ? 4.192   8.186   -3.780  0.26 26.26  ? 17  SER   A O   1 
ATOM   163  C CB  A SER   A 1 8   ? 2.742   9.872   -5.710  0.24 31.10  ? 17  SER   A CB  1 
ATOM   164  C CB  B SER   A 1 8   ? 2.767   9.931   -5.612  0.24 34.03  ? 17  SER   A CB  1 
ATOM   165  C CB  C SER   A 1 8   ? 2.741   9.872   -5.709  0.26 31.17  ? 17  SER   A CB  1 
ATOM   166  C CB  D SER   A 1 8   ? 2.767   9.931   -5.612  0.26 34.13  ? 17  SER   A CB  1 
ATOM   167  O OG  A SER   A 1 8   ? 1.762   10.472  -6.543  0.24 31.25  ? 17  SER   A OG  1 
ATOM   168  O OG  B SER   A 1 8   ? 3.365   9.565   -6.844  0.24 37.03  ? 17  SER   A OG  1 
ATOM   169  O OG  C SER   A 1 8   ? 1.762   10.472  -6.543  0.26 31.30  ? 17  SER   A OG  1 
ATOM   170  O OG  D SER   A 1 8   ? 3.364   9.565   -6.843  0.26 37.18  ? 17  SER   A OG  1 
ATOM   171  N N   . LEU   A 1 9   ? 3.042   6.440   -4.719  1.00 25.16  ? 18  LEU   A N   1 
ATOM   172  C CA  . LEU   A 1 9   ? 3.904   5.374   -4.157  1.00 26.99  ? 18  LEU   A CA  1 
ATOM   173  C C   . LEU   A 1 9   ? 4.981   5.017   -5.170  1.00 23.56  ? 18  LEU   A C   1 
ATOM   174  O O   . LEU   A 1 9   ? 4.651   4.767   -6.343  1.00 22.43  ? 18  LEU   A O   1 
ATOM   175  C CB  . LEU   A 1 9   ? 3.068   4.131   -3.845  1.00 23.91  ? 18  LEU   A CB  1 
ATOM   176  C CG  . LEU   A 1 9   ? 1.956   4.315   -2.806  1.00 24.81  ? 18  LEU   A CG  1 
ATOM   177  C CD1 . LEU   A 1 9   ? 1.327   2.991   -2.501  1.00 26.32  ? 18  LEU   A CD1 1 
ATOM   178  C CD2 . LEU   A 1 9   ? 2.468   4.985   -1.547  1.00 27.84  ? 18  LEU   A CD2 1 
ATOM   179  N N   . PRO   A 1 10  ? 6.261   4.995   -4.761  1.00 23.20  ? 19  PRO   A N   1 
ATOM   180  C CA  . PRO   A 1 10  ? 7.305   4.509   -5.652  1.00 21.12  ? 19  PRO   A CA  1 
ATOM   181  C C   . PRO   A 1 10  ? 7.137   3.005   -5.920  1.00 22.49  ? 19  PRO   A C   1 
ATOM   182  O O   . PRO   A 1 10  ? 6.981   2.213   -4.976  1.00 20.51  ? 19  PRO   A O   1 
ATOM   183  C CB  . PRO   A 1 10  ? 8.609   4.770   -4.897  1.00 25.47  ? 19  PRO   A CB  1 
ATOM   184  C CG  . PRO   A 1 10  ? 8.217   4.916   -3.435  1.00 27.95  ? 19  PRO   A CG  1 
ATOM   185  C CD  . PRO   A 1 10  ? 6.773   5.391   -3.443  1.00 23.60  ? 19  PRO   A CD  1 
ATOM   186  N N   . VAL   A 1 11  ? 7.172   2.632   -7.202  1.00 20.49  ? 20  VAL   A N   1 
ATOM   187  C CA  . VAL   A 1 11  ? 7.053   1.229   -7.667  1.00 20.48  ? 20  VAL   A CA  1 
ATOM   188  C C   . VAL   A 1 11  ? 8.479   0.659   -7.763  1.00 20.75  ? 20  VAL   A C   1 
ATOM   189  O O   . VAL   A 1 11  ? 9.262   1.219   -8.488  1.00 22.21  ? 20  VAL   A O   1 
ATOM   190  C CB  . VAL   A 1 11  ? 6.309   1.112   -8.996  1.00 21.31  ? 20  VAL   A CB  1 
ATOM   191  C CG1 . VAL   A 1 11  ? 6.250   -0.341  -9.442  1.00 21.51  ? 20  VAL   A CG1 1 
ATOM   192  C CG2 . VAL   A 1 11  ? 4.918   1.752   -8.928  1.00 23.61  ? 20  VAL   A CG2 1 
ATOM   193  N N   . LEU   A 1 12  ? 8.789   -0.367  -6.982  1.00 22.30  ? 21  LEU   A N   1 
ATOM   194  C CA  . LEU   A 1 12  ? 10.149  -0.952  -6.894  1.00 22.70  ? 21  LEU   A CA  1 
ATOM   195  C C   . LEU   A 1 12  ? 10.197  -2.311  -7.576  1.00 22.49  ? 21  LEU   A C   1 
ATOM   196  O O   . LEU   A 1 12  ? 9.250   -3.062  -7.514  1.00 24.42  ? 21  LEU   A O   1 
ATOM   197  C CB  . LEU   A 1 12  ? 10.489  -1.124  -5.410  1.00 20.40  ? 21  LEU   A CB  1 
ATOM   198  C CG  . LEU   A 1 12  ? 10.325  0.148   -4.564  1.00 20.04  ? 21  LEU   A CG  1 
ATOM   199  C CD1 . LEU   A 1 12  ? 10.708  -0.114  -3.125  1.00 21.84  ? 21  LEU   A CD1 1 
ATOM   200  C CD2 . LEU   A 1 12  ? 11.176  1.299   -5.080  1.00 23.50  ? 21  LEU   A CD2 1 
ATOM   201  N N   A GLN   A 1 13  ? 11.325  -2.642  -8.205  0.21 23.51  ? 22  GLN   A N   1 
ATOM   202  N N   B GLN   A 1 13  ? 11.346  -2.633  -8.174  0.28 24.55  ? 22  GLN   A N   1 
ATOM   203  N N   C GLN   A 1 13  ? 11.325  -2.642  -8.205  0.21 23.51  ? 22  GLN   A N   1 
ATOM   204  N N   D GLN   A 1 13  ? 11.346  -2.633  -8.174  0.28 24.55  ? 22  GLN   A N   1 
ATOM   205  C CA  A GLN   A 1 13  ? 11.562  -4.016  -8.723  0.21 23.65  ? 22  GLN   A CA  1 
ATOM   206  C CA  B GLN   A 1 13  ? 11.647  -3.997  -8.678  0.28 25.62  ? 22  GLN   A CA  1 
ATOM   207  C CA  C GLN   A 1 13  ? 11.562  -4.016  -8.723  0.21 23.65  ? 22  GLN   A CA  1 
ATOM   208  C CA  D GLN   A 1 13  ? 11.647  -3.997  -8.678  0.28 25.62  ? 22  GLN   A CA  1 
ATOM   209  C C   A GLN   A 1 13  ? 11.915  -4.890  -7.515  0.21 22.22  ? 22  GLN   A C   1 
ATOM   210  C C   B GLN   A 1 13  ? 11.904  -4.886  -7.462  0.28 22.82  ? 22  GLN   A C   1 
ATOM   211  C C   C GLN   A 1 13  ? 11.915  -4.890  -7.515  0.21 22.22  ? 22  GLN   A C   1 
ATOM   212  C C   D GLN   A 1 13  ? 11.904  -4.886  -7.462  0.28 22.82  ? 22  GLN   A C   1 
ATOM   213  O O   A GLN   A 1 13  ? 12.732  -4.448  -6.671  0.21 21.34  ? 22  GLN   A O   1 
ATOM   214  O O   B GLN   A 1 13  ? 12.687  -4.468  -6.573  0.28 21.13  ? 22  GLN   A O   1 
ATOM   215  O O   C GLN   A 1 13  ? 12.732  -4.448  -6.671  0.21 21.34  ? 22  GLN   A O   1 
ATOM   216  O O   D GLN   A 1 13  ? 12.687  -4.468  -6.573  0.28 21.13  ? 22  GLN   A O   1 
ATOM   217  C CB  A GLN   A 1 13  ? 12.639  -4.008  -9.808  0.21 24.76  ? 22  GLN   A CB  1 
ATOM   218  C CB  B GLN   A 1 13  ? 12.889  -4.004  -9.569  0.28 28.51  ? 22  GLN   A CB  1 
ATOM   219  C CB  C GLN   A 1 13  ? 12.639  -4.008  -9.808  0.21 24.76  ? 22  GLN   A CB  1 
ATOM   220  C CB  D GLN   A 1 13  ? 12.889  -4.004  -9.569  0.28 28.51  ? 22  GLN   A CB  1 
ATOM   221  C CG  A GLN   A 1 13  ? 12.119  -3.606  -11.183 0.21 26.49  ? 22  GLN   A CG  1 
ATOM   222  C CG  B GLN   A 1 13  ? 12.888  -2.953  -10.663 0.28 32.25  ? 22  GLN   A CG  1 
ATOM   223  C CG  C GLN   A 1 13  ? 12.119  -3.606  -11.183 0.21 26.49  ? 22  GLN   A CG  1 
ATOM   224  C CG  D GLN   A 1 13  ? 12.888  -2.953  -10.663 0.28 32.25  ? 22  GLN   A CG  1 
ATOM   225  C CD  A GLN   A 1 13  ? 11.133  -4.587  -11.769 0.21 28.32  ? 22  GLN   A CD  1 
ATOM   226  C CD  B GLN   A 1 13  ? 13.858  -3.346  -11.748 0.28 37.99  ? 22  GLN   A CD  1 
ATOM   227  C CD  C GLN   A 1 13  ? 11.133  -4.587  -11.769 0.21 28.32  ? 22  GLN   A CD  1 
ATOM   228  C CD  D GLN   A 1 13  ? 13.858  -3.346  -11.748 0.28 37.99  ? 22  GLN   A CD  1 
ATOM   229  O OE1 A GLN   A 1 13  ? 11.306  -5.799  -11.685 0.21 29.25  ? 22  GLN   A OE1 1 
ATOM   230  O OE1 B GLN   A 1 13  ? 15.040  -3.586  -11.499 0.28 42.15  ? 22  GLN   A OE1 1 
ATOM   231  O OE1 C GLN   A 1 13  ? 11.306  -5.799  -11.685 0.21 29.25  ? 22  GLN   A OE1 1 
ATOM   232  O OE1 D GLN   A 1 13  ? 15.040  -3.586  -11.499 0.28 42.15  ? 22  GLN   A OE1 1 
ATOM   233  N NE2 A GLN   A 1 13  ? 10.092  -4.066  -12.395 0.21 30.63  ? 22  GLN   A NE2 1 
ATOM   234  N NE2 B GLN   A 1 13  ? 13.353  -3.441  -12.967 0.28 42.60  ? 22  GLN   A NE2 1 
ATOM   235  N NE2 C GLN   A 1 13  ? 10.092  -4.066  -12.395 0.21 30.63  ? 22  GLN   A NE2 1 
ATOM   236  N NE2 D GLN   A 1 13  ? 13.353  -3.441  -12.967 0.28 42.60  ? 22  GLN   A NE2 1 
ATOM   237  N N   . VAL   A 1 14  ? 11.308  -6.073  -7.423  1.00 22.90  ? 23  VAL   A N   1 
ATOM   238  C CA  . VAL   A 1 14  ? 11.463  -6.983  -6.262  1.00 21.82  ? 23  VAL   A CA  1 
ATOM   239  C C   . VAL   A 1 14  ? 12.943  -7.246  -5.941  1.00 23.62  ? 23  VAL   A C   1 
ATOM   240  O O   . VAL   A 1 14  ? 13.274  -7.178  -4.780  1.00 22.96  ? 23  VAL   A O   1 
ATOM   241  C CB  . VAL   A 1 14  ? 10.641  -8.273  -6.444  1.00 24.68  ? 23  VAL   A CB  1 
ATOM   242  C CG1 . VAL   A 1 14  ? 11.151  -9.123  -7.581  1.00 25.68  ? 23  VAL   A CG1 1 
ATOM   243  C CG2 . VAL   A 1 14  ? 10.575  -9.051  -5.160  1.00 26.84  ? 23  VAL   A CG2 1 
ATOM   244  N N   . ARG   A 1 15  ? 13.836  -7.352  -6.929  1.00 22.14  ? 24  ARG   A N   1 
ATOM   245  C CA  . ARG   A 1 15  ? 15.251  -7.660  -6.618  1.00 21.87  ? 24  ARG   A CA  1 
ATOM   246  C C   . ARG   A 1 15  ? 16.012  -6.475  -6.015  1.00 23.52  ? 24  ARG   A C   1 
ATOM   247  O O   . ARG   A 1 15  ? 17.106  -6.716  -5.488  1.00 25.19  ? 24  ARG   A O   1 
ATOM   248  C CB  . ARG   A 1 15  ? 15.952  -8.189  -7.871  1.00 24.90  ? 24  ARG   A CB  1 
ATOM   249  C CG  . ARG   A 1 15  ? 15.491  -9.594  -8.213  1.00 30.13  ? 24  ARG   A CG  1 
ATOM   250  C CD  . ARG   A 1 15  ? 16.134  -10.129 -9.477  1.00 32.28  ? 24  ARG   A CD  1 
ATOM   251  N NE  . ARG   A 1 15  ? 15.553  -11.420 -9.838  1.00 37.32  ? 24  ARG   A NE  1 
ATOM   252  C CZ  . ARG   A 1 15  ? 15.825  -12.577 -9.245  1.00 41.26  ? 24  ARG   A CZ  1 
ATOM   253  N NH1 . ARG   A 1 15  ? 16.707  -12.636 -8.250  1.00 47.28  ? 24  ARG   A NH1 1 
ATOM   254  N NH2 . ARG   A 1 15  ? 15.220  -13.679 -9.655  1.00 38.22  ? 24  ARG   A NH2 1 
ATOM   255  N N   . ASP   A 1 16  ? 15.465  -5.258  -6.070  1.00 22.24  ? 25  ASP   A N   1 
ATOM   256  C CA  . ASP   A 1 16  ? 16.093  -4.065  -5.448  1.00 21.46  ? 25  ASP   A CA  1 
ATOM   257  C C   . ASP   A 1 16  ? 15.695  -3.943  -3.989  1.00 22.27  ? 25  ASP   A C   1 
ATOM   258  O O   . ASP   A 1 16  ? 16.391  -3.208  -3.235  1.00 23.75  ? 25  ASP   A O   1 
ATOM   259  C CB  . ASP   A 1 16  ? 15.732  -2.808  -6.203  1.00 21.18  ? 25  ASP   A CB  1 
ATOM   260  C CG  . ASP   A 1 16  ? 16.418  -2.627  -7.535  1.00 26.10  ? 25  ASP   A CG  1 
ATOM   261  O OD1 . ASP   A 1 16  ? 17.485  -3.221  -7.729  1.00 26.16  ? 25  ASP   A OD1 1 
ATOM   262  O OD2 . ASP   A 1 16  ? 15.856  -1.904  -8.341  1.00 32.81  ? 25  ASP   A OD2 1 
ATOM   263  N N   . VAL   A 1 17  ? 14.568  -4.531  -3.592  1.00 23.27  ? 26  VAL   A N   1 
ATOM   264  C CA  . VAL   A 1 17  ? 14.011  -4.281  -2.242  1.00 23.60  ? 26  VAL   A CA  1 
ATOM   265  C C   . VAL   A 1 17  ? 14.968  -4.789  -1.159  1.00 21.20  ? 26  VAL   A C   1 
ATOM   266  O O   . VAL   A 1 17  ? 15.319  -5.988  -1.150  1.00 22.71  ? 26  VAL   A O   1 
ATOM   267  C CB  . VAL   A 1 17  ? 12.604  -4.912  -2.108  1.00 21.79  ? 26  VAL   A CB  1 
ATOM   268  C CG1 . VAL   A 1 17  ? 12.039  -4.813  -0.699  1.00 22.58  ? 26  VAL   A CG1 1 
ATOM   269  C CG2 . VAL   A 1 17  ? 11.659  -4.293  -3.124  1.00 22.86  ? 26  VAL   A CG2 1 
ATOM   270  N N   . LEU   A 1 18  ? 15.344  -3.924  -0.220  1.00 22.01  ? 27  LEU   A N   1 
ATOM   271  C CA  . LEU   A 1 18  ? 16.320  -4.280  0.837   1.00 22.18  ? 27  LEU   A CA  1 
ATOM   272  C C   . LEU   A 1 18  ? 15.582  -4.818  2.049   1.00 20.92  ? 27  LEU   A C   1 
ATOM   273  O O   . LEU   A 1 18  ? 16.109  -5.676  2.733   1.00 24.37  ? 27  LEU   A O   1 
ATOM   274  C CB  . LEU   A 1 18  ? 17.114  -3.040  1.221   1.00 24.57  ? 27  LEU   A CB  1 
ATOM   275  C CG  . LEU   A 1 18  ? 17.978  -2.454  0.111   1.00 28.91  ? 27  LEU   A CG  1 
ATOM   276  C CD1 . LEU   A 1 18  ? 18.749  -1.253  0.619   1.00 28.21  ? 27  LEU   A CD1 1 
ATOM   277  C CD2 . LEU   A 1 18  ? 18.927  -3.490  -0.474  1.00 30.45  ? 27  LEU   A CD2 1 
ATOM   278  N N   . VAL   A 1 19  ? 14.372  -4.335  2.317   1.00 22.29  ? 28  VAL   A N   1 
ATOM   279  C CA  . VAL   A 1 19  ? 13.609  -4.785  3.495   1.00 22.29  ? 28  VAL   A CA  1 
ATOM   280  C C   . VAL   A 1 19  ? 12.302  -5.357  2.964   1.00 22.03  ? 28  VAL   A C   1 
ATOM   281  O O   . VAL   A 1 19  ? 11.444  -4.592  2.490   1.00 23.04  ? 28  VAL   A O   1 
ATOM   282  C CB  . VAL   A 1 19  ? 13.377  -3.667  4.514   1.00 22.16  ? 28  VAL   A CB  1 
ATOM   283  C CG1 . VAL   A 1 19  ? 12.685  -4.175  5.756   1.00 23.21  ? 28  VAL   A CG1 1 
ATOM   284  C CG2 . VAL   A 1 19  ? 14.659  -2.945  4.859   1.00 23.71  ? 28  VAL   A CG2 1 
ATOM   285  N N   . ARG   A 1 20  ? 12.172  -6.666  3.044   1.00 23.93  ? 29  ARG   A N   1 
ATOM   286  C CA  . ARG   A 1 20  ? 11.260  -7.405  2.138   1.00 23.57  ? 29  ARG   A CA  1 
ATOM   287  C C   . ARG   A 1 20  ? 9.900   -7.649  2.812   1.00 24.47  ? 29  ARG   A C   1 
ATOM   288  O O   . ARG   A 1 20  ? 9.141   -8.398  2.234   1.00 22.42  ? 29  ARG   A O   1 
ATOM   289  C CB  . ARG   A 1 20  ? 11.940  -8.691  1.712   1.00 26.63  ? 29  ARG   A CB  1 
ATOM   290  C CG  . ARG   A 1 20  ? 13.011  -8.391  0.677   1.00 31.24  ? 29  ARG   A CG  1 
ATOM   291  C CD  . ARG   A 1 20  ? 13.801  -9.565  0.201   1.00 40.04  ? 29  ARG   A CD  1 
ATOM   292  N NE  . ARG   A 1 20  ? 14.623  -8.897  -0.787  1.00 48.66  ? 29  ARG   A NE  1 
ATOM   293  C CZ  . ARG   A 1 20  ? 14.447  -8.924  -2.103  1.00 42.32  ? 29  ARG   A CZ  1 
ATOM   294  N NH1 . ARG   A 1 20  ? 13.535  -9.705  -2.653  1.00 47.88  ? 29  ARG   A NH1 1 
ATOM   295  N NH2 . ARG   A 1 20  ? 15.291  -8.248  -2.859  1.00 38.32  ? 29  ARG   A NH2 1 
ATOM   296  N N   . GLY   A 1 21  ? 9.654   -7.059  3.979   1.00 21.42  ? 30  GLY   A N   1 
ATOM   297  C CA  . GLY   A 1 21  ? 8.325   -7.019  4.592   1.00 20.41  ? 30  GLY   A CA  1 
ATOM   298  C C   . GLY   A 1 21  ? 8.314   -6.103  5.771   1.00 22.44  ? 30  GLY   A C   1 
ATOM   299  O O   . GLY   A 1 21  ? 9.332   -5.503  6.085   1.00 21.57  ? 30  GLY   A O   1 
ATOM   300  N N   . PHE   A 1 22  ? 7.191   -6.069  6.454   1.00 21.34  ? 31  PHE   A N   1 
ATOM   301  C CA  . PHE   A 1 22  ? 6.911   -5.129  7.549   1.00 21.93  ? 31  PHE   A CA  1 
ATOM   302  C C   . PHE   A 1 22  ? 6.974   -5.793  8.928   1.00 27.50  ? 31  PHE   A C   1 
ATOM   303  O O   . PHE   A 1 22  ? 6.911   -5.076  9.901   1.00 29.43  ? 31  PHE   A O   1 
ATOM   304  C CB  . PHE   A 1 22  ? 5.535   -4.499  7.329   1.00 23.18  ? 31  PHE   A CB  1 
ATOM   305  C CG  . PHE   A 1 22  ? 5.503   -3.446  6.263   1.00 21.39  ? 31  PHE   A CG  1 
ATOM   306  C CD1 . PHE   A 1 22  ? 6.181   -2.245  6.430   1.00 21.28  ? 31  PHE   A CD1 1 
ATOM   307  C CD2 . PHE   A 1 22  ? 4.767   -3.623  5.109   1.00 22.93  ? 31  PHE   A CD2 1 
ATOM   308  C CE1 . PHE   A 1 22  ? 6.109   -1.250  5.468   1.00 21.03  ? 31  PHE   A CE1 1 
ATOM   309  C CE2 . PHE   A 1 22  ? 4.711   -2.621  4.142   1.00 22.63  ? 31  PHE   A CE2 1 
ATOM   310  C CZ  . PHE   A 1 22  ? 5.386   -1.443  4.314   1.00 22.07  ? 31  PHE   A CZ  1 
ATOM   311  N N   . GLY   A 1 23  ? 7.145   -7.106  9.021   1.00 26.54  ? 32  GLY   A N   1 
ATOM   312  C CA  . GLY   A 1 23  ? 7.219   -7.758  10.337  1.00 26.58  ? 32  GLY   A CA  1 
ATOM   313  C C   . GLY   A 1 23  ? 6.570   -9.126  10.313  1.00 24.21  ? 32  GLY   A C   1 
ATOM   314  O O   . GLY   A 1 23  ? 6.523   -9.764  9.264   1.00 24.59  ? 32  GLY   A O   1 
ATOM   315  N N   . ASP   A 1 24  ? 6.120   -9.568  11.469  1.00 26.82  ? 33  ASP   A N   1 
ATOM   316  C CA  . ASP   A 1 24  ? 6.072   -11.019 11.777  1.00 27.47  ? 33  ASP   A CA  1 
ATOM   317  C C   . ASP   A 1 24  ? 4.647   -11.486 12.057  1.00 28.51  ? 33  ASP   A C   1 
ATOM   318  O O   . ASP   A 1 24  ? 4.528   -12.666 12.352  1.00 33.56  ? 33  ASP   A O   1 
ATOM   319  C CB  . ASP   A 1 24  ? 6.968   -11.328 12.975  1.00 29.88  ? 33  ASP   A CB  1 
ATOM   320  C CG  . ASP   A 1 24  ? 8.434   -10.966 12.754  1.00 35.73  ? 33  ASP   A CG  1 
ATOM   321  O OD1 . ASP   A 1 24  ? 8.826   -10.810 11.595  1.00 34.39  ? 33  ASP   A OD1 1 
ATOM   322  O OD2 . ASP   A 1 24  ? 9.154   -10.853 13.755  1.00 41.29  ? 33  ASP   A OD2 1 
ATOM   323  N N   . SER   A 1 25  ? 3.650   -10.604 12.068  1.00 27.42  ? 34  SER   A N   1 
ATOM   324  C CA  . SER   A 1 25  ? 2.234   -10.953 12.349  1.00 28.84  ? 34  SER   A CA  1 
ATOM   325  C C   . SER   A 1 25  ? 1.326   -10.101 11.475  1.00 29.97  ? 34  SER   A C   1 
ATOM   326  O O   . SER   A 1 25  ? 1.766   -9.096  10.937  1.00 25.40  ? 34  SER   A O   1 
ATOM   327  C CB  . SER   A 1 25  ? 1.875   -10.794 13.792  1.00 28.37  ? 34  SER   A CB  1 
ATOM   328  O OG  . SER   A 1 25  ? 1.799   -9.433  14.164  1.00 28.15  ? 34  SER   A OG  1 
ATOM   329  N N   . VAL   A 1 26  ? 0.107   -10.572 11.238  1.00 30.10  ? 35  VAL   A N   1 
ATOM   330  C CA  . VAL   A 1 26  ? -0.861  -9.840  10.386  1.00 27.60  ? 35  VAL   A CA  1 
ATOM   331  C C   . VAL   A 1 26  ? -1.067  -8.455  10.998  1.00 26.41  ? 35  VAL   A C   1 
ATOM   332  O O   . VAL   A 1 26  ? -1.075  -7.442  10.244  1.00 25.31  ? 35  VAL   A O   1 
ATOM   333  C CB  . VAL   A 1 26  ? -2.184  -10.625 10.306  1.00 30.00  ? 35  VAL   A CB  1 
ATOM   334  C CG1 . VAL   A 1 26  ? -3.313  -9.745  9.810   1.00 33.41  ? 35  VAL   A CG1 1 
ATOM   335  C CG2 . VAL   A 1 26  ? -1.999  -11.858 9.428   1.00 28.69  ? 35  VAL   A CG2 1 
ATOM   336  N N   . GLU   A 1 27  ? -1.230  -8.381  12.321  1.00 26.15  ? 36  GLU   A N   1 
ATOM   337  C CA  . GLU   A 1 27  ? -1.525  -7.074  12.957  1.00 29.35  ? 36  GLU   A CA  1 
ATOM   338  C C   . GLU   A 1 27  ? -0.311  -6.143  12.845  1.00 27.19  ? 36  GLU   A C   1 
ATOM   339  O O   . GLU   A 1 27  ? -0.526  -4.930  12.707  1.00 27.15  ? 36  GLU   A O   1 
ATOM   340  C CB  . GLU   A 1 27  ? -1.909  -7.248  14.427  1.00 33.75  ? 36  GLU   A CB  1 
ATOM   341  C CG  . GLU   A 1 27  ? -3.282  -7.888  14.592  1.00 40.05  ? 36  GLU   A CG  1 
ATOM   342  C CD  . GLU   A 1 27  ? -3.347  -8.630  15.910  1.00 44.73  ? 36  GLU   A CD  1 
ATOM   343  O OE1 . GLU   A 1 27  ? -2.798  -9.723  15.962  1.00 54.75  ? 36  GLU   A OE1 1 
ATOM   344  O OE2 . GLU   A 1 27  ? -3.841  -8.064  16.884  1.00 48.64  ? 36  GLU   A OE2 1 
ATOM   345  N N   . GLU   A 1 28  ? 0.895   -6.685  13.021  1.00 25.25  ? 37  GLU   A N   1 
ATOM   346  C CA  . GLU   A 1 28  ? 2.141   -5.874  12.942  1.00 24.55  ? 37  GLU   A CA  1 
ATOM   347  C C   . GLU   A 1 28  ? 2.286   -5.338  11.518  1.00 20.45  ? 37  GLU   A C   1 
ATOM   348  O O   . GLU   A 1 28  ? 2.602   -4.162  11.375  1.00 21.58  ? 37  GLU   A O   1 
ATOM   349  C CB  . GLU   A 1 28  ? 3.375   -6.628  13.388  1.00 23.75  ? 37  GLU   A CB  1 
ATOM   350  C CG  . GLU   A 1 28  ? 4.602   -5.738  13.318  1.00 23.71  ? 37  GLU   A CG  1 
ATOM   351  C CD  . GLU   A 1 28  ? 5.886   -6.370  13.776  1.00 27.36  ? 37  GLU   A CD  1 
ATOM   352  O OE1 . GLU   A 1 28  ? 6.014   -7.610  13.682  1.00 25.23  ? 37  GLU   A OE1 1 
ATOM   353  O OE2 . GLU   A 1 28  ? 6.770   -5.568  14.201  1.00 26.70  ? 37  GLU   A OE2 1 
ATOM   354  N N   . VAL   A 1 29  ? 2.107   -6.162  10.505  1.00 21.70  ? 38  VAL   A N   1 
ATOM   355  C CA  . VAL   A 1 29  ? 2.450   -5.720  9.128   1.00 24.22  ? 38  VAL   A CA  1 
ATOM   356  C C   . VAL   A 1 29  ? 1.443   -4.665  8.679   1.00 24.36  ? 38  VAL   A C   1 
ATOM   357  O O   . VAL   A 1 29  ? 1.863   -3.736  8.022   1.00 22.09  ? 38  VAL   A O   1 
ATOM   358  C CB  . VAL   A 1 29  ? 2.589   -6.859  8.098   1.00 23.58  ? 38  VAL   A CB  1 
ATOM   359  C CG1 . VAL   A 1 29  ? 3.694   -7.832  8.492   1.00 23.81  ? 38  VAL   A CG1 1 
ATOM   360  C CG2 . VAL   A 1 29  ? 1.293   -7.622  7.834   1.00 23.82  ? 38  VAL   A CG2 1 
ATOM   361  N N   . LEU   A 1 30  ? 0.152   -4.783  9.041   1.00 24.54  ? 39  LEU   A N   1 
ATOM   362  C CA  . LEU   A 1 30  ? -0.853  -3.757  8.700   1.00 22.45  ? 39  LEU   A CA  1 
ATOM   363  C C   . LEU   A 1 30  ? -0.533  -2.439  9.423   1.00 22.57  ? 39  LEU   A C   1 
ATOM   364  O O   . LEU   A 1 30  ? -0.716  -1.370  8.843   1.00 22.30  ? 39  LEU   A O   1 
ATOM   365  C CB  . LEU   A 1 30  ? -2.240  -4.276  9.086   1.00 26.95  ? 39  LEU   A CB  1 
ATOM   366  C CG  . LEU   A 1 30  ? -2.836  -5.323  8.145   1.00 27.76  ? 39  LEU   A CG  1 
ATOM   367  C CD1 . LEU   A 1 30  ? -4.081  -5.949  8.774   1.00 27.05  ? 39  LEU   A CD1 1 
ATOM   368  C CD2 . LEU   A 1 30  ? -3.159  -4.738  6.780   1.00 29.20  ? 39  LEU   A CD2 1 
ATOM   369  N N   A SER   A 1 31  ? -0.087  -2.534  10.677  0.36 22.69  ? 40  SER   A N   1 
ATOM   370  N N   B SER   A 1 31  ? -0.064  -2.511  10.671  0.14 23.61  ? 40  SER   A N   1 
ATOM   371  N N   C SER   A 1 31  ? -0.087  -2.534  10.677  0.36 22.69  ? 40  SER   A N   1 
ATOM   372  N N   D SER   A 1 31  ? -0.064  -2.511  10.671  0.14 23.61  ? 40  SER   A N   1 
ATOM   373  C CA  A SER   A 1 31  ? 0.327   -1.390  11.528  0.36 22.03  ? 40  SER   A CA  1 
ATOM   374  C CA  B SER   A 1 31  ? 0.286   -1.327  11.498  0.14 24.02  ? 40  SER   A CA  1 
ATOM   375  C CA  C SER   A 1 31  ? 0.327   -1.390  11.528  0.36 22.03  ? 40  SER   A CA  1 
ATOM   376  C CA  D SER   A 1 31  ? 0.286   -1.327  11.498  0.14 24.02  ? 40  SER   A CA  1 
ATOM   377  C C   A SER   A 1 31  ? 1.504   -0.655  10.884  0.36 21.33  ? 40  SER   A C   1 
ATOM   378  C C   B SER   A 1 31  ? 1.531   -0.631  10.937  0.14 23.08  ? 40  SER   A C   1 
ATOM   379  C C   C SER   A 1 31  ? 1.504   -0.655  10.884  0.36 21.33  ? 40  SER   A C   1 
ATOM   380  C C   D SER   A 1 31  ? 1.531   -0.631  10.937  0.14 23.08  ? 40  SER   A C   1 
ATOM   381  O O   A SER   A 1 31  ? 1.410   0.570   10.660  0.36 23.22  ? 40  SER   A O   1 
ATOM   382  O O   B SER   A 1 31  ? 1.516   0.616   10.834  0.14 23.97  ? 40  SER   A O   1 
ATOM   383  O O   C SER   A 1 31  ? 1.410   0.570   10.660  0.36 23.22  ? 40  SER   A O   1 
ATOM   384  O O   D SER   A 1 31  ? 1.516   0.616   10.834  0.14 23.97  ? 40  SER   A O   1 
ATOM   385  C CB  A SER   A 1 31  ? 0.701   -1.846  12.904  0.36 21.94  ? 40  SER   A CB  1 
ATOM   386  C CB  B SER   A 1 31  ? 0.478   -1.705  12.934  0.14 25.04  ? 40  SER   A CB  1 
ATOM   387  C CB  C SER   A 1 31  ? 0.701   -1.846  12.904  0.36 21.94  ? 40  SER   A CB  1 
ATOM   388  C CB  D SER   A 1 31  ? 0.478   -1.705  12.934  0.14 25.04  ? 40  SER   A CB  1 
ATOM   389  O OG  A SER   A 1 31  ? 0.936   -0.728  13.732  0.36 21.24  ? 40  SER   A OG  1 
ATOM   390  O OG  B SER   A 1 31  ? -0.778  -1.786  13.588  0.14 26.77  ? 40  SER   A OG  1 
ATOM   391  O OG  C SER   A 1 31  ? 0.936   -0.728  13.732  0.36 21.24  ? 40  SER   A OG  1 
ATOM   392  O OG  D SER   A 1 31  ? -0.778  -1.786  13.588  0.14 26.77  ? 40  SER   A OG  1 
ATOM   393  N N   . GLU   A 1 32  ? 2.566   -1.405  10.603  1.00 22.68  ? 41  GLU   A N   1 
ATOM   394  C CA  . GLU   A 1 32  ? 3.823   -0.846  10.061  1.00 22.64  ? 41  GLU   A CA  1 
ATOM   395  C C   . GLU   A 1 32  ? 3.546   -0.255  8.677   1.00 22.74  ? 41  GLU   A C   1 
ATOM   396  O O   . GLU   A 1 32  ? 4.076   0.806   8.402   1.00 22.08  ? 41  GLU   A O   1 
ATOM   397  C CB  . GLU   A 1 32  ? 4.905   -1.927  10.086  1.00 23.66  ? 41  GLU   A CB  1 
ATOM   398  C CG  . GLU   A 1 32  ? 5.422   -2.189  11.476  1.00 25.46  ? 41  GLU   A CG  1 
ATOM   399  C CD  . GLU   A 1 32  ? 6.197   -1.024  12.031  1.00 32.00  ? 41  GLU   A CD  1 
ATOM   400  O OE1 . GLU   A 1 32  ? 6.793   -0.308  11.232  1.00 35.97  ? 41  GLU   A OE1 1 
ATOM   401  O OE2 . GLU   A 1 32  ? 6.141   -0.810  13.222  1.00 35.58  ? 41  GLU   A OE2 1 
ATOM   402  N N   . ALA   A 1 33  ? 2.798   -0.965  7.834   1.00 21.62  ? 42  ALA   A N   1 
ATOM   403  C CA  . ALA   A 1 33  ? 2.438   -0.485  6.489   1.00 21.60  ? 42  ALA   A CA  1 
ATOM   404  C C   . ALA   A 1 33  ? 1.770   0.894   6.619   1.00 21.60  ? 42  ALA   A C   1 
ATOM   405  O O   . ALA   A 1 33  ? 2.200   1.867   5.959   1.00 21.56  ? 42  ALA   A O   1 
ATOM   406  C CB  . ALA   A 1 33  ? 1.613   -1.532  5.772   1.00 21.71  ? 42  ALA   A CB  1 
ATOM   407  N N   . ARG   A 1 34  ? 0.805   1.033   7.530   1.00 23.23  ? 43  ARG   A N   1 
ATOM   408  C CA  . ARG   A 1 34  ? 0.094   2.320   7.728   1.00 25.28  ? 43  ARG   A CA  1 
ATOM   409  C C   . ARG   A 1 34  ? 1.080   3.380   8.212   1.00 22.47  ? 43  ARG   A C   1 
ATOM   410  O O   . ARG   A 1 34  ? 1.046   4.502   7.689   1.00 23.21  ? 43  ARG   A O   1 
ATOM   411  C CB  . ARG   A 1 34  ? -1.076  2.176   8.710   1.00 25.66  ? 43  ARG   A CB  1 
ATOM   412  C CG  . ARG   A 1 34  ? -2.192  1.301   8.180   1.00 26.20  ? 43  ARG   A CG  1 
ATOM   413  C CD  . ARG   A 1 34  ? -3.417  1.292   9.105   1.00 32.16  ? 43  ARG   A CD  1 
ATOM   414  N NE  . ARG   A 1 34  ? -4.551  0.766   8.363   1.00 31.36  ? 43  ARG   A NE  1 
ATOM   415  C CZ  . ARG   A 1 34  ? -5.025  -0.475  8.427   1.00 34.87  ? 43  ARG   A CZ  1 
ATOM   416  N NH1 . ARG   A 1 34  ? -4.497  -1.372  9.241   1.00 31.32  ? 43  ARG   A NH1 1 
ATOM   417  N NH2 . ARG   A 1 34  ? -6.045  -0.821  7.664   1.00 37.49  ? 43  ARG   A NH2 1 
ATOM   418  N N   . GLN   A 1 35  ? 1.976   3.049   9.136   1.00 24.32  ? 44  GLN   A N   1 
ATOM   419  C CA  . GLN   A 1 35  ? 2.969   4.037   9.620   1.00 26.88  ? 44  GLN   A CA  1 
ATOM   420  C C   . GLN   A 1 35  ? 3.914   4.475   8.480   1.00 24.37  ? 44  GLN   A C   1 
ATOM   421  O O   . GLN   A 1 35  ? 4.220   5.695   8.331   1.00 27.49  ? 44  GLN   A O   1 
ATOM   422  C CB  . GLN   A 1 35  ? 3.753   3.481   10.799  1.00 29.95  ? 44  GLN   A CB  1 
ATOM   423  C CG  . GLN   A 1 35  ? 4.564   4.536   11.531  1.00 37.41  ? 44  GLN   A CG  1 
ATOM   424  C CD  . GLN   A 1 35  ? 3.657   5.445   12.339  1.00 49.84  ? 44  GLN   A CD  1 
ATOM   425  O OE1 . GLN   A 1 35  ? 2.770   4.976   13.068  1.00 52.26  ? 44  GLN   A OE1 1 
ATOM   426  N NE2 . GLN   A 1 35  ? 3.835   6.752   12.172  1.00 52.37  ? 44  GLN   A NE2 1 
ATOM   427  N N   . HIS   A 1 36  ? 4.399   3.539   7.682   1.00 24.42  ? 45  HIS   A N   1 
ATOM   428  C CA  . HIS   A 1 36  ? 5.287   3.856   6.537   1.00 24.06  ? 45  HIS   A CA  1 
ATOM   429  C C   . HIS   A 1 36  ? 4.553   4.712   5.491   1.00 23.91  ? 45  HIS   A C   1 
ATOM   430  O O   . HIS   A 1 36  ? 5.162   5.646   4.907   1.00 24.40  ? 45  HIS   A O   1 
ATOM   431  C CB  . HIS   A 1 36  ? 5.880   2.567   5.931   1.00 22.89  ? 45  HIS   A CB  1 
ATOM   432  C CG  . HIS   A 1 36  ? 7.046   2.072   6.724   1.00 27.17  ? 45  HIS   A CG  1 
ATOM   433  N ND1 . HIS   A 1 36  ? 6.895   1.290   7.874   1.00 28.82  ? 45  HIS   A ND1 1 
ATOM   434  C CD2 . HIS   A 1 36  ? 8.380   2.191   6.530   1.00 26.67  ? 45  HIS   A CD2 1 
ATOM   435  C CE1 . HIS   A 1 36  ? 8.097   1.016   8.370   1.00 30.08  ? 45  HIS   A CE1 1 
ATOM   436  N NE2 . HIS   A 1 36  ? 9.017   1.527   7.556   1.00 32.03  ? 45  HIS   A NE2 1 
ATOM   437  N N   A LEU   A 1 37  ? 3.277   4.407   5.226   0.24 22.92  ? 46  LEU   A N   1 
ATOM   438  N N   B LEU   A 1 37  ? 3.277   4.407   5.226   0.24 22.92  ? 46  LEU   A N   1 
ATOM   439  N N   C LEU   A 1 37  ? 3.282   4.407   5.221   0.26 23.29  ? 46  LEU   A N   1 
ATOM   440  N N   D LEU   A 1 37  ? 3.282   4.407   5.221   0.26 23.30  ? 46  LEU   A N   1 
ATOM   441  C CA  A LEU   A 1 37  ? 2.458   5.173   4.248   0.24 24.03  ? 46  LEU   A CA  1 
ATOM   442  C CA  B LEU   A 1 37  ? 2.458   5.173   4.248   0.24 24.03  ? 46  LEU   A CA  1 
ATOM   443  C CA  C LEU   A 1 37  ? 2.464   5.220   4.285   0.26 24.70  ? 46  LEU   A CA  1 
ATOM   444  C CA  D LEU   A 1 37  ? 2.464   5.220   4.285   0.26 24.70  ? 46  LEU   A CA  1 
ATOM   445  C C   A LEU   A 1 37  ? 2.304   6.616   4.746   0.24 25.51  ? 46  LEU   A C   1 
ATOM   446  C C   B LEU   A 1 37  ? 2.304   6.616   4.746   0.24 25.51  ? 46  LEU   A C   1 
ATOM   447  C C   C LEU   A 1 37  ? 2.386   6.652   4.820   0.26 25.67  ? 46  LEU   A C   1 
ATOM   448  C C   D LEU   A 1 37  ? 2.386   6.652   4.820   0.26 25.67  ? 46  LEU   A C   1 
ATOM   449  O O   A LEU   A 1 37  ? 2.455   7.537   3.922   0.24 25.40  ? 46  LEU   A O   1 
ATOM   450  O O   B LEU   A 1 37  ? 2.455   7.537   3.922   0.24 25.40  ? 46  LEU   A O   1 
ATOM   451  O O   C LEU   A 1 37  ? 2.663   7.583   4.047   0.26 25.69  ? 46  LEU   A O   1 
ATOM   452  O O   D LEU   A 1 37  ? 2.662   7.583   4.047   0.26 25.69  ? 46  LEU   A O   1 
ATOM   453  C CB  A LEU   A 1 37  ? 1.106   4.490   4.040   0.24 23.09  ? 46  LEU   A CB  1 
ATOM   454  C CB  B LEU   A 1 37  ? 1.106   4.490   4.040   0.24 23.09  ? 46  LEU   A CB  1 
ATOM   455  C CB  C LEU   A 1 37  ? 1.079   4.600   4.137   0.26 24.30  ? 46  LEU   A CB  1 
ATOM   456  C CB  D LEU   A 1 37  ? 1.078   4.599   4.137   0.26 24.31  ? 46  LEU   A CB  1 
ATOM   457  C CG  A LEU   A 1 37  ? 1.135   3.239   3.164   0.24 23.40  ? 46  LEU   A CG  1 
ATOM   458  C CG  B LEU   A 1 37  ? 1.135   3.239   3.164   0.24 23.40  ? 46  LEU   A CG  1 
ATOM   459  C CG  C LEU   A 1 37  ? 1.030   3.322   3.305   0.26 24.94  ? 46  LEU   A CG  1 
ATOM   460  C CG  D LEU   A 1 37  ? 1.030   3.322   3.305   0.26 24.94  ? 46  LEU   A CG  1 
ATOM   461  C CD1 A LEU   A 1 37  ? -0.075  2.351   3.419   0.24 23.34  ? 46  LEU   A CD1 1 
ATOM   462  C CD1 B LEU   A 1 37  ? -0.075  2.351   3.419   0.24 23.34  ? 46  LEU   A CD1 1 
ATOM   463  C CD1 C LEU   A 1 37  ? -0.129  2.436   3.730   0.26 25.73  ? 46  LEU   A CD1 1 
ATOM   464  C CD1 D LEU   A 1 37  ? -0.129  2.436   3.730   0.26 25.73  ? 46  LEU   A CD1 1 
ATOM   465  C CD2 A LEU   A 1 37  ? 1.219   3.596   1.683   0.24 23.70  ? 46  LEU   A CD2 1 
ATOM   466  C CD2 B LEU   A 1 37  ? 1.219   3.596   1.683   0.24 23.70  ? 46  LEU   A CD2 1 
ATOM   467  C CD2 C LEU   A 1 37  ? 0.943   3.637   1.815   0.26 25.55  ? 46  LEU   A CD2 1 
ATOM   468  C CD2 D LEU   A 1 37  ? 0.943   3.637   1.815   0.26 25.54  ? 46  LEU   A CD2 1 
ATOM   469  N N   A LYS   A 1 38  ? 2.053   6.799   6.044   0.24 28.72  ? 47  LYS   A N   1 
ATOM   470  N N   B LYS   A 1 38  ? 2.053   6.799   6.044   0.24 28.72  ? 47  LYS   A N   1 
ATOM   471  N N   C LYS   A 1 38  ? 2.059   6.800   6.104   0.26 28.50  ? 47  LYS   A N   1 
ATOM   472  N N   D LYS   A 1 38  ? 2.059   6.800   6.104   0.26 28.50  ? 47  LYS   A N   1 
ATOM   473  C CA  A LYS   A 1 38  ? 1.920   8.136   6.686   0.24 30.82  ? 47  LYS   A CA  1 
ATOM   474  C CA  B LYS   A 1 38  ? 1.920   8.136   6.686   0.24 30.82  ? 47  LYS   A CA  1 
ATOM   475  C CA  C LYS   A 1 38  ? 1.925   8.107   6.799   0.26 30.09  ? 47  LYS   A CA  1 
ATOM   476  C CA  D LYS   A 1 38  ? 1.925   8.107   6.799   0.26 30.09  ? 47  LYS   A CA  1 
ATOM   477  C C   A LYS   A 1 38  ? 3.260   8.882   6.599   0.24 31.20  ? 47  LYS   A C   1 
ATOM   478  C C   B LYS   A 1 38  ? 3.260   8.882   6.600   0.24 31.20  ? 47  LYS   A C   1 
ATOM   479  C C   C LYS   A 1 38  ? 3.246   8.884   6.705   0.26 30.76  ? 47  LYS   A C   1 
ATOM   480  C C   D LYS   A 1 38  ? 3.246   8.884   6.705   0.26 30.76  ? 47  LYS   A C   1 
ATOM   481  O O   A LYS   A 1 38  ? 3.224   10.093  6.287   0.24 30.07  ? 47  LYS   A O   1 
ATOM   482  O O   B LYS   A 1 38  ? 3.224   10.093  6.287   0.24 30.07  ? 47  LYS   A O   1 
ATOM   483  O O   C LYS   A 1 38  ? 3.182   10.116  6.496   0.26 29.87  ? 47  LYS   A O   1 
ATOM   484  O O   D LYS   A 1 38  ? 3.182   10.116  6.496   0.26 29.86  ? 47  LYS   A O   1 
ATOM   485  C CB  A LYS   A 1 38  ? 1.414   7.979   8.126   0.24 34.01  ? 47  LYS   A CB  1 
ATOM   486  C CB  B LYS   A 1 38  ? 1.414   7.979   8.126   0.24 34.01  ? 47  LYS   A CB  1 
ATOM   487  C CB  C LYS   A 1 38  ? 1.467   7.855   8.243   0.26 32.09  ? 47  LYS   A CB  1 
ATOM   488  C CB  D LYS   A 1 38  ? 1.467   7.855   8.243   0.26 32.09  ? 47  LYS   A CB  1 
ATOM   489  C CG  A LYS   A 1 38  ? 1.317   9.265   8.942   0.24 38.40  ? 47  LYS   A CG  1 
ATOM   490  C CG  B LYS   A 1 38  ? 1.317   9.265   8.942   0.24 38.39  ? 47  LYS   A CG  1 
ATOM   491  C CG  C LYS   A 1 38  ? 1.161   9.091   9.078   0.26 35.60  ? 47  LYS   A CG  1 
ATOM   492  C CG  D LYS   A 1 38  ? 1.161   9.091   9.078   0.26 35.59  ? 47  LYS   A CG  1 
ATOM   493  C CD  A LYS   A 1 38  ? 1.716   9.080   10.398  0.24 42.16  ? 47  LYS   A CD  1 
ATOM   494  C CD  B LYS   A 1 38  ? 1.716   9.080   10.398  0.24 42.14  ? 47  LYS   A CD  1 
ATOM   495  C CD  C LYS   A 1 38  ? 0.575   8.742   10.436  0.26 36.23  ? 47  LYS   A CD  1 
ATOM   496  C CD  D LYS   A 1 38  ? 0.575   8.742   10.436  0.26 36.23  ? 47  LYS   A CD  1 
ATOM   497  C CE  A LYS   A 1 38  ? 2.066   10.371  11.114  0.24 44.21  ? 47  LYS   A CE  1 
ATOM   498  C CE  B LYS   A 1 38  ? 2.065   10.371  11.114  0.24 44.19  ? 47  LYS   A CE  1 
ATOM   499  C CE  C LYS   A 1 38  ? 0.366   9.951   11.321  0.26 39.80  ? 47  LYS   A CE  1 
ATOM   500  C CE  D LYS   A 1 38  ? 0.366   9.951   11.321  0.26 39.79  ? 47  LYS   A CE  1 
ATOM   501  N NZ  A LYS   A 1 38  ? 1.092   10.695  12.185  0.24 44.91  ? 47  LYS   A NZ  1 
ATOM   502  N NZ  B LYS   A 1 38  ? 1.092   10.695  12.185  0.24 44.90  ? 47  LYS   A NZ  1 
ATOM   503  N NZ  C LYS   A 1 38  ? -0.052  9.556   12.692  0.26 42.45  ? 47  LYS   A NZ  1 
ATOM   504  N NZ  D LYS   A 1 38  ? -0.052  9.556   12.692  0.26 42.43  ? 47  LYS   A NZ  1 
ATOM   505  N N   . ASP   A 1 39  ? 4.392   8.197   6.833   1.00 29.65  ? 48  ASP   A N   1 
ATOM   506  C CA  . ASP   A 1 39  ? 5.750   8.831   6.829   1.00 28.61  ? 48  ASP   A CA  1 
ATOM   507  C C   . ASP   A 1 39  ? 6.369   8.976   5.421   1.00 27.81  ? 48  ASP   A C   1 
ATOM   508  O O   . ASP   A 1 39  ? 7.506   9.497   5.309   1.00 28.77  ? 48  ASP   A O   1 
ATOM   509  C CB  . ASP   A 1 39  ? 6.691   8.059   7.750   1.00 30.91  ? 48  ASP   A CB  1 
ATOM   510  C CG  . ASP   A 1 39  ? 6.212   7.965   9.212   1.00 37.52  ? 48  ASP   A CG  1 
ATOM   511  O OD1 . ASP   A 1 39  ? 5.391   8.776   9.633   1.00 41.80  ? 48  ASP   A OD1 1 
ATOM   512  O OD2 . ASP   A 1 39  ? 6.645   7.054   9.901   1.00 38.76  ? 48  ASP   A OD2 1 
ATOM   513  N N   . GLY   A 1 40  ? 5.731   8.474   4.366   1.00 25.02  ? 49  GLY   A N   1 
ATOM   514  C CA  . GLY   A 1 40  ? 6.253   8.581   2.996   1.00 23.84  ? 49  GLY   A CA  1 
ATOM   515  C C   . GLY   A 1 40  ? 7.433   7.668   2.760   1.00 25.35  ? 49  GLY   A C   1 
ATOM   516  O O   . GLY   A 1 40  ? 8.318   8.022   1.937   1.00 24.85  ? 49  GLY   A O   1 
ATOM   517  N N   . THR   A 1 41  ? 7.489   6.546   3.465   1.00 23.17  ? 50  THR   A N   1 
ATOM   518  C CA  . THR   A 1 41  ? 8.603   5.561   3.408   1.00 23.48  ? 50  THR   A CA  1 
ATOM   519  C C   . THR   A 1 41  ? 8.038   4.189   3.025   1.00 20.91  ? 50  THR   A C   1 
ATOM   520  O O   . THR   A 1 41  ? 8.512   3.185   3.550   1.00 19.72  ? 50  THR   A O   1 
ATOM   521  C CB  . THR   A 1 41  ? 9.368   5.545   4.733   1.00 26.20  ? 50  THR   A CB  1 
ATOM   522  O OG1 . THR   A 1 41  ? 8.465   5.215   5.780   1.00 26.97  ? 50  THR   A OG1 1 
ATOM   523  C CG2 . THR   A 1 41  ? 10.037  6.874   5.029   1.00 25.63  ? 50  THR   A CG2 1 
ATOM   524  N N   . CYS   A 1 42  ? 7.023   4.157   2.163   1.00 21.51  ? 51  CYS   A N   1 
ATOM   525  C CA  . CYS   A 1 42  ? 6.401   2.897   1.692   1.00 21.23  ? 51  CYS   A CA  1 
ATOM   526  C C   . CYS   A 1 42  ? 6.517   2.784   0.187   1.00 20.40  ? 51  CYS   A C   1 
ATOM   527  O O   . CYS   A 1 42  ? 6.132   3.746   -0.535  1.00 22.17  ? 51  CYS   A O   1 
ATOM   528  C CB  . CYS   A 1 42  ? 4.917   2.875   2.058   1.00 21.68  ? 51  CYS   A CB  1 
ATOM   529  S SG  . CYS   A 1 42  ? 4.098   1.272   1.876   1.00 21.69  ? 51  CYS   A SG  1 
ATOM   530  N N   . GLY   A 1 43  ? 6.967   1.608   -0.275  1.00 20.02  ? 52  GLY   A N   1 
ATOM   531  C CA  . GLY   A 1 43  ? 7.026   1.301   -1.699  1.00 19.09  ? 52  GLY   A CA  1 
ATOM   532  C C   . GLY   A 1 43  ? 6.019   0.250   -2.096  1.00 19.18  ? 52  GLY   A C   1 
ATOM   533  O O   . GLY   A 1 43  ? 5.369   -0.375  -1.190  1.00 20.56  ? 52  GLY   A O   1 
ATOM   534  N N   . LEU   A 1 44  ? 5.911   0.036   -3.417  1.00 20.24  ? 53  LEU   A N   1 
ATOM   535  C CA  . LEU   A 1 44  ? 4.927   -0.864  -4.035  1.00 23.14  ? 53  LEU   A CA  1 
ATOM   536  C C   . LEU   A 1 44  ? 5.679   -1.779  -4.992  1.00 21.30  ? 53  LEU   A C   1 
ATOM   537  O O   . LEU   A 1 44  ? 6.398   -1.277  -5.852  1.00 21.11  ? 53  LEU   A O   1 
ATOM   538  C CB  . LEU   A 1 44  ? 3.861   -0.028  -4.770  1.00 24.12  ? 53  LEU   A CB  1 
ATOM   539  C CG  . LEU   A 1 44  ? 2.735   -0.798  -5.464  1.00 25.28  ? 53  LEU   A CG  1 
ATOM   540  C CD1 . LEU   A 1 44  ? 1.884   -1.500  -4.414  1.00 31.43  ? 53  LEU   A CD1 1 
ATOM   541  C CD2 . LEU   A 1 44  ? 1.858   0.117   -6.304  1.00 30.05  ? 53  LEU   A CD2 1 
ATOM   542  N N   . VAL   A 1 45  ? 5.420   -3.074  -4.901  1.00 22.92  ? 54  VAL   A N   1 
ATOM   543  C CA  . VAL   A 1 45  ? 5.971   -4.075  -5.852  1.00 22.34  ? 54  VAL   A CA  1 
ATOM   544  C C   . VAL   A 1 45  ? 4.776   -4.701  -6.556  1.00 21.31  ? 54  VAL   A C   1 
ATOM   545  O O   . VAL   A 1 45  ? 3.904   -5.206  -5.875  1.00 22.66  ? 54  VAL   A O   1 
ATOM   546  C CB  . VAL   A 1 45  ? 6.800   -5.148  -5.130  1.00 22.48  ? 54  VAL   A CB  1 
ATOM   547  C CG1 . VAL   A 1 45  ? 7.355   -6.126  -6.127  1.00 23.63  ? 54  VAL   A CG1 1 
ATOM   548  C CG2 . VAL   A 1 45  ? 7.911   -4.534  -4.310  1.00 23.92  ? 54  VAL   A CG2 1 
ATOM   549  N N   . GLU   A 1 46  ? 4.793   -4.635  -7.868  1.00 24.77  ? 55  GLU   A N   1 
ATOM   550  C CA  . GLU   A 1 46  ? 3.739   -5.165  -8.751  1.00 24.32  ? 55  GLU   A CA  1 
ATOM   551  C C   . GLU   A 1 46  ? 3.888   -6.689  -8.784  1.00 26.03  ? 55  GLU   A C   1 
ATOM   552  O O   . GLU   A 1 46  ? 5.042   -7.190  -8.910  1.00 27.19  ? 55  GLU   A O   1 
ATOM   553  C CB  . GLU   A 1 46  ? 3.838   -4.474  -10.110 1.00 26.99  ? 55  GLU   A CB  1 
ATOM   554  C CG  . GLU   A 1 46  ? 3.392   -3.036  -9.995  1.00 28.53  ? 55  GLU   A CG  1 
ATOM   555  C CD  . GLU   A 1 46  ? 3.258   -2.222  -11.255 1.00 32.24  ? 55  GLU   A CD  1 
ATOM   556  O OE1 . GLU   A 1 46  ? 4.041   -2.427  -12.198 1.00 46.07  ? 55  GLU   A OE1 1 
ATOM   557  O OE2 . GLU   A 1 46  ? 2.342   -1.397  -11.283 1.00 36.67  ? 55  GLU   A OE2 1 
ATOM   558  N N   . VAL   A 1 47  ? 2.770   -7.390  -8.609  1.00 32.52  ? 56  VAL   A N   1 
ATOM   559  C CA  . VAL   A 1 47  ? 2.764   -8.864  -8.403  1.00 37.43  ? 56  VAL   A CA  1 
ATOM   560  C C   . VAL   A 1 47  ? 2.788   -9.487  -9.796  1.00 41.22  ? 56  VAL   A C   1 
ATOM   561  O O   . VAL   A 1 47  ? 1.973   -9.086  -10.637 1.00 42.39  ? 56  VAL   A O   1 
ATOM   562  C CB  . VAL   A 1 47  ? 1.598   -9.358  -7.516  1.00 38.69  ? 56  VAL   A CB  1 
ATOM   563  C CG1 . VAL   A 1 47  ? 1.600   -10.869 -7.403  1.00 38.13  ? 56  VAL   A CG1 1 
ATOM   564  C CG2 . VAL   A 1 47  ? 1.626   -8.738  -6.119  1.00 37.95  ? 56  VAL   A CG2 1 
ATOM   565  N N   . GLU   A 1 48  ? 3.809   -10.306 -10.048 1.00 43.74  ? 57  GLU   A N   1 
ATOM   566  C CA  . GLU   A 1 48  ? 3.940   -11.202 -11.219 1.00 48.89  ? 57  GLU   A CA  1 
ATOM   567  C C   . GLU   A 1 48  ? 4.449   -12.555 -10.698 1.00 46.23  ? 57  GLU   A C   1 
ATOM   568  O O   . GLU   A 1 48  ? 4.895   -12.634 -9.539  1.00 42.29  ? 57  GLU   A O   1 
ATOM   569  C CB  . GLU   A 1 48  ? 4.872   -10.581 -12.266 1.00 55.85  ? 57  GLU   A CB  1 
ATOM   570  C CG  . GLU   A 1 48  ? 4.292   -9.336  -12.929 1.00 67.26  ? 57  GLU   A CG  1 
ATOM   571  C CD  . GLU   A 1 48  ? 4.301   -9.310  -14.457 1.00 74.83  ? 57  GLU   A CD  1 
ATOM   572  O OE1 . GLU   A 1 48  ? 5.290   -9.778  -15.074 1.00 80.66  ? 57  GLU   A OE1 1 
ATOM   573  O OE2 . GLU   A 1 48  ? 3.307   -8.821  -15.031 1.00 76.50  ? 57  GLU   A OE2 1 
ATOM   574  N N   . LYS   A 1 49  ? 4.339   -13.595 -11.514 1.00 44.32  ? 58  LYS   A N   1 
ATOM   575  C CA  . LYS   A 1 49  ? 4.933   -14.923 -11.228 1.00 51.28  ? 58  LYS   A CA  1 
ATOM   576  C C   . LYS   A 1 49  ? 6.312   -14.689 -10.614 1.00 40.59  ? 58  LYS   A C   1 
ATOM   577  O O   . LYS   A 1 49  ? 7.093   -13.948 -11.228 1.00 42.54  ? 58  LYS   A O   1 
ATOM   578  C CB  . LYS   A 1 49  ? 5.091   -15.752 -12.512 1.00 59.90  ? 58  LYS   A CB  1 
ATOM   579  C CG  . LYS   A 1 49  ? 3.793   -16.173 -13.196 1.00 66.93  ? 58  LYS   A CG  1 
ATOM   580  C CD  . LYS   A 1 49  ? 2.927   -17.090 -12.350 1.00 76.89  ? 58  LYS   A CD  1 
ATOM   581  C CE  . LYS   A 1 49  ? 1.719   -17.631 -13.090 1.00 76.57  ? 58  LYS   A CE  1 
ATOM   582  N NZ  . LYS   A 1 49  ? 0.811   -16.544 -13.522 1.00 74.68  ? 58  LYS   A NZ  1 
ATOM   583  N N   . GLY   A 1 50  ? 6.572   -15.279 -9.450  1.00 40.26  ? 59  GLY   A N   1 
ATOM   584  C CA  . GLY   A 1 50  ? 7.919   -15.357 -8.857  1.00 39.93  ? 59  GLY   A CA  1 
ATOM   585  C C   . GLY   A 1 50  ? 8.191   -14.216 -7.901  1.00 40.64  ? 59  GLY   A C   1 
ATOM   586  O O   . GLY   A 1 50  ? 9.229   -14.245 -7.191  1.00 39.96  ? 59  GLY   A O   1 
ATOM   587  N N   . VAL   A 1 51  ? 7.300   -13.226 -7.849  1.00 34.43  ? 60  VAL   A N   1 
ATOM   588  C CA  . VAL   A 1 51  ? 7.526   -12.060 -6.944  1.00 31.25  ? 60  VAL   A CA  1 
ATOM   589  C C   . VAL   A 1 51  ? 7.278   -12.456 -5.496  1.00 30.37  ? 60  VAL   A C   1 
ATOM   590  O O   . VAL   A 1 51  ? 8.134   -12.162 -4.623  1.00 32.48  ? 60  VAL   A O   1 
ATOM   591  C CB  . VAL   A 1 51  ? 6.662   -10.856 -7.339  1.00 30.44  ? 60  VAL   A CB  1 
ATOM   592  C CG1 . VAL   A 1 51  ? 6.576   -9.837  -6.216  1.00 31.41  ? 60  VAL   A CG1 1 
ATOM   593  C CG2 . VAL   A 1 51  ? 7.151   -10.246 -8.622  1.00 31.71  ? 60  VAL   A CG2 1 
ATOM   594  N N   . LEU   A 1 52  ? 6.111   -13.004 -5.170  1.00 25.99  ? 61  LEU   A N   1 
ATOM   595  C CA  . LEU   A 1 52  ? 5.766   -13.163 -3.753  1.00 26.89  ? 61  LEU   A CA  1 
ATOM   596  C C   . LEU   A 1 52  ? 6.733   -14.082 -3.017  1.00 27.19  ? 61  LEU   A C   1 
ATOM   597  O O   . LEU   A 1 52  ? 7.070   -13.814 -1.877  1.00 30.63  ? 61  LEU   A O   1 
ATOM   598  C CB  . LEU   A 1 52  ? 4.310   -13.610 -3.650  1.00 31.13  ? 61  LEU   A CB  1 
ATOM   599  C CG  . LEU   A 1 52  ? 3.308   -12.480 -3.885  1.00 33.94  ? 61  LEU   A CG  1 
ATOM   600  C CD1 . LEU   A 1 52  ? 1.899   -13.024 -3.988  1.00 35.26  ? 61  LEU   A CD1 1 
ATOM   601  C CD2 . LEU   A 1 52  ? 3.411   -11.472 -2.733  1.00 37.04  ? 61  LEU   A CD2 1 
ATOM   602  N N   . PRO   A 1 53  ? 7.211   -15.210 -3.600  1.00 29.53  ? 62  PRO   A N   1 
ATOM   603  C CA  . PRO   A 1 53  ? 8.197   -16.050 -2.902  1.00 28.38  ? 62  PRO   A CA  1 
ATOM   604  C C   . PRO   A 1 53  ? 9.517   -15.324 -2.607  1.00 28.27  ? 62  PRO   A C   1 
ATOM   605  O O   . PRO   A 1 53  ? 10.276  -15.797 -1.766  1.00 30.56  ? 62  PRO   A O   1 
ATOM   606  C CB  . PRO   A 1 53  ? 8.415   -17.243 -3.851  1.00 28.70  ? 62  PRO   A CB  1 
ATOM   607  C CG  . PRO   A 1 53  ? 7.239   -17.221 -4.781  1.00 30.71  ? 62  PRO   A CG  1 
ATOM   608  C CD  . PRO   A 1 53  ? 6.790   -15.771 -4.891  1.00 32.73  ? 62  PRO   A CD  1 
ATOM   609  N N   . GLN   A 1 54  ? 9.769   -14.178 -3.257  1.00 28.79  ? 63  GLN   A N   1 
ATOM   610  C CA  . GLN   A 1 54  ? 11.000  -13.395 -3.008  1.00 26.40  ? 63  GLN   A CA  1 
ATOM   611  C C   . GLN   A 1 54  ? 10.778  -12.372 -1.893  1.00 27.57  ? 63  GLN   A C   1 
ATOM   612  O O   . GLN   A 1 54  ? 11.750  -11.672 -1.529  1.00 28.31  ? 63  GLN   A O   1 
ATOM   613  C CB  . GLN   A 1 54  ? 11.456  -12.709 -4.294  1.00 28.27  ? 63  GLN   A CB  1 
ATOM   614  C CG  . GLN   A 1 54  ? 11.998  -13.707 -5.298  1.00 28.75  ? 63  GLN   A CG  1 
ATOM   615  C CD  . GLN   A 1 54  ? 12.558  -12.952 -6.466  1.00 32.85  ? 63  GLN   A CD  1 
ATOM   616  O OE1 . GLN   A 1 54  ? 13.653  -12.406 -6.358  1.00 40.03  ? 63  GLN   A OE1 1 
ATOM   617  N NE2 . GLN   A 1 54  ? 11.803  -12.893 -7.553  1.00 31.82  ? 63  GLN   A NE2 1 
ATOM   618  N N   . LEU   A 1 55  ? 9.550   -12.247 -1.382  1.00 27.53  ? 64  LEU   A N   1 
ATOM   619  C CA  . LEU   A 1 55  ? 9.229   -11.302 -0.276  1.00 28.42  ? 64  LEU   A CA  1 
ATOM   620  C C   . LEU   A 1 55  ? 8.830   -12.095 0.956   1.00 26.81  ? 64  LEU   A C   1 
ATOM   621  O O   . LEU   A 1 55  ? 8.574   -13.324 0.814   1.00 31.80  ? 64  LEU   A O   1 
ATOM   622  C CB  . LEU   A 1 55  ? 8.095   -10.396 -0.749  1.00 27.93  ? 64  LEU   A CB  1 
ATOM   623  C CG  . LEU   A 1 55  ? 8.484   -9.473  -1.896  1.00 31.24  ? 64  LEU   A CG  1 
ATOM   624  C CD1 . LEU   A 1 55  ? 7.273   -8.722  -2.393  1.00 33.43  ? 64  LEU   A CD1 1 
ATOM   625  C CD2 . LEU   A 1 55  ? 9.600   -8.513  -1.450  1.00 30.98  ? 64  LEU   A CD2 1 
ATOM   626  N N   . GLU   A 1 56  ? 8.726   -11.433 2.105   1.00 26.98  ? 65  GLU   A N   1 
ATOM   627  C CA  . GLU   A 1 56  ? 8.533   -12.079 3.406   1.00 26.68  ? 65  GLU   A CA  1 
ATOM   628  C C   . GLU   A 1 56  ? 7.048   -12.001 3.789   1.00 30.99  ? 65  GLU   A C   1 
ATOM   629  O O   . GLU   A 1 56  ? 6.488   -10.934 3.798   1.00 26.89  ? 65  GLU   A O   1 
ATOM   630  C CB  . GLU   A 1 56  ? 9.430   -11.410 4.455   1.00 29.29  ? 65  GLU   A CB  1 
ATOM   631  C CG  . GLU   A 1 56  ? 10.916  -11.654 4.172   1.00 31.07  ? 65  GLU   A CG  1 
ATOM   632  C CD  . GLU   A 1 56  ? 11.914  -10.928 5.049   1.00 38.63  ? 65  GLU   A CD  1 
ATOM   633  O OE1 . GLU   A 1 56  ? 11.509  -10.002 5.746   1.00 45.91  ? 65  GLU   A OE1 1 
ATOM   634  O OE2 . GLU   A 1 56  ? 13.110  -11.304 5.027   1.00 47.48  ? 65  GLU   A OE2 1 
ATOM   635  N N   . GLN   A 1 57  ? 6.454   -13.117 4.174   1.00 31.16  ? 66  GLN   A N   1 
ATOM   636  C CA  . GLN   A 1 57  ? 5.137   -13.153 4.865   1.00 31.49  ? 66  GLN   A CA  1 
ATOM   637  C C   . GLN   A 1 57  ? 5.236   -12.678 6.310   1.00 29.04  ? 66  GLN   A C   1 
ATOM   638  O O   . GLN   A 1 57  ? 6.282   -12.725 6.936   1.00 30.79  ? 66  GLN   A O   1 
ATOM   639  C CB  . GLN   A 1 57  ? 4.628   -14.589 4.871   1.00 33.51  ? 66  GLN   A CB  1 
ATOM   640  C CG  . GLN   A 1 57  ? 4.409   -15.095 3.454   1.00 37.90  ? 66  GLN   A CG  1 
ATOM   641  C CD  . GLN   A 1 57  ? 3.559   -16.337 3.425   1.00 42.93  ? 66  GLN   A CD  1 
ATOM   642  O OE1 . GLN   A 1 57  ? 2.530   -16.425 4.084   1.00 39.11  ? 66  GLN   A OE1 1 
ATOM   643  N NE2 . GLN   A 1 57  ? 3.992   -17.302 2.626   1.00 55.78  ? 66  GLN   A NE2 1 
ATOM   644  N N   . PRO   A 1 58  ? 4.138   -12.167 6.905   1.00 25.65  ? 67  PRO   A N   1 
ATOM   645  C CA  . PRO   A 1 58  ? 2.910   -11.863 6.159   1.00 27.73  ? 67  PRO   A CA  1 
ATOM   646  C C   . PRO   A 1 58  ? 3.064   -10.725 5.131   1.00 28.13  ? 67  PRO   A C   1 
ATOM   647  O O   . PRO   A 1 58  ? 3.885   -9.825  5.333   1.00 27.25  ? 67  PRO   A O   1 
ATOM   648  C CB  . PRO   A 1 58  ? 1.946   -11.382 7.241   1.00 26.21  ? 67  PRO   A CB  1 
ATOM   649  C CG  . PRO   A 1 58  ? 2.540   -11.855 8.530   1.00 28.55  ? 67  PRO   A CG  1 
ATOM   650  C CD  . PRO   A 1 58  ? 4.035   -11.792 8.315   1.00 25.43  ? 67  PRO   A CD  1 
ATOM   651  N N   . TYR   A 1 59  ? 2.292   -10.802 4.054   1.00 25.03  ? 68  TYR   A N   1 
ATOM   652  C CA  . TYR   A 1 59  ? 2.237   -9.789  2.975   1.00 25.01  ? 68  TYR   A CA  1 
ATOM   653  C C   . TYR   A 1 59  ? 1.176   -8.729  3.294   1.00 28.50  ? 68  TYR   A C   1 
ATOM   654  O O   . TYR   A 1 59  ? 0.117   -9.072  3.897   1.00 25.92  ? 68  TYR   A O   1 
ATOM   655  C CB  . TYR   A 1 59  ? 1.921   -10.384 1.612   1.00 25.10  ? 68  TYR   A CB  1 
ATOM   656  C CG  . TYR   A 1 59  ? 2.742   -11.566 1.184   1.00 30.41  ? 68  TYR   A CG  1 
ATOM   657  C CD1 . TYR   A 1 59  ? 4.133   -11.518 1.143   1.00 29.60  ? 68  TYR   A CD1 1 
ATOM   658  C CD2 . TYR   A 1 59  ? 2.116   -12.743 0.793   1.00 33.10  ? 68  TYR   A CD2 1 
ATOM   659  C CE1 . TYR   A 1 59  ? 4.868   -12.615 0.726   1.00 34.02  ? 68  TYR   A CE1 1 
ATOM   660  C CE2 . TYR   A 1 59  ? 2.846   -13.841 0.366   1.00 35.22  ? 68  TYR   A CE2 1 
ATOM   661  C CZ  . TYR   A 1 59  ? 4.226   -13.788 0.363   1.00 35.32  ? 68  TYR   A CZ  1 
ATOM   662  O OH  . TYR   A 1 59  ? 4.943   -14.883 -0.045  1.00 36.05  ? 68  TYR   A OH  1 
ATOM   663  N N   . VAL   A 1 60  ? 1.451   -7.480  2.884   1.00 24.24  ? 69  VAL   A N   1 
ATOM   664  C CA  . VAL   A 1 60  ? 0.428   -6.411  2.873   1.00 22.76  ? 69  VAL   A CA  1 
ATOM   665  C C   . VAL   A 1 60  ? 0.144   -6.047  1.428   1.00 26.00  ? 69  VAL   A C   1 
ATOM   666  O O   . VAL   A 1 60  ? 1.064   -5.539  0.756   1.00 24.32  ? 69  VAL   A O   1 
ATOM   667  C CB  . VAL   A 1 60  ? 0.835   -5.172  3.677   1.00 24.98  ? 69  VAL   A CB  1 
ATOM   668  C CG1 . VAL   A 1 60  ? -0.239  -4.103  3.525   1.00 25.03  ? 69  VAL   A CG1 1 
ATOM   669  C CG2 . VAL   A 1 60  ? 1.075   -5.519  5.140   1.00 25.31  ? 69  VAL   A CG2 1 
ATOM   670  N N   . PHE   A 1 61  ? -1.076  -6.308  0.943   1.00 22.43  ? 70  PHE   A N   1 
ATOM   671  C CA  . PHE   A 1 61  ? -1.527  -5.893  -0.405  1.00 23.92  ? 70  PHE   A CA  1 
ATOM   672  C C   . PHE   A 1 61  ? -2.266  -4.556  -0.350  1.00 22.68  ? 70  PHE   A C   1 
ATOM   673  O O   . PHE   A 1 61  ? -2.990  -4.315  0.627   1.00 24.04  ? 70  PHE   A O   1 
ATOM   674  C CB  . PHE   A 1 61  ? -2.420  -6.960  -1.035  1.00 24.94  ? 70  PHE   A CB  1 
ATOM   675  C CG  . PHE   A 1 61  ? -1.748  -8.296  -1.201  1.00 25.44  ? 70  PHE   A CG  1 
ATOM   676  C CD1 . PHE   A 1 61  ? -0.729  -8.469  -2.130  1.00 29.50  ? 70  PHE   A CD1 1 
ATOM   677  C CD2 . PHE   A 1 61  ? -2.100  -9.383  -0.421  1.00 26.70  ? 70  PHE   A CD2 1 
ATOM   678  C CE1 . PHE   A 1 61  ? -0.107  -9.706  -2.280  1.00 31.81  ? 70  PHE   A CE1 1 
ATOM   679  C CE2 . PHE   A 1 61  ? -1.483  -10.614 -0.572  1.00 29.35  ? 70  PHE   A CE2 1 
ATOM   680  C CZ  . PHE   A 1 61  ? -0.472  -10.774 -1.496  1.00 27.83  ? 70  PHE   A CZ  1 
ATOM   681  N N   . ILE   A 1 62  ? -2.159  -3.772  -1.417  1.00 22.37  ? 71  ILE   A N   1 
ATOM   682  C CA  . ILE   A 1 62  ? -3.187  -2.757  -1.757  1.00 24.21  ? 71  ILE   A CA  1 
ATOM   683  C C   . ILE   A 1 62  ? -4.091  -3.352  -2.817  1.00 26.90  ? 71  ILE   A C   1 
ATOM   684  O O   . ILE   A 1 62  ? -3.591  -3.852  -3.838  1.00 29.36  ? 71  ILE   A O   1 
ATOM   685  C CB  . ILE   A 1 62  ? -2.654  -1.370  -2.120  1.00 28.17  ? 71  ILE   A CB  1 
ATOM   686  C CG1 . ILE   A 1 62  ? -1.541  -1.416  -3.165  1.00 30.61  ? 71  ILE   A CG1 1 
ATOM   687  C CG2 . ILE   A 1 62  ? -2.288  -0.643  -0.850  1.00 28.99  ? 71  ILE   A CG2 1 
ATOM   688  C CD1 . ILE   A 1 62  ? -1.525  -0.182  -4.040  1.00 29.60  ? 71  ILE   A CD1 1 
ATOM   689  N N   . LYS   A 1 63  ? -5.404  -3.282  -2.537  1.00 26.08  ? 72  LYS   A N   1 
ATOM   690  C CA  . LYS   A 1 63  ? -6.459  -3.826  -3.409  1.00 27.30  ? 72  LYS   A CA  1 
ATOM   691  C C   . LYS   A 1 63  ? -7.444  -2.715  -3.795  1.00 27.27  ? 72  LYS   A C   1 
ATOM   692  O O   . LYS   A 1 63  ? -7.673  -1.819  -2.982  1.00 27.47  ? 72  LYS   A O   1 
ATOM   693  C CB  . LYS   A 1 63  ? -7.084  -5.006  -2.681  1.00 29.27  ? 72  LYS   A CB  1 
ATOM   694  C CG  . LYS   A 1 63  ? -6.253  -6.284  -2.752  1.00 35.80  ? 72  LYS   A CG  1 
ATOM   695  C CD  . LYS   A 1 63  ? -6.844  -7.435  -1.974  1.00 42.59  ? 72  LYS   A CD  1 
ATOM   696  C CE  . LYS   A 1 63  ? -6.196  -8.769  -2.289  1.00 44.94  ? 72  LYS   A CE  1 
ATOM   697  N NZ  . LYS   A 1 63  ? -6.329  -9.093  -3.728  1.00 43.63  ? 72  LYS   A NZ  1 
ATOM   698  N N   . ARG   A 1 64  ? -7.945  -2.727  -5.029  1.00 28.92  ? 73  ARG   A N   1 
ATOM   699  C CA  . ARG   A 1 64  ? -8.897  -1.705  -5.539  1.00 31.00  ? 73  ARG   A CA  1 
ATOM   700  C C   . ARG   A 1 64  ? -10.204 -1.838  -4.754  1.00 29.15  ? 73  ARG   A C   1 
ATOM   701  O O   . ARG   A 1 64  ? -10.675 -2.962  -4.649  1.00 33.15  ? 73  ARG   A O   1 
ATOM   702  C CB  . ARG   A 1 64  ? -9.091  -1.914  -7.040  1.00 36.91  ? 73  ARG   A CB  1 
ATOM   703  C CG  . ARG   A 1 64  ? -9.758  -0.738  -7.734  1.00 48.21  ? 73  ARG   A CG  1 
ATOM   704  C CD  . ARG   A 1 64  ? -10.398 -1.095  -9.058  1.00 58.42  ? 73  ARG   A CD  1 
ATOM   705  N NE  . ARG   A 1 64  ? -10.364 0.045   -9.964  1.00 71.92  ? 73  ARG   A NE  1 
ATOM   706  C CZ  . ARG   A 1 64  ? -9.384  0.295   -10.833 1.00 79.04  ? 73  ARG   A CZ  1 
ATOM   707  N NH1 . ARG   A 1 64  ? -8.341  -0.517  -10.929 1.00 76.69  ? 73  ARG   A NH1 1 
ATOM   708  N NH2 . ARG   A 1 64  ? -9.451  1.367   -11.606 1.00 81.91  ? 73  ARG   A NH2 1 
ATOM   709  N N   . SER   A 1 65  ? -10.700 -0.748  -4.159  1.00 29.24  ? 74  SER   A N   1 
ATOM   710  C CA  . SER   A 1 65  ? -11.829 -0.769  -3.190  1.00 31.52  ? 74  SER   A CA  1 
ATOM   711  C C   . SER   A 1 65  ? -13.109 -0.322  -3.898  1.00 37.18  ? 74  SER   A C   1 
ATOM   712  O O   . SER   A 1 65  ? -14.157 -0.332  -3.225  1.00 35.17  ? 74  SER   A O   1 
ATOM   713  C CB  . SER   A 1 65  ? -11.588 0.060   -1.937  1.00 32.75  ? 74  SER   A CB  1 
ATOM   714  O OG  . SER   A 1 65  ? -11.232 1.396   -2.214  1.00 33.77  ? 74  SER   A OG  1 
ATOM   715  N N   . ASP   A 1 66  ? -13.019 0.109   -5.155  1.00 42.31  ? 75  ASP   A N   1 
ATOM   716  C CA  . ASP   A 1 66  ? -14.162 0.726   -5.899  1.00 52.08  ? 75  ASP   A CA  1 
ATOM   717  C C   . ASP   A 1 66  ? -13.755 0.969   -7.369  1.00 57.44  ? 75  ASP   A C   1 
ATOM   718  O O   . ASP   A 1 66  ? -12.543 0.947   -7.650  1.00 58.57  ? 75  ASP   A O   1 
ATOM   719  C CB  . ASP   A 1 66  ? -14.661 1.937   -5.093  1.00 52.70  ? 75  ASP   A CB  1 
ATOM   720  C CG  . ASP   A 1 66  ? -15.378 3.066   -5.824  1.00 54.73  ? 75  ASP   A CG  1 
ATOM   721  O OD1 . ASP   A 1 66  ? -15.808 2.889   -6.981  1.00 68.30  ? 75  ASP   A OD1 1 
ATOM   722  O OD2 . ASP   A 1 66  ? -15.509 4.119   -5.214  1.00 57.59  ? 75  ASP   A OD2 1 
ATOM   723  N N   . ALA   A 1 67  ? -14.736 1.134   -8.278  1.00 61.67  ? 76  ALA   A N   1 
ATOM   724  C CA  . ALA   A 1 67  ? -14.543 1.490   -9.714  1.00 67.26  ? 76  ALA   A CA  1 
ATOM   725  C C   . ALA   A 1 67  ? -14.915 2.961   -9.946  1.00 63.86  ? 76  ALA   A C   1 
ATOM   726  O O   . ALA   A 1 67  ? -15.827 3.185   -10.742 1.00 58.19  ? 76  ALA   A O   1 
ATOM   727  C CB  . ALA   A 1 67  ? -15.350 0.587   -10.622 1.00 66.86  ? 76  ALA   A CB  1 
ATOM   728  N N   . ALA   A 1 70  ? -11.906 6.658   -9.448  1.00 64.90  ? 79  ALA   A N   1 
ATOM   729  C CA  . ALA   A 1 70  ? -10.467 7.021   -9.506  1.00 65.72  ? 79  ALA   A CA  1 
ATOM   730  C C   . ALA   A 1 70  ? -10.302 8.534   -9.410  1.00 72.19  ? 79  ALA   A C   1 
ATOM   731  O O   . ALA   A 1 70  ? -9.833  9.190   -10.343 1.00 75.08  ? 79  ALA   A O   1 
ATOM   732  C CB  . ALA   A 1 70  ? -9.835  6.490   -10.772 1.00 58.58  ? 79  ALA   A CB  1 
ATOM   733  N N   . PRO   A 1 71  ? -10.680 9.147   -8.272  1.00 71.12  ? 80  PRO   A N   1 
ATOM   734  C CA  . PRO   A 1 71  ? -10.624 10.602  -8.143  1.00 68.38  ? 80  PRO   A CA  1 
ATOM   735  C C   . PRO   A 1 71  ? -9.247  11.189  -8.468  1.00 70.48  ? 80  PRO   A C   1 
ATOM   736  O O   . PRO   A 1 71  ? -8.286  10.779  -7.861  1.00 75.70  ? 80  PRO   A O   1 
ATOM   737  C CB  . PRO   A 1 71  ? -10.959 10.820  -6.663  1.00 71.69  ? 80  PRO   A CB  1 
ATOM   738  C CG  . PRO   A 1 71  ? -11.848 9.653   -6.333  1.00 72.62  ? 80  PRO   A CG  1 
ATOM   739  C CD  . PRO   A 1 71  ? -11.234 8.490   -7.081  1.00 72.27  ? 80  PRO   A CD  1 
ATOM   740  N N   . HIS   A 1 72  ? -9.197  12.131  -9.411  1.00 71.70  ? 81  HIS   A N   1 
ATOM   741  C CA  . HIS   A 1 72  ? -8.020  12.997  -9.693  1.00 71.97  ? 81  HIS   A CA  1 
ATOM   742  C C   . HIS   A 1 72  ? -6.820  12.178  -10.194 1.00 64.35  ? 81  HIS   A C   1 
ATOM   743  O O   . HIS   A 1 72  ? -5.705  12.661  -10.001 1.00 64.49  ? 81  HIS   A O   1 
ATOM   744  C CB  . HIS   A 1 72  ? -7.634  13.803  -8.437  1.00 83.61  ? 81  HIS   A CB  1 
ATOM   745  C CG  . HIS   A 1 72  ? -8.786  14.417  -7.705  1.00 94.49  ? 81  HIS   A CG  1 
ATOM   746  N ND1 . HIS   A 1 72  ? -9.290  15.670  -8.017  1.00 98.91  ? 81  HIS   A ND1 1 
ATOM   747  C CD2 . HIS   A 1 72  ? -9.534  13.963  -6.675  1.00 101.16 ? 81  HIS   A CD2 1 
ATOM   748  C CE1 . HIS   A 1 72  ? -10.299 15.954  -7.216  1.00 100.97 ? 81  HIS   A CE1 1 
ATOM   749  N NE2 . HIS   A 1 72  ? -10.469 14.921  -6.386  1.00 104.32 ? 81  HIS   A NE2 1 
ATOM   750  N N   . GLY   A 1 73  ? -7.022  11.003  -10.816 1.00 64.81  ? 82  GLY   A N   1 
ATOM   751  C CA  . GLY   A 1 73  ? -5.934  10.109  -11.289 1.00 56.20  ? 82  GLY   A CA  1 
ATOM   752  C C   . GLY   A 1 73  ? -5.568  9.014   -10.286 1.00 54.16  ? 82  GLY   A C   1 
ATOM   753  O O   . GLY   A 1 73  ? -4.916  8.039   -10.670 1.00 50.97  ? 82  GLY   A O   1 
ATOM   754  N N   . HIS   A 1 74  ? -6.030  9.140   -9.043  1.00 47.00  ? 83  HIS   A N   1 
ATOM   755  C CA  . HIS   A 1 74  ? -5.749  8.236   -7.905  1.00 41.23  ? 83  HIS   A CA  1 
ATOM   756  C C   . HIS   A 1 74  ? -6.801  7.120   -7.773  1.00 42.95  ? 83  HIS   A C   1 
ATOM   757  O O   . HIS   A 1 74  ? -7.954  7.425   -7.368  1.00 42.96  ? 83  HIS   A O   1 
ATOM   758  C CB  . HIS   A 1 74  ? -5.710  9.067   -6.637  1.00 40.70  ? 83  HIS   A CB  1 
ATOM   759  C CG  . HIS   A 1 74  ? -4.624  10.078  -6.623  1.00 41.24  ? 83  HIS   A CG  1 
ATOM   760  N ND1 . HIS   A 1 74  ? -3.527  9.979   -5.778  1.00 45.55  ? 83  HIS   A ND1 1 
ATOM   761  C CD2 . HIS   A 1 74  ? -4.500  11.247  -7.287  1.00 43.34  ? 83  HIS   A CD2 1 
ATOM   762  C CE1 . HIS   A 1 74  ? -2.768  11.051  -5.932  1.00 48.11  ? 83  HIS   A CE1 1 
ATOM   763  N NE2 . HIS   A 1 74  ? -3.345  11.842  -6.854  1.00 46.61  ? 83  HIS   A NE2 1 
ATOM   764  N N   . VAL   A 1 75  ? -6.401  5.870   -8.023  1.00 37.66  ? 84  VAL   A N   1 
ATOM   765  C CA  . VAL   A 1 75  ? -7.267  4.660   -7.807  1.00 37.97  ? 84  VAL   A CA  1 
ATOM   766  C C   . VAL   A 1 75  ? -7.549  4.468   -6.304  1.00 28.49  ? 84  VAL   A C   1 
ATOM   767  O O   . VAL   A 1 75  ? -6.633  4.488   -5.484  1.00 26.75  ? 84  VAL   A O   1 
ATOM   768  C CB  . VAL   A 1 75  ? -6.600  3.414   -8.413  1.00 40.38  ? 84  VAL   A CB  1 
ATOM   769  C CG1 . VAL   A 1 75  ? -7.373  2.149   -8.088  1.00 43.05  ? 84  VAL   A CG1 1 
ATOM   770  C CG2 . VAL   A 1 75  ? -6.416  3.573   -9.917  1.00 43.35  ? 84  VAL   A CG2 1 
ATOM   771  N N   . MET   A 1 76  ? -8.803  4.239   -5.910  1.00 28.92  ? 85  MET   A N   1 
ATOM   772  C CA  . MET   A 1 76  ? -9.125  4.046   -4.486  1.00 27.76  ? 85  MET   A CA  1 
ATOM   773  C C   . MET   A 1 76  ? -8.713  2.624   -4.111  1.00 26.48  ? 85  MET   A C   1 
ATOM   774  O O   . MET   A 1 76  ? -9.038  1.676   -4.819  1.00 24.86  ? 85  MET   A O   1 
ATOM   775  C CB  . MET   A 1 76  ? -10.618 4.228   -4.186  1.00 30.66  ? 85  MET   A CB  1 
ATOM   776  C CG  . MET   A 1 76  ? -11.114 5.566   -4.644  1.00 37.27  ? 85  MET   A CG  1 
ATOM   777  S SD  . MET   A 1 76  ? -12.727 6.054   -3.935  1.00 47.74  ? 85  MET   A SD  1 
ATOM   778  C CE  . MET   A 1 76  ? -12.670 5.222   -2.375  1.00 30.76  ? 85  MET   A CE  1 
ATOM   779  N N   A VAL   A 1 77  ? -7.984  2.496   -3.003  0.24 25.41  ? 86  VAL   A N   1 
ATOM   780  N N   B VAL   A 1 77  ? -7.984  2.496   -3.003  0.24 25.41  ? 86  VAL   A N   1 
ATOM   781  N N   C VAL   A 1 77  ? -8.004  2.492   -2.994  0.26 25.63  ? 86  VAL   A N   1 
ATOM   782  N N   D VAL   A 1 77  ? -8.004  2.492   -2.994  0.26 25.63  ? 86  VAL   A N   1 
ATOM   783  C CA  A VAL   A 1 77  ? -7.405  1.209   -2.524  0.24 24.76  ? 86  VAL   A CA  1 
ATOM   784  C CA  B VAL   A 1 77  ? -7.405  1.209   -2.524  0.24 24.77  ? 86  VAL   A CA  1 
ATOM   785  C CA  C VAL   A 1 77  ? -7.419  1.204   -2.531  0.26 25.12  ? 86  VAL   A CA  1 
ATOM   786  C CA  D VAL   A 1 77  ? -7.419  1.204   -2.531  0.26 25.12  ? 86  VAL   A CA  1 
ATOM   787  C C   A VAL   A 1 77  ? -7.644  1.060   -1.019  0.24 25.29  ? 86  VAL   A C   1 
ATOM   788  C C   B VAL   A 1 77  ? -7.644  1.060   -1.019  0.24 25.29  ? 86  VAL   A C   1 
ATOM   789  C C   C VAL   A 1 77  ? -7.630  1.060   -1.021  0.26 25.51  ? 86  VAL   A C   1 
ATOM   790  C C   D VAL   A 1 77  ? -7.630  1.060   -1.021  0.26 25.52  ? 86  VAL   A C   1 
ATOM   791  O O   A VAL   A 1 77  ? -7.895  2.079   -0.325  0.24 26.23  ? 86  VAL   A O   1 
ATOM   792  O O   B VAL   A 1 77  ? -7.895  2.079   -0.325  0.24 26.23  ? 86  VAL   A O   1 
ATOM   793  O O   C VAL   A 1 77  ? -7.867  2.083   -0.325  0.26 26.61  ? 86  VAL   A O   1 
ATOM   794  O O   D VAL   A 1 77  ? -7.867  2.083   -0.326  0.26 26.61  ? 86  VAL   A O   1 
ATOM   795  C CB  A VAL   A 1 77  ? -5.900  1.096   -2.839  0.24 24.56  ? 86  VAL   A CB  1 
ATOM   796  C CB  B VAL   A 1 77  ? -5.900  1.096   -2.839  0.24 24.56  ? 86  VAL   A CB  1 
ATOM   797  C CB  C VAL   A 1 77  ? -5.925  1.093   -2.892  0.26 25.16  ? 86  VAL   A CB  1 
ATOM   798  C CB  D VAL   A 1 77  ? -5.925  1.093   -2.892  0.26 25.17  ? 86  VAL   A CB  1 
ATOM   799  C CG1 A VAL   A 1 77  ? -5.614  1.179   -4.331  0.24 23.62  ? 86  VAL   A CG1 1 
ATOM   800  C CG1 B VAL   A 1 77  ? -5.614  1.179   -4.331  0.24 23.63  ? 86  VAL   A CG1 1 
ATOM   801  C CG1 C VAL   A 1 77  ? -5.694  1.029   -4.393  0.26 24.49  ? 86  VAL   A CG1 1 
ATOM   802  C CG1 D VAL   A 1 77  ? -5.694  1.029   -4.393  0.26 24.49  ? 86  VAL   A CG1 1 
ATOM   803  C CG2 A VAL   A 1 77  ? -5.090  2.133   -2.072  0.24 26.09  ? 86  VAL   A CG2 1 
ATOM   804  C CG2 B VAL   A 1 77  ? -5.090  2.133   -2.072  0.24 26.08  ? 86  VAL   A CG2 1 
ATOM   805  C CG2 C VAL   A 1 77  ? -5.117  2.225   -2.280  0.26 26.88  ? 86  VAL   A CG2 1 
ATOM   806  C CG2 D VAL   A 1 77  ? -5.117  2.225   -2.280  0.26 26.88  ? 86  VAL   A CG2 1 
ATOM   807  N N   . GLU   A 1 78  ? -7.550  -0.181  -0.544  1.00 26.61  ? 87  GLU   A N   1 
ATOM   808  C CA  . GLU   A 1 78  ? -7.490  -0.497  0.899   1.00 25.14  ? 87  GLU   A CA  1 
ATOM   809  C C   . GLU   A 1 78  ? -6.448  -1.606  1.125   1.00 25.33  ? 87  GLU   A C   1 
ATOM   810  O O   . GLU   A 1 78  ? -6.035  -2.303  0.151   1.00 26.11  ? 87  GLU   A O   1 
ATOM   811  C CB  . GLU   A 1 78  ? -8.898  -0.856  1.333   1.00 29.78  ? 87  GLU   A CB  1 
ATOM   812  C CG  . GLU   A 1 78  ? -9.419  -2.085  0.635   1.00 30.80  ? 87  GLU   A CG  1 
ATOM   813  C CD  . GLU   A 1 78  ? -10.888 -2.298  0.961   1.00 38.78  ? 87  GLU   A CD  1 
ATOM   814  O OE1 . GLU   A 1 78  ? -11.244 -2.040  2.106   1.00 47.12  ? 87  GLU   A OE1 1 
ATOM   815  O OE2 . GLU   A 1 78  ? -11.660 -2.649  0.060   1.00 34.28  ? 87  GLU   A OE2 1 
ATOM   816  N N   A LEU   A 1 79  ? -6.014  -1.756  2.380   0.24 25.02  ? 88  LEU   A N   1 
ATOM   817  N N   B LEU   A 1 79  ? -6.014  -1.756  2.380   0.24 25.03  ? 88  LEU   A N   1 
ATOM   818  N N   C LEU   A 1 79  ? -6.061  -1.795  2.388   0.26 25.42  ? 88  LEU   A N   1 
ATOM   819  N N   D LEU   A 1 79  ? -6.061  -1.795  2.388   0.26 25.42  ? 88  LEU   A N   1 
ATOM   820  C CA  A LEU   A 1 79  ? -4.996  -2.761  2.797   0.24 25.90  ? 88  LEU   A CA  1 
ATOM   821  C CA  B LEU   A 1 79  ? -4.996  -2.761  2.797   0.24 25.90  ? 88  LEU   A CA  1 
ATOM   822  C CA  C LEU   A 1 79  ? -5.003  -2.749  2.815   0.26 26.58  ? 88  LEU   A CA  1 
ATOM   823  C CA  D LEU   A 1 79  ? -5.003  -2.749  2.815   0.26 26.58  ? 88  LEU   A CA  1 
ATOM   824  C C   A LEU   A 1 79  ? -5.678  -4.100  3.105   0.24 25.50  ? 88  LEU   A C   1 
ATOM   825  C C   B LEU   A 1 79  ? -5.677  -4.099  3.105   0.24 25.50  ? 88  LEU   A C   1 
ATOM   826  C C   C LEU   A 1 79  ? -5.632  -4.103  3.174   0.26 26.07  ? 88  LEU   A C   1 
ATOM   827  C C   D LEU   A 1 79  ? -5.632  -4.103  3.174   0.26 26.06  ? 88  LEU   A C   1 
ATOM   828  O O   A LEU   A 1 79  ? -6.739  -4.104  3.773   0.24 25.19  ? 88  LEU   A O   1 
ATOM   829  O O   B LEU   A 1 79  ? -6.739  -4.104  3.773   0.24 25.19  ? 88  LEU   A O   1 
ATOM   830  O O   C LEU   A 1 79  ? -6.628  -4.122  3.936   0.26 25.72  ? 88  LEU   A O   1 
ATOM   831  O O   D LEU   A 1 79  ? -6.627  -4.122  3.935   0.26 25.72  ? 88  LEU   A O   1 
ATOM   832  C CB  A LEU   A 1 79  ? -4.221  -2.274  4.022   0.24 25.43  ? 88  LEU   A CB  1 
ATOM   833  C CB  B LEU   A 1 79  ? -4.221  -2.274  4.022   0.24 25.44  ? 88  LEU   A CB  1 
ATOM   834  C CB  C LEU   A 1 79  ? -4.243  -2.149  3.999   0.26 26.69  ? 88  LEU   A CB  1 
ATOM   835  C CB  D LEU   A 1 79  ? -4.243  -2.148  3.998   0.26 26.70  ? 88  LEU   A CB  1 
ATOM   836  C CG  A LEU   A 1 79  ? -3.442  -0.964  3.881   0.24 26.99  ? 88  LEU   A CG  1 
ATOM   837  C CG  B LEU   A 1 79  ? -3.442  -0.964  3.881   0.24 26.99  ? 88  LEU   A CG  1 
ATOM   838  C CG  C LEU   A 1 79  ? -3.638  -0.765  3.746   0.26 28.55  ? 88  LEU   A CG  1 
ATOM   839  C CG  D LEU   A 1 79  ? -3.638  -0.765  3.746   0.26 28.55  ? 88  LEU   A CG  1 
ATOM   840  C CD1 A LEU   A 1 79  ? -2.525  -0.780  5.075   0.24 27.52  ? 88  LEU   A CD1 1 
ATOM   841  C CD1 B LEU   A 1 79  ? -2.525  -0.779  5.075   0.24 27.52  ? 88  LEU   A CD1 1 
ATOM   842  C CD1 C LEU   A 1 79  ? -3.249  -0.088  5.050   0.26 29.93  ? 88  LEU   A CD1 1 
ATOM   843  C CD1 D LEU   A 1 79  ? -3.248  -0.088  5.050   0.26 29.93  ? 88  LEU   A CD1 1 
ATOM   844  C CD2 A LEU   A 1 79  ? -2.637  -0.901  2.596   0.24 28.24  ? 88  LEU   A CD2 1 
ATOM   845  C CD2 B LEU   A 1 79  ? -2.637  -0.901  2.596   0.24 28.24  ? 88  LEU   A CD2 1 
ATOM   846  C CD2 C LEU   A 1 79  ? -2.445  -0.850  2.812   0.26 29.50  ? 88  LEU   A CD2 1 
ATOM   847  C CD2 D LEU   A 1 79  ? -2.445  -0.850  2.811   0.26 29.49  ? 88  LEU   A CD2 1 
ATOM   848  N N   . VAL   A 1 80  ? -5.060  -5.184  2.636   1.00 24.52  ? 89  VAL   A N   1 
ATOM   849  C CA  . VAL   A 1 80  ? -5.416  -6.592  2.990   1.00 25.27  ? 89  VAL   A CA  1 
ATOM   850  C C   . VAL   A 1 80  ? -4.104  -7.346  3.241   1.00 26.19  ? 89  VAL   A C   1 
ATOM   851  O O   . VAL   A 1 80  ? -3.148  -7.240  2.397   1.00 27.00  ? 89  VAL   A O   1 
ATOM   852  C CB  . VAL   A 1 80  ? -6.200  -7.253  1.851   1.00 27.66  ? 89  VAL   A CB  1 
ATOM   853  C CG1 . VAL   A 1 80  ? -6.443  -8.753  2.115   1.00 27.03  ? 89  VAL   A CG1 1 
ATOM   854  C CG2 . VAL   A 1 80  ? -7.502  -6.515  1.607   1.00 28.85  ? 89  VAL   A CG2 1 
ATOM   855  N N   . ALA   A 1 81  ? -3.996  -8.029  4.363   1.00 25.97  ? 90  ALA   A N   1 
ATOM   856  C CA  . ALA   A 1 81  ? -2.790  -8.811  4.728   1.00 25.58  ? 90  ALA   A CA  1 
ATOM   857  C C   . ALA   A 1 81  ? -3.050  -10.269 4.371   1.00 28.77  ? 90  ALA   A C   1 
ATOM   858  O O   . ALA   A 1 81  ? -4.271  -10.705 4.293   1.00 28.05  ? 90  ALA   A O   1 
ATOM   859  C CB  . ALA   A 1 81  ? -2.443  -8.630  6.171   1.00 25.93  ? 90  ALA   A CB  1 
ATOM   860  N N   . GLU   A 1 82  ? -1.973  -11.029 4.193   1.00 26.55  ? 91  GLU   A N   1 
ATOM   861  C CA  . GLU   A 1 82  ? -2.073  -12.478 3.879   1.00 25.00  ? 91  GLU   A CA  1 
ATOM   862  C C   . GLU   A 1 82  ? -0.970  -13.225 4.639   1.00 32.24  ? 91  GLU   A C   1 
ATOM   863  O O   . GLU   A 1 82  ? 0.242   -12.790 4.584   1.00 29.41  ? 91  GLU   A O   1 
ATOM   864  C CB  . GLU   A 1 82  ? -1.965  -12.743 2.380   1.00 28.84  ? 91  GLU   A CB  1 
ATOM   865  C CG  . GLU   A 1 82  ? -1.932  -14.234 2.043   1.00 27.38  ? 91  GLU   A CG  1 
ATOM   866  C CD  . GLU   A 1 82  ? -1.756  -14.463 0.557   1.00 29.86  ? 91  GLU   A CD  1 
ATOM   867  O OE1 . GLU   A 1 82  ? -2.497  -13.808 -0.213  1.00 30.70  ? 91  GLU   A OE1 1 
ATOM   868  O OE2 . GLU   A 1 82  ? -0.840  -15.236 0.174   1.00 32.00  ? 91  GLU   A OE2 1 
ATOM   869  N N   . LEU   A 1 83  ? -1.339  -14.338 5.297   1.00 28.26  ? 92  LEU   A N   1 
ATOM   870  C CA  . LEU   A 1 83  ? -0.352  -15.210 5.983   1.00 30.22  ? 92  LEU   A CA  1 
ATOM   871  C C   . LEU   A 1 83  ? -0.785  -16.661 5.750   1.00 34.20  ? 92  LEU   A C   1 
ATOM   872  O O   . LEU   A 1 83  ? -1.946  -16.993 6.105   1.00 29.76  ? 92  LEU   A O   1 
ATOM   873  C CB  . LEU   A 1 83  ? -0.284  -14.889 7.480   1.00 30.13  ? 92  LEU   A CB  1 
ATOM   874  C CG  . LEU   A 1 83  ? 0.614   -15.812 8.322   1.00 29.75  ? 92  LEU   A CG  1 
ATOM   875  C CD1 . LEU   A 1 83  ? 2.043   -15.816 7.814   1.00 28.21  ? 92  LEU   A CD1 1 
ATOM   876  C CD2 . LEU   A 1 83  ? 0.615   -15.427 9.788   1.00 28.20  ? 92  LEU   A CD2 1 
ATOM   877  N N   . GLU   A 1 84  ? 0.096   -17.441 5.130   1.00 29.53  ? 93  GLU   A N   1 
ATOM   878  C CA  . GLU   A 1 84  ? -0.120  -18.893 4.896   1.00 34.93  ? 93  GLU   A CA  1 
ATOM   879  C C   . GLU   A 1 84  ? -1.485  -19.068 4.241   1.00 36.99  ? 93  GLU   A C   1 
ATOM   880  O O   . GLU   A 1 84  ? -2.267  -19.960 4.708   1.00 34.41  ? 93  GLU   A O   1 
ATOM   881  C CB  . GLU   A 1 84  ? 0.066   -19.681 6.188   1.00 41.47  ? 93  GLU   A CB  1 
ATOM   882  C CG  . GLU   A 1 84  ? 1.524   -19.701 6.618   1.00 47.17  ? 93  GLU   A CG  1 
ATOM   883  C CD  . GLU   A 1 84  ? 1.770   -19.898 8.102   1.00 56.61  ? 93  GLU   A CD  1 
ATOM   884  O OE1 . GLU   A 1 84  ? 0.794   -19.854 8.883   1.00 64.34  ? 93  GLU   A OE1 1 
ATOM   885  O OE2 . GLU   A 1 84  ? 2.946   -20.073 8.477   1.00 65.05  ? 93  GLU   A OE2 1 
ATOM   886  N N   . GLY   A 1 85  ? -1.725  -18.276 3.181   1.00 31.58  ? 94  GLY   A N   1 
ATOM   887  C CA  . GLY   A 1 85  ? -2.860  -18.464 2.272   1.00 30.49  ? 94  GLY   A CA  1 
ATOM   888  C C   . GLY   A 1 85  ? -4.163  -17.976 2.874   1.00 29.70  ? 94  GLY   A C   1 
ATOM   889  O O   . GLY   A 1 85  ? -5.181  -18.192 2.206   1.00 29.43  ? 94  GLY   A O   1 
ATOM   890  N N   . ILE   A 1 86  ? -4.153  -17.308 4.029   1.00 28.93  ? 95  ILE   A N   1 
ATOM   891  C CA  . ILE   A 1 86  ? -5.389  -16.719 4.618   1.00 28.41  ? 95  ILE   A CA  1 
ATOM   892  C C   . ILE   A 1 86  ? -5.271  -15.197 4.512   1.00 29.25  ? 95  ILE   A C   1 
ATOM   893  O O   . ILE   A 1 86  ? -4.210  -14.712 4.845   1.00 28.67  ? 95  ILE   A O   1 
ATOM   894  C CB  . ILE   A 1 86  ? -5.670  -17.238 6.035   1.00 34.21  ? 95  ILE   A CB  1 
ATOM   895  C CG1 . ILE   A 1 86  ? -5.807  -18.762 5.998   1.00 33.63  ? 95  ILE   A CG1 1 
ATOM   896  C CG2 . ILE   A 1 86  ? -6.933  -16.590 6.599   1.00 32.56  ? 95  ILE   A CG2 1 
ATOM   897  C CD1 . ILE   A 1 86  ? -5.949  -19.411 7.347   1.00 35.26  ? 95  ILE   A CD1 1 
ATOM   898  N N   . GLN   A 1 87  ? -6.329  -14.515 4.053   1.00 31.31  ? 96  GLN   A N   1 
ATOM   899  C CA  . GLN   A 1 87  ? -6.408  -13.035 3.913   1.00 30.54  ? 96  GLN   A CA  1 
ATOM   900  C C   . GLN   A 1 87  ? -7.255  -12.426 5.026   1.00 34.54  ? 96  GLN   A C   1 
ATOM   901  O O   . GLN   A 1 87  ? -8.193  -13.063 5.505   1.00 34.61  ? 96  GLN   A O   1 
ATOM   902  C CB  . GLN   A 1 87  ? -6.866  -12.646 2.519   1.00 30.93  ? 96  GLN   A CB  1 
ATOM   903  C CG  . GLN   A 1 87  ? -5.736  -12.942 1.541   1.00 32.34  ? 96  GLN   A CG  1 
ATOM   904  C CD  . GLN   A 1 87  ? -5.943  -12.332 0.190   1.00 36.31  ? 96  GLN   A CD  1 
ATOM   905  O OE1 . GLN   A 1 87  ? -7.049  -11.884 -0.146  1.00 34.77  ? 96  GLN   A OE1 1 
ATOM   906  N NE2 . GLN   A 1 87  ? -4.856  -12.312 -0.586  1.00 32.92  ? 96  GLN   A NE2 1 
ATOM   907  N N   . TYR   A 1 88  ? -6.849  -11.251 5.468   1.00 33.48  ? 97  TYR   A N   1 
ATOM   908  C CA  . TYR   A 1 88  ? -7.465  -10.484 6.574   1.00 34.03  ? 97  TYR   A CA  1 
ATOM   909  C C   . TYR   A 1 88  ? -7.885  -9.158  5.950   1.00 37.19  ? 97  TYR   A C   1 
ATOM   910  O O   . TYR   A 1 88  ? -7.010  -8.306  5.620   1.00 37.88  ? 97  TYR   A O   1 
ATOM   911  C CB  . TYR   A 1 88  ? -6.521  -10.411 7.765   1.00 38.26  ? 97  TYR   A CB  1 
ATOM   912  C CG  . TYR   A 1 88  ? -6.109  -11.778 8.249   1.00 37.43  ? 97  TYR   A CG  1 
ATOM   913  C CD1 . TYR   A 1 88  ? -5.108  -12.473 7.606   1.00 33.11  ? 97  TYR   A CD1 1 
ATOM   914  C CD2 . TYR   A 1 88  ? -6.730  -12.389 9.324   1.00 40.28  ? 97  TYR   A CD2 1 
ATOM   915  C CE1 . TYR   A 1 88  ? -4.738  -13.750 8.003   1.00 34.32  ? 97  TYR   A CE1 1 
ATOM   916  C CE2 . TYR   A 1 88  ? -6.356  -13.655 9.751   1.00 41.73  ? 97  TYR   A CE2 1 
ATOM   917  C CZ  . TYR   A 1 88  ? -5.352  -14.343 9.089   1.00 38.52  ? 97  TYR   A CZ  1 
ATOM   918  O OH  . TYR   A 1 88  ? -4.935  -15.572 9.508   1.00 40.92  ? 97  TYR   A OH  1 
ATOM   919  N N   . GLY   A 1 89  ? -9.181  -9.104  5.661   1.00 36.11  ? 98  GLY   A N   1 
ATOM   920  C CA  . GLY   A 1 89  ? -9.812  -8.139  4.753   1.00 36.76  ? 98  GLY   A CA  1 
ATOM   921  C C   . GLY   A 1 89  ? -10.323 -8.803  3.484   1.00 35.32  ? 98  GLY   A C   1 
ATOM   922  O O   . GLY   A 1 89  ? -9.860  -9.862  3.089   1.00 41.47  ? 98  GLY   A O   1 
ATOM   923  N N   . ARG   A 1 90  ? -11.184 -8.096  2.785   1.00 38.00  ? 99  ARG   A N   1 
ATOM   924  C CA  . ARG   A 1 90  ? -11.847 -8.583  1.565   1.00 36.20  ? 99  ARG   A CA  1 
ATOM   925  C C   . ARG   A 1 90  ? -11.934 -7.358  0.671   1.00 35.79  ? 99  ARG   A C   1 
ATOM   926  O O   . ARG   A 1 90  ? -12.477 -6.343  1.150   1.00 39.23  ? 99  ARG   A O   1 
ATOM   927  C CB  . ARG   A 1 90  ? -13.167 -9.183  2.066   1.00 40.67  ? 99  ARG   A CB  1 
ATOM   928  C CG  . ARG   A 1 90  ? -14.332 -9.127  1.108   1.00 33.65  ? 99  ARG   A CG  1 
ATOM   929  C CD  . ARG   A 1 90  ? -15.605 -9.760  1.705   1.00 27.78  ? 99  ARG   A CD  1 
ATOM   930  N NE  . ARG   A 1 90  ? -16.018 -10.572 0.589   1.00 28.15  ? 99  ARG   A NE  1 
ATOM   931  C CZ  . ARG   A 1 90  ? -16.768 -10.201 -0.443  1.00 29.27  ? 99  ARG   A CZ  1 
ATOM   932  N NH1 . ARG   A 1 90  ? -17.338 -9.011  -0.491  1.00 33.04  ? 99  ARG   A NH1 1 
ATOM   933  N NH2 . ARG   A 1 90  ? -16.955 -11.046 -1.440  1.00 28.19  ? 99  ARG   A NH2 1 
ATOM   934  N N   . SER   A 1 91  ? -11.361 -7.380  -0.525  1.00 35.41  ? 100 SER   A N   1 
ATOM   935  C CA  . SER   A 1 91  ? -11.355 -6.196  -1.415  1.00 35.37  ? 100 SER   A CA  1 
ATOM   936  C C   . SER   A 1 91  ? -11.255 -6.672  -2.864  1.00 37.12  ? 100 SER   A C   1 
ATOM   937  O O   . SER   A 1 91  ? -11.485 -7.904  -3.110  1.00 39.14  ? 100 SER   A O   1 
ATOM   938  C CB  . SER   A 1 91  ? -10.247 -5.218  -0.990  1.00 33.55  ? 100 SER   A CB  1 
ATOM   939  O OG  . SER   A 1 91  ? -10.312 -3.986  -1.712  1.00 31.93  ? 100 SER   A OG  1 
ATOM   940  N N   . GLY   A 1 92  ? -10.918 -5.767  -3.777  1.00 36.64  ? 101 GLY   A N   1 
ATOM   941  C CA  . GLY   A 1 92  ? -10.853 -6.016  -5.230  1.00 33.76  ? 101 GLY   A CA  1 
ATOM   942  C C   . GLY   A 1 92  ? -9.478  -6.470  -5.688  1.00 33.03  ? 101 GLY   A C   1 
ATOM   943  O O   . GLY   A 1 92  ? -8.785  -7.120  -4.918  1.00 29.05  ? 101 GLY   A O   1 
ATOM   944  N N   . GLU   A 1 93  ? -9.140  -6.169  -6.934  1.00 33.41  ? 102 GLU   A N   1 
ATOM   945  C CA  . GLU   A 1 93  ? -7.923  -6.641  -7.617  1.00 37.63  ? 102 GLU   A CA  1 
ATOM   946  C C   . GLU   A 1 93  ? -6.686  -6.056  -6.921  1.00 36.87  ? 102 GLU   A C   1 
ATOM   947  O O   . GLU   A 1 93  ? -6.706  -4.861  -6.556  1.00 34.11  ? 102 GLU   A O   1 
ATOM   948  C CB  . GLU   A 1 93  ? -7.986  -6.205  -9.077  1.00 42.77  ? 102 GLU   A CB  1 
ATOM   949  C CG  . GLU   A 1 93  ? -6.974  -6.890  -9.971  1.00 50.25  ? 102 GLU   A CG  1 
ATOM   950  C CD  . GLU   A 1 93  ? -6.849  -6.197  -11.318 1.00 60.98  ? 102 GLU   A CD  1 
ATOM   951  O OE1 . GLU   A 1 93  ? -7.805  -5.473  -11.693 1.00 60.52  ? 102 GLU   A OE1 1 
ATOM   952  O OE2 . GLU   A 1 93  ? -5.794  -6.353  -11.971 1.00 71.82  ? 102 GLU   A OE2 1 
ATOM   953  N N   . THR   A 1 94  ? -5.627  -6.855  -6.800  1.00 34.92  ? 103 THR   A N   1 
ATOM   954  C CA  . THR   A 1 94  ? -4.334  -6.419  -6.223  1.00 32.16  ? 103 THR   A CA  1 
ATOM   955  C C   . THR   A 1 94  ? -3.676  -5.396  -7.153  1.00 31.41  ? 103 THR   A C   1 
ATOM   956  O O   . THR   A 1 94  ? -3.584  -5.672  -8.352  1.00 31.66  ? 103 THR   A O   1 
ATOM   957  C CB  . THR   A 1 94  ? -3.448  -7.634  -5.948  1.00 35.41  ? 103 THR   A CB  1 
ATOM   958  O OG1 . THR   A 1 94  ? -4.116  -8.307  -4.890  1.00 32.61  ? 103 THR   A OG1 1 
ATOM   959  C CG2 . THR   A 1 94  ? -2.033  -7.272  -5.534  1.00 33.27  ? 103 THR   A CG2 1 
ATOM   960  N N   . LEU   A 1 95  ? -3.251  -4.253  -6.639  1.00 28.73  ? 104 LEU   A N   1 
ATOM   961  C CA  . LEU   A 1 95  ? -2.396  -3.284  -7.381  1.00 30.99  ? 104 LEU   A CA  1 
ATOM   962  C C   . LEU   A 1 95  ? -0.920  -3.607  -7.111  1.00 30.65  ? 104 LEU   A C   1 
ATOM   963  O O   . LEU   A 1 95  ? -0.065  -3.263  -7.980  1.00 36.90  ? 104 LEU   A O   1 
ATOM   964  C CB  . LEU   A 1 95  ? -2.753  -1.849  -6.964  1.00 37.67  ? 104 LEU   A CB  1 
ATOM   965  C CG  . LEU   A 1 95  ? -3.918  -1.199  -7.711  1.00 40.32  ? 104 LEU   A CG  1 
ATOM   966  C CD1 . LEU   A 1 95  ? -5.245  -1.734  -7.205  1.00 43.42  ? 104 LEU   A CD1 1 
ATOM   967  C CD2 . LEU   A 1 95  ? -3.872  0.318   -7.550  1.00 45.98  ? 104 LEU   A CD2 1 
ATOM   968  N N   . GLY   A 1 96  ? -0.635  -4.267  -5.988  1.00 27.77  ? 105 GLY   A N   1 
ATOM   969  C CA  . GLY   A 1 96  ? 0.722   -4.743  -5.672  1.00 27.92  ? 105 GLY   A CA  1 
ATOM   970  C C   . GLY   A 1 96  ? 0.911   -5.016  -4.194  1.00 27.87  ? 105 GLY   A C   1 
ATOM   971  O O   . GLY   A 1 96  ? -0.065  -4.976  -3.394  1.00 26.72  ? 105 GLY   A O   1 
ATOM   972  N N   . VAL   A 1 97  ? 2.148   -5.290  -3.816  1.00 23.18  ? 106 VAL   A N   1 
ATOM   973  C CA  . VAL   A 1 97  ? 2.450   -5.640  -2.418  1.00 22.87  ? 106 VAL   A CA  1 
ATOM   974  C C   . VAL   A 1 97  ? 3.275   -4.487  -1.850  1.00 23.31  ? 106 VAL   A C   1 
ATOM   975  O O   . VAL   A 1 97  ? 4.213   -4.054  -2.529  1.00 23.74  ? 106 VAL   A O   1 
ATOM   976  C CB  . VAL   A 1 97  ? 3.142   -7.011  -2.286  1.00 28.28  ? 106 VAL   A CB  1 
ATOM   977  C CG1 . VAL   A 1 97  ? 4.297   -7.166  -3.246  1.00 32.06  ? 106 VAL   A CG1 1 
ATOM   978  C CG2 . VAL   A 1 97  ? 3.604   -7.271  -0.864  1.00 26.01  ? 106 VAL   A CG2 1 
ATOM   979  N N   . LEU   A 1 98  ? 2.953   -4.038  -0.652  1.00 20.53  ? 107 LEU   A N   1 
ATOM   980  C CA  . LEU   A 1 98  ? 3.661   -2.924  -0.017  1.00 21.81  ? 107 LEU   A CA  1 
ATOM   981  C C   . LEU   A 1 98  ? 4.896   -3.459  0.685   1.00 21.66  ? 107 LEU   A C   1 
ATOM   982  O O   . LEU   A 1 98  ? 4.837   -4.514  1.317   1.00 25.67  ? 107 LEU   A O   1 
ATOM   983  C CB  . LEU   A 1 98  ? 2.755   -2.200  0.975   1.00 22.41  ? 107 LEU   A CB  1 
ATOM   984  C CG  . LEU   A 1 98  ? 1.519   -1.531  0.386   1.00 23.87  ? 107 LEU   A CG  1 
ATOM   985  C CD1 . LEU   A 1 98  ? 0.780   -0.806  1.503   1.00 24.79  ? 107 LEU   A CD1 1 
ATOM   986  C CD2 . LEU   A 1 98  ? 1.849   -0.609  -0.773  1.00 22.57  ? 107 LEU   A CD2 1 
ATOM   987  N N   . VAL   A 1 99  ? 5.961   -2.655  0.639   1.00 20.37  ? 108 VAL   A N   1 
ATOM   988  C CA  . VAL   A 1 99  ? 7.219   -2.950  1.360   1.00 20.69  ? 108 VAL   A CA  1 
ATOM   989  C C   . VAL   A 1 99  ? 7.743   -1.639  1.915   1.00 20.13  ? 108 VAL   A C   1 
ATOM   990  O O   . VAL   A 1 99  ? 7.437   -0.579  1.389   1.00 20.74  ? 108 VAL   A O   1 
ATOM   991  C CB  . VAL   A 1 99  ? 8.252   -3.617  0.428   1.00 19.68  ? 108 VAL   A CB  1 
ATOM   992  C CG1 . VAL   A 1 99  ? 7.819   -5.006  -0.007  1.00 23.33  ? 108 VAL   A CG1 1 
ATOM   993  C CG2 . VAL   A 1 99  ? 8.562   -2.801  -0.811  1.00 20.95  ? 108 VAL   A CG2 1 
ATOM   994  N N   . PRO   A 1 100 ? 8.619   -1.679  2.922   1.00 20.03  ? 109 PRO   A N   1 
ATOM   995  C CA  . PRO   A 1 100 ? 9.369   -0.484  3.303   1.00 21.66  ? 109 PRO   A CA  1 
ATOM   996  C C   . PRO   A 1 100 ? 10.173  0.031   2.107   1.00 22.20  ? 109 PRO   A C   1 
ATOM   997  O O   . PRO   A 1 100 ? 10.687  -0.776  1.277   1.00 21.41  ? 109 PRO   A O   1 
ATOM   998  C CB  . PRO   A 1 100 ? 10.288  -0.951  4.422   1.00 21.01  ? 109 PRO   A CB  1 
ATOM   999  C CG  . PRO   A 1 100 ? 9.608   -2.181  4.981   1.00 20.66  ? 109 PRO   A CG  1 
ATOM   1000 C CD  . PRO   A 1 100 ? 8.934   -2.814  3.786   1.00 20.44  ? 109 PRO   A CD  1 
ATOM   1001 N N   . HIS   A 1 101 ? 10.239  1.341   2.022   1.00 20.93  ? 110 HIS   A N   1 
ATOM   1002 C CA  . HIS   A 1 101 ? 11.131  2.063   1.082   1.00 21.73  ? 110 HIS   A CA  1 
ATOM   1003 C C   . HIS   A 1 101 ? 12.281  2.695   1.872   1.00 21.43  ? 110 HIS   A C   1 
ATOM   1004 O O   . HIS   A 1 101 ? 12.045  3.508   2.734   1.00 21.22  ? 110 HIS   A O   1 
ATOM   1005 C CB  . HIS   A 1 101 ? 10.352  3.125   0.314   1.00 22.07  ? 110 HIS   A CB  1 
ATOM   1006 C CG  . HIS   A 1 101 ? 11.203  3.782   -0.733  1.00 22.59  ? 110 HIS   A CG  1 
ATOM   1007 N ND1 . HIS   A 1 101 ? 11.196  5.146   -0.944  1.00 27.00  ? 110 HIS   A ND1 1 
ATOM   1008 C CD2 . HIS   A 1 101 ? 12.045  3.260   -1.646  1.00 20.83  ? 110 HIS   A CD2 1 
ATOM   1009 C CE1 . HIS   A 1 101 ? 12.036  5.428   -1.941  1.00 28.30  ? 110 HIS   A CE1 1 
ATOM   1010 N NE2 . HIS   A 1 101 ? 12.531  4.284   -2.416  1.00 21.18  ? 110 HIS   A NE2 1 
ATOM   1011 N N   . VAL   A 1 102 ? 13.512  2.359   1.513   1.00 21.67  ? 111 VAL   A N   1 
ATOM   1012 C CA  . VAL   A 1 102 ? 14.720  2.830   2.225   1.00 22.54  ? 111 VAL   A CA  1 
ATOM   1013 C C   . VAL   A 1 102 ? 15.660  3.464   1.199   1.00 24.39  ? 111 VAL   A C   1 
ATOM   1014 O O   . VAL   A 1 102 ? 16.875  3.537   1.480   1.00 29.48  ? 111 VAL   A O   1 
ATOM   1015 C CB  . VAL   A 1 102 ? 15.356  1.683   3.045   1.00 23.14  ? 111 VAL   A CB  1 
ATOM   1016 C CG1 . VAL   A 1 102 ? 14.417  1.225   4.157   1.00 25.90  ? 111 VAL   A CG1 1 
ATOM   1017 C CG2 . VAL   A 1 102 ? 15.764  0.501   2.201   1.00 25.87  ? 111 VAL   A CG2 1 
ATOM   1018 N N   . GLY   A 1 103 ? 15.109  4.031   0.115   1.00 23.45  ? 112 GLY   A N   1 
ATOM   1019 C CA  . GLY   A 1 103 ? 15.871  4.839   -0.854  1.00 24.88  ? 112 GLY   A CA  1 
ATOM   1020 C C   . GLY   A 1 103 ? 16.155  4.114   -2.148  1.00 23.48  ? 112 GLY   A C   1 
ATOM   1021 O O   . GLY   A 1 103 ? 16.874  4.677   -2.984  1.00 26.68  ? 112 GLY   A O   1 
ATOM   1022 N N   . GLU   A 1 104 ? 15.573  2.934   -2.368  1.00 21.80  ? 113 GLU   A N   1 
ATOM   1023 C CA  . GLU   A 1 104 ? 15.687  2.230   -3.660  1.00 22.09  ? 113 GLU   A CA  1 
ATOM   1024 C C   . GLU   A 1 104 ? 15.138  3.131   -4.780  1.00 23.71  ? 113 GLU   A C   1 
ATOM   1025 O O   . GLU   A 1 104 ? 14.187  3.896   -4.581  1.00 21.41  ? 113 GLU   A O   1 
ATOM   1026 C CB  . GLU   A 1 104 ? 14.955  0.883   -3.689  1.00 21.94  ? 113 GLU   A CB  1 
ATOM   1027 C CG  . GLU   A 1 104 ? 15.403  -0.122  -2.649  1.00 20.64  ? 113 GLU   A CG  1 
ATOM   1028 C CD  . GLU   A 1 104 ? 14.673  -0.045  -1.295  1.00 21.45  ? 113 GLU   A CD  1 
ATOM   1029 O OE1 . GLU   A 1 104 ? 14.167  1.037   -0.915  1.00 21.58  ? 113 GLU   A OE1 1 
ATOM   1030 O OE2 . GLU   A 1 104 ? 14.548  -1.089  -0.678  1.00 21.96  ? 113 GLU   A OE2 1 
ATOM   1031 N N   . ILE   A 1 105 ? 15.725  3.028   -5.975  1.00 23.61  ? 114 ILE   A N   1 
ATOM   1032 C CA  . ILE   A 1 105 ? 15.261  3.796   -7.153  1.00 22.51  ? 114 ILE   A CA  1 
ATOM   1033 C C   . ILE   A 1 105 ? 14.050  3.109   -7.755  1.00 22.61  ? 114 ILE   A C   1 
ATOM   1034 O O   . ILE   A 1 105 ? 14.135  1.960   -8.213  1.00 24.21  ? 114 ILE   A O   1 
ATOM   1035 C CB  . ILE   A 1 105 ? 16.382  3.933   -8.205  1.00 23.81  ? 114 ILE   A CB  1 
ATOM   1036 C CG1 . ILE   A 1 105 ? 17.655  4.491   -7.578  1.00 25.47  ? 114 ILE   A CG1 1 
ATOM   1037 C CG2 . ILE   A 1 105 ? 15.889  4.745   -9.389  1.00 22.56  ? 114 ILE   A CG2 1 
ATOM   1038 C CD1 . ILE   A 1 105 ? 17.465  5.772   -6.837  1.00 24.64  ? 114 ILE   A CD1 1 
ATOM   1039 N N   . PRO   A 1 106 ? 12.918  3.824   -7.863  1.00 21.49  ? 115 PRO   A N   1 
ATOM   1040 C CA  . PRO   A 1 106 ? 11.715  3.270   -8.458  1.00 22.93  ? 115 PRO   A CA  1 
ATOM   1041 C C   . PRO   A 1 106 ? 11.760  3.236   -9.989  1.00 22.49  ? 115 PRO   A C   1 
ATOM   1042 O O   . PRO   A 1 106 ? 12.629  3.858   -10.624 1.00 22.14  ? 115 PRO   A O   1 
ATOM   1043 C CB  . PRO   A 1 106 ? 10.610  4.186   -7.919  1.00 23.42  ? 115 PRO   A CB  1 
ATOM   1044 C CG  . PRO   A 1 106 ? 11.273  5.507   -7.830  1.00 22.03  ? 115 PRO   A CG  1 
ATOM   1045 C CD  . PRO   A 1 106 ? 12.691  5.200   -7.389  1.00 21.90  ? 115 PRO   A CD  1 
ATOM   1046 N N   . VAL   A 1 107 ? 10.874  2.429   -10.568 1.00 21.97  ? 116 VAL   A N   1 
ATOM   1047 C CA  . VAL   A 1 107 ? 10.660  2.341   -12.044 1.00 23.23  ? 116 VAL   A CA  1 
ATOM   1048 C C   . VAL   A 1 107 ? 9.452   3.163   -12.480 1.00 23.33  ? 116 VAL   A C   1 
ATOM   1049 O O   . VAL   A 1 107 ? 9.271   3.416   -13.721 1.00 22.56  ? 116 VAL   A O   1 
ATOM   1050 C CB  . VAL   A 1 107 ? 10.534  0.869   -12.475 1.00 23.18  ? 116 VAL   A CB  1 
ATOM   1051 C CG1 . VAL   A 1 107 ? 11.795  0.137   -12.148 1.00 26.45  ? 116 VAL   A CG1 1 
ATOM   1052 C CG2 . VAL   A 1 107 ? 9.308   0.205   -11.907 1.00 23.23  ? 116 VAL   A CG2 1 
ATOM   1053 N N   . ALA   A 1 108 ? 8.634   3.601   -11.526 1.00 22.47  ? 117 ALA   A N   1 
ATOM   1054 C CA  . ALA   A 1 108 ? 7.423   4.392   -11.773 1.00 23.35  ? 117 ALA   A CA  1 
ATOM   1055 C C   . ALA   A 1 108 ? 6.865   4.832   -10.430 1.00 25.34  ? 117 ALA   A C   1 
ATOM   1056 O O   . ALA   A 1 108 ? 7.405   4.420   -9.395  1.00 22.60  ? 117 ALA   A O   1 
ATOM   1057 C CB  . ALA   A 1 108 ? 6.396   3.592   -12.523 1.00 27.42  ? 117 ALA   A CB  1 
ATOM   1058 N N   . TYR   A 1 109 ? 5.753   5.564   -10.489 1.00 27.67  ? 118 TYR   A N   1 
ATOM   1059 C CA  . TYR   A 1 109 ? 4.985   6.007   -9.310  1.00 26.56  ? 118 TYR   A CA  1 
ATOM   1060 C C   . TYR   A 1 109 ? 3.555   5.639   -9.587  1.00 29.24  ? 118 TYR   A C   1 
ATOM   1061 O O   . TYR   A 1 109 ? 3.159   5.757   -10.756 1.00 32.58  ? 118 TYR   A O   1 
ATOM   1062 C CB  . TYR   A 1 109 ? 5.154   7.497   -9.041  1.00 26.86  ? 118 TYR   A CB  1 
ATOM   1063 C CG  . TYR   A 1 109 ? 6.460   7.840   -8.398  1.00 26.66  ? 118 TYR   A CG  1 
ATOM   1064 C CD1 . TYR   A 1 109 ? 6.624   7.859   -7.027  1.00 26.06  ? 118 TYR   A CD1 1 
ATOM   1065 C CD2 . TYR   A 1 109 ? 7.558   8.087   -9.179  1.00 26.65  ? 118 TYR   A CD2 1 
ATOM   1066 C CE1 . TYR   A 1 109 ? 7.838   8.163   -6.439  1.00 27.25  ? 118 TYR   A CE1 1 
ATOM   1067 C CE2 . TYR   A 1 109 ? 8.774   8.356   -8.608  1.00 27.27  ? 118 TYR   A CE2 1 
ATOM   1068 C CZ  . TYR   A 1 109 ? 8.924   8.409   -7.247  1.00 28.43  ? 118 TYR   A CZ  1 
ATOM   1069 O OH  . TYR   A 1 109 ? 10.147  8.687   -6.713  1.00 34.34  ? 118 TYR   A OH  1 
ATOM   1070 N N   . ARG   A 1 110 ? 2.870   5.117   -8.584  1.00 28.73  ? 119 ARG   A N   1 
ATOM   1071 C CA  . ARG   A 1 110 ? 1.456   4.682   -8.626  1.00 30.59  ? 119 ARG   A CA  1 
ATOM   1072 C C   . ARG   A 1 110 ? 0.648   5.604   -7.703  1.00 30.41  ? 119 ARG   A C   1 
ATOM   1073 O O   . ARG   A 1 110 ? 0.902   5.624   -6.468  1.00 28.54  ? 119 ARG   A O   1 
ATOM   1074 C CB  . ARG   A 1 110 ? 1.393   3.220   -8.188  1.00 35.67  ? 119 ARG   A CB  1 
ATOM   1075 C CG  . ARG   A 1 110 ? 0.082   2.524   -8.495  1.00 43.06  ? 119 ARG   A CG  1 
ATOM   1076 C CD  . ARG   A 1 110 ? -0.003  2.173   -9.961  1.00 48.79  ? 119 ARG   A CD  1 
ATOM   1077 N NE  . ARG   A 1 110 ? -1.387  2.231   -10.397 1.00 53.27  ? 119 ARG   A NE  1 
ATOM   1078 C CZ  . ARG   A 1 110 ? -2.176  1.184   -10.599 1.00 57.97  ? 119 ARG   A CZ  1 
ATOM   1079 N NH1 . ARG   A 1 110 ? -1.737  -0.049  -10.422 1.00 62.75  ? 119 ARG   A NH1 1 
ATOM   1080 N NH2 . ARG   A 1 110 ? -3.424  1.381   -10.975 1.00 64.33  ? 119 ARG   A NH2 1 
ATOM   1081 N N   . LYS   A 1 111 ? -0.250  6.401   -8.290  1.00 30.88  ? 120 LYS   A N   1 
ATOM   1082 C CA  . LYS   A 1 111 ? -1.125  7.365   -7.579  1.00 29.65  ? 120 LYS   A CA  1 
ATOM   1083 C C   . LYS   A 1 111 ? -2.299  6.566   -7.037  1.00 28.68  ? 120 LYS   A C   1 
ATOM   1084 O O   . LYS   A 1 111 ? -2.969  5.868   -7.814  1.00 29.93  ? 120 LYS   A O   1 
ATOM   1085 C CB  . LYS   A 1 111 ? -1.633  8.475   -8.512  1.00 29.18  ? 120 LYS   A CB  1 
ATOM   1086 C CG  . LYS   A 1 111 ? -0.527  9.354   -9.077  1.00 38.30  ? 120 LYS   A CG  1 
ATOM   1087 C CD  . LYS   A 1 111 ? -1.021  10.488  -9.945  1.00 43.51  ? 120 LYS   A CD  1 
ATOM   1088 C CE  . LYS   A 1 111 ? -1.520  10.004  -11.288 1.00 49.37  ? 120 LYS   A CE  1 
ATOM   1089 N NZ  . LYS   A 1 111 ? -2.290  11.052  -12.004 1.00 55.27  ? 120 LYS   A NZ  1 
ATOM   1090 N N   A VAL   A 1 112 ? -2.509  6.633   -5.717  0.24 26.71  ? 121 VAL   A N   1 
ATOM   1091 N N   B VAL   A 1 112 ? -2.509  6.633   -5.717  0.24 26.71  ? 121 VAL   A N   1 
ATOM   1092 N N   C VAL   A 1 112 ? -2.544  6.657   -5.727  0.26 27.26  ? 121 VAL   A N   1 
ATOM   1093 N N   D VAL   A 1 112 ? -2.544  6.657   -5.727  0.26 27.26  ? 121 VAL   A N   1 
ATOM   1094 C CA  A VAL   A 1 112 ? -3.617  5.912   -5.023  0.24 26.79  ? 121 VAL   A CA  1 
ATOM   1095 C CA  B VAL   A 1 112 ? -3.617  5.912   -5.023  0.24 26.79  ? 121 VAL   A CA  1 
ATOM   1096 C CA  C VAL   A 1 112 ? -3.699  5.968   -5.080  0.26 27.56  ? 121 VAL   A CA  1 
ATOM   1097 C CA  D VAL   A 1 112 ? -3.699  5.968   -5.080  0.26 27.56  ? 121 VAL   A CA  1 
ATOM   1098 C C   A VAL   A 1 112 ? -4.327  6.863   -4.057  0.24 25.92  ? 121 VAL   A C   1 
ATOM   1099 C C   B VAL   A 1 112 ? -4.327  6.863   -4.057  0.24 25.92  ? 121 VAL   A C   1 
ATOM   1100 C C   C VAL   A 1 112 ? -4.429  6.939   -4.154  0.26 27.01  ? 121 VAL   A C   1 
ATOM   1101 C C   D VAL   A 1 112 ? -4.429  6.939   -4.154  0.26 27.01  ? 121 VAL   A C   1 
ATOM   1102 O O   A VAL   A 1 112 ? -3.702  7.820   -3.547  0.24 26.48  ? 121 VAL   A O   1 
ATOM   1103 O O   B VAL   A 1 112 ? -3.702  7.820   -3.547  0.24 26.48  ? 121 VAL   A O   1 
ATOM   1104 O O   C VAL   A 1 112 ? -3.821  7.921   -3.675  0.26 26.80  ? 121 VAL   A O   1 
ATOM   1105 O O   D VAL   A 1 112 ? -3.821  7.921   -3.675  0.26 26.80  ? 121 VAL   A O   1 
ATOM   1106 C CB  A VAL   A 1 112 ? -3.119  4.642   -4.302  0.24 26.70  ? 121 VAL   A CB  1 
ATOM   1107 C CB  B VAL   A 1 112 ? -3.119  4.642   -4.302  0.24 26.70  ? 121 VAL   A CB  1 
ATOM   1108 C CB  C VAL   A 1 112 ? -3.261  4.695   -4.328  0.26 27.63  ? 121 VAL   A CB  1 
ATOM   1109 C CB  D VAL   A 1 112 ? -3.261  4.695   -4.328  0.26 27.63  ? 121 VAL   A CB  1 
ATOM   1110 C CG1 A VAL   A 1 112 ? -2.402  3.699   -5.252  0.24 27.46  ? 121 VAL   A CG1 1 
ATOM   1111 C CG1 B VAL   A 1 112 ? -2.402  3.699   -5.252  0.24 27.46  ? 121 VAL   A CG1 1 
ATOM   1112 C CG1 C VAL   A 1 112 ? -2.562  3.710   -5.249  0.26 28.33  ? 121 VAL   A CG1 1 
ATOM   1113 C CG1 D VAL   A 1 112 ? -2.561  3.710   -5.249  0.26 28.33  ? 121 VAL   A CG1 1 
ATOM   1114 C CG2 A VAL   A 1 112 ? -2.236  4.961   -3.104  0.24 27.78  ? 121 VAL   A CG2 1 
ATOM   1115 C CG2 B VAL   A 1 112 ? -2.236  4.961   -3.104  0.24 27.78  ? 121 VAL   A CG2 1 
ATOM   1116 C CG2 C VAL   A 1 112 ? -2.394  5.011   -3.121  0.26 28.82  ? 121 VAL   A CG2 1 
ATOM   1117 C CG2 D VAL   A 1 112 ? -2.394  5.011   -3.121  0.26 28.81  ? 121 VAL   A CG2 1 
ATOM   1118 N N   A LEU   A 1 113 ? -5.614  6.601   -3.836  0.24 25.19  ? 122 LEU   A N   1 
ATOM   1119 N N   B LEU   A 1 113 ? -5.614  6.602   -3.837  0.24 25.19  ? 122 LEU   A N   1 
ATOM   1120 N N   C LEU   A 1 113 ? -5.716  6.668   -3.943  0.26 26.85  ? 122 LEU   A N   1 
ATOM   1121 N N   D LEU   A 1 113 ? -5.716  6.668   -3.943  0.26 26.85  ? 122 LEU   A N   1 
ATOM   1122 C CA  A LEU   A 1 113 ? -6.435  7.218   -2.767  0.24 25.66  ? 122 LEU   A CA  1 
ATOM   1123 C CA  B LEU   A 1 113 ? -6.435  7.218   -2.767  0.24 25.66  ? 122 LEU   A CA  1 
ATOM   1124 C CA  C LEU   A 1 113 ? -6.547  7.280   -2.879  0.26 27.62  ? 122 LEU   A CA  1 
ATOM   1125 C CA  D LEU   A 1 113 ? -6.547  7.280   -2.879  0.26 27.62  ? 122 LEU   A CA  1 
ATOM   1126 C C   A LEU   A 1 113 ? -6.636  6.140   -1.703  0.24 25.82  ? 122 LEU   A C   1 
ATOM   1127 C C   B LEU   A 1 113 ? -6.636  6.140   -1.703  0.24 25.82  ? 122 LEU   A C   1 
ATOM   1128 C C   C LEU   A 1 113 ? -6.758  6.201   -1.821  0.26 27.37  ? 122 LEU   A C   1 
ATOM   1129 C C   D LEU   A 1 113 ? -6.759  6.201   -1.821  0.26 27.38  ? 122 LEU   A C   1 
ATOM   1130 O O   A LEU   A 1 113 ? -7.413  5.200   -1.949  0.24 24.15  ? 122 LEU   A O   1 
ATOM   1131 O O   B LEU   A 1 113 ? -7.413  5.200   -1.949  0.24 24.15  ? 122 LEU   A O   1 
ATOM   1132 O O   C LEU   A 1 113 ? -7.578  5.301   -2.049  0.26 26.23  ? 122 LEU   A O   1 
ATOM   1133 O O   D LEU   A 1 113 ? -7.578  5.302   -2.050  0.26 26.23  ? 122 LEU   A O   1 
ATOM   1134 C CB  A LEU   A 1 113 ? -7.757  7.705   -3.377  0.24 26.54  ? 122 LEU   A CB  1 
ATOM   1135 C CB  B LEU   A 1 113 ? -7.757  7.705   -3.377  0.24 26.54  ? 122 LEU   A CB  1 
ATOM   1136 C CB  C LEU   A 1 113 ? -7.869  7.764   -3.485  0.26 28.59  ? 122 LEU   A CB  1 
ATOM   1137 C CB  D LEU   A 1 113 ? -7.869  7.764   -3.485  0.26 28.59  ? 122 LEU   A CB  1 
ATOM   1138 C CG  A LEU   A 1 113 ? -8.617  8.623   -2.509  0.24 28.28  ? 122 LEU   A CG  1 
ATOM   1139 C CG  B LEU   A 1 113 ? -8.617  8.623   -2.509  0.24 28.28  ? 122 LEU   A CG  1 
ATOM   1140 C CG  C LEU   A 1 113 ? -8.809  8.506   -2.536  0.26 30.61  ? 122 LEU   A CG  1 
ATOM   1141 C CG  D LEU   A 1 113 ? -8.810  8.506   -2.536  0.26 30.60  ? 122 LEU   A CG  1 
ATOM   1142 C CD1 A LEU   A 1 113 ? -7.833  9.836   -2.025  0.24 28.29  ? 122 LEU   A CD1 1 
ATOM   1143 C CD1 B LEU   A 1 113 ? -7.833  9.836   -2.025  0.24 28.29  ? 122 LEU   A CD1 1 
ATOM   1144 C CD1 C LEU   A 1 113 ? -8.105  9.680   -1.870  0.26 30.63  ? 122 LEU   A CD1 1 
ATOM   1145 C CD1 D LEU   A 1 113 ? -8.105  9.680   -1.870  0.26 30.63  ? 122 LEU   A CD1 1 
ATOM   1146 C CD2 A LEU   A 1 113 ? -9.854  9.072   -3.280  0.24 29.18  ? 122 LEU   A CD2 1 
ATOM   1147 C CD2 B LEU   A 1 113 ? -9.854  9.072   -3.280  0.24 29.18  ? 122 LEU   A CD2 1 
ATOM   1148 C CD2 C LEU   A 1 113 ? -10.050 8.982   -3.280  0.26 31.17  ? 122 LEU   A CD2 1 
ATOM   1149 C CD2 D LEU   A 1 113 ? -10.050 8.982   -3.280  0.26 31.16  ? 122 LEU   A CD2 1 
ATOM   1150 N N   A LEU   A 1 114 ? -5.878  6.223   -0.611  0.24 25.52  ? 123 LEU   A N   1 
ATOM   1151 N N   B LEU   A 1 114 ? -5.878  6.223   -0.611  0.24 25.53  ? 123 LEU   A N   1 
ATOM   1152 N N   C LEU   A 1 114 ? -5.979  6.244   -0.744  0.26 26.84  ? 123 LEU   A N   1 
ATOM   1153 N N   D LEU   A 1 114 ? -5.979  6.244   -0.744  0.26 26.85  ? 123 LEU   A N   1 
ATOM   1154 C CA  A LEU   A 1 114 ? -5.802  5.155   0.412   0.24 28.45  ? 123 LEU   A CA  1 
ATOM   1155 C CA  B LEU   A 1 114 ? -5.802  5.155   0.411   0.24 28.45  ? 123 LEU   A CA  1 
ATOM   1156 C CA  C LEU   A 1 114 ? -5.900  5.123   0.216   0.26 29.37  ? 123 LEU   A CA  1 
ATOM   1157 C CA  D LEU   A 1 114 ? -5.900  5.121   0.216   0.26 29.37  ? 123 LEU   A CA  1 
ATOM   1158 C C   A LEU   A 1 114 ? -6.870  5.389   1.474   0.24 29.74  ? 123 LEU   A C   1 
ATOM   1159 C C   B LEU   A 1 114 ? -6.870  5.389   1.474   0.24 29.75  ? 123 LEU   A C   1 
ATOM   1160 C C   C LEU   A 1 114 ? -6.918  5.316   1.336   0.26 30.22  ? 123 LEU   A C   1 
ATOM   1161 C C   D LEU   A 1 114 ? -6.918  5.316   1.336   0.26 30.23  ? 123 LEU   A C   1 
ATOM   1162 O O   A LEU   A 1 114 ? -6.852  6.457   2.110   0.24 28.51  ? 123 LEU   A O   1 
ATOM   1163 O O   B LEU   A 1 114 ? -6.852  6.457   2.110   0.24 28.51  ? 123 LEU   A O   1 
ATOM   1164 O O   C LEU   A 1 114 ? -6.803  6.310   2.075   0.26 28.84  ? 123 LEU   A O   1 
ATOM   1165 O O   D LEU   A 1 114 ? -6.803  6.310   2.075   0.26 28.84  ? 123 LEU   A O   1 
ATOM   1166 C CB  A LEU   A 1 114 ? -4.418  5.131   1.064   0.24 30.27  ? 123 LEU   A CB  1 
ATOM   1167 C CB  B LEU   A 1 114 ? -4.418  5.131   1.064   0.24 30.27  ? 123 LEU   A CB  1 
ATOM   1168 C CB  C LEU   A 1 114 ? -4.490  5.019   0.800   0.26 31.85  ? 123 LEU   A CB  1 
ATOM   1169 C CB  D LEU   A 1 114 ? -4.490  5.019   0.800   0.26 31.85  ? 123 LEU   A CB  1 
ATOM   1170 C CG  A LEU   A 1 114 ? -4.333  4.243   2.306   0.24 31.97  ? 123 LEU   A CG  1 
ATOM   1171 C CG  B LEU   A 1 114 ? -4.333  4.243   2.306   0.24 31.96  ? 123 LEU   A CG  1 
ATOM   1172 C CG  C LEU   A 1 114 ? -4.375  4.001   1.932   0.26 33.87  ? 123 LEU   A CG  1 
ATOM   1173 C CG  D LEU   A 1 114 ? -4.375  4.001   1.932   0.26 33.86  ? 123 LEU   A CG  1 
ATOM   1174 C CD1 A LEU   A 1 114 ? -4.421  2.774   1.921   0.24 33.04  ? 123 LEU   A CD1 1 
ATOM   1175 C CD1 B LEU   A 1 114 ? -4.421  2.774   1.921   0.24 33.03  ? 123 LEU   A CD1 1 
ATOM   1176 C CD1 C LEU   A 1 114 ? -4.355  2.585   1.381   0.26 35.54  ? 123 LEU   A CD1 1 
ATOM   1177 C CD1 D LEU   A 1 114 ? -4.355  2.585   1.381   0.26 35.53  ? 123 LEU   A CD1 1 
ATOM   1178 C CD2 A LEU   A 1 114 ? -3.069  4.525   3.095   0.24 32.86  ? 123 LEU   A CD2 1 
ATOM   1179 C CD2 B LEU   A 1 114 ? -3.068  4.525   3.095   0.24 32.85  ? 123 LEU   A CD2 1 
ATOM   1180 C CD2 C LEU   A 1 114 ? -3.156  4.273   2.792   0.26 34.88  ? 123 LEU   A CD2 1 
ATOM   1181 C CD2 D LEU   A 1 114 ? -3.156  4.273   2.792   0.26 34.87  ? 123 LEU   A CD2 1 
ATOM   1182 N N   A ARG   A 1 115 ? -7.738  4.400   1.672   0.24 32.34  ? 124 ARG   A N   1 
ATOM   1183 N N   B ARG   A 1 115 ? -7.738  4.400   1.671   0.24 32.35  ? 124 ARG   A N   1 
ATOM   1184 N N   C ARG   A 1 115 ? -7.854  4.375   1.460   0.26 32.07  ? 124 ARG   A N   1 
ATOM   1185 N N   D ARG   A 1 115 ? -7.854  4.375   1.460   0.26 32.08  ? 124 ARG   A N   1 
ATOM   1186 C CA  A ARG   A 1 115 ? -8.608  4.305   2.866   0.24 36.79  ? 124 ARG   A CA  1 
ATOM   1187 C CA  B ARG   A 1 115 ? -8.608  4.305   2.866   0.24 36.79  ? 124 ARG   A CA  1 
ATOM   1188 C CA  C ARG   A 1 115 ? -8.586  4.141   2.726   0.26 35.47  ? 124 ARG   A CA  1 
ATOM   1189 C CA  D ARG   A 1 115 ? -8.586  4.141   2.726   0.26 35.48  ? 124 ARG   A CA  1 
ATOM   1190 C C   A ARG   A 1 115 ? -7.695  4.145   4.088   0.24 37.32  ? 124 ARG   A C   1 
ATOM   1191 C C   B ARG   A 1 115 ? -7.695  4.145   4.088   0.24 37.33  ? 124 ARG   A C   1 
ATOM   1192 C C   C ARG   A 1 115 ? -7.556  3.658   3.753   0.26 36.63  ? 124 ARG   A C   1 
ATOM   1193 C C   D ARG   A 1 115 ? -7.556  3.658   3.753   0.26 36.64  ? 124 ARG   A C   1 
ATOM   1194 O O   A ARG   A 1 115 ? -6.985  3.122   4.184   0.24 37.87  ? 124 ARG   A O   1 
ATOM   1195 O O   B ARG   A 1 115 ? -6.985  3.122   4.183   0.24 37.87  ? 124 ARG   A O   1 
ATOM   1196 O O   C ARG   A 1 115 ? -7.088  2.508   3.629   0.26 39.93  ? 124 ARG   A O   1 
ATOM   1197 O O   D ARG   A 1 115 ? -7.088  2.508   3.629   0.26 39.93  ? 124 ARG   A O   1 
ATOM   1198 C CB  A ARG   A 1 115 ? -9.609  3.161   2.692   0.24 40.98  ? 124 ARG   A CB  1 
ATOM   1199 C CB  B ARG   A 1 115 ? -9.609  3.161   2.692   0.24 40.98  ? 124 ARG   A CB  1 
ATOM   1200 C CB  C ARG   A 1 115 ? -9.711  3.113   2.592   0.26 39.64  ? 124 ARG   A CB  1 
ATOM   1201 C CB  D ARG   A 1 115 ? -9.711  3.113   2.592   0.26 39.64  ? 124 ARG   A CB  1 
ATOM   1202 C CG  A ARG   A 1 115 ? -10.670 3.090   3.781   0.24 45.26  ? 124 ARG   A CG  1 
ATOM   1203 C CG  B ARG   A 1 115 ? -10.670 3.090   3.781   0.24 45.26  ? 124 ARG   A CG  1 
ATOM   1204 C CG  C ARG   A 1 115 ? -10.474 2.898   3.893   0.26 43.56  ? 124 ARG   A CG  1 
ATOM   1205 C CG  D ARG   A 1 115 ? -10.474 2.898   3.893   0.26 43.56  ? 124 ARG   A CG  1 
ATOM   1206 C CD  A ARG   A 1 115 ? -11.687 2.003   3.485   0.24 50.63  ? 124 ARG   A CD  1 
ATOM   1207 C CD  B ARG   A 1 115 ? -11.687 2.004   3.484   0.24 50.62  ? 124 ARG   A CD  1 
ATOM   1208 C CD  C ARG   A 1 115 ? -11.558 1.849   3.768   0.26 48.50  ? 124 ARG   A CD  1 
ATOM   1209 C CD  D ARG   A 1 115 ? -11.558 1.849   3.768   0.26 48.49  ? 124 ARG   A CD  1 
ATOM   1210 N NE  A ARG   A 1 115 ? -12.432 2.309   2.270   0.24 55.60  ? 124 ARG   A NE  1 
ATOM   1211 N NE  B ARG   A 1 115 ? -12.432 2.309   2.270   0.24 55.58  ? 124 ARG   A NE  1 
ATOM   1212 N NE  C ARG   A 1 115 ? -12.536 2.271   2.775   0.26 53.47  ? 124 ARG   A NE  1 
ATOM   1213 N NE  D ARG   A 1 115 ? -12.536 2.271   2.775   0.26 53.46  ? 124 ARG   A NE  1 
ATOM   1214 C CZ  A ARG   A 1 115 ? -13.232 1.466   1.617   0.24 60.71  ? 124 ARG   A CZ  1 
ATOM   1215 C CZ  B ARG   A 1 115 ? -13.232 1.466   1.617   0.24 60.68  ? 124 ARG   A CZ  1 
ATOM   1216 C CZ  C ARG   A 1 115 ? -13.139 1.473   1.892   0.26 58.53  ? 124 ARG   A CZ  1 
ATOM   1217 C CZ  D ARG   A 1 115 ? -13.139 1.473   1.892   0.26 58.51  ? 124 ARG   A CZ  1 
ATOM   1218 N NH1 A ARG   A 1 115 ? -13.410 0.227   2.052   0.24 60.70  ? 124 ARG   A NH1 1 
ATOM   1219 N NH1 B ARG   A 1 115 ? -13.410 0.227   2.052   0.24 60.68  ? 124 ARG   A NH1 1 
ATOM   1220 N NH1 C ARG   A 1 115 ? -12.873 0.175   1.856   0.26 58.42  ? 124 ARG   A NH1 1 
ATOM   1221 N NH1 D ARG   A 1 115 ? -12.873 0.175   1.856   0.26 58.41  ? 124 ARG   A NH1 1 
ATOM   1222 N NH2 A ARG   A 1 115 ? -13.855 1.874   0.522   0.24 60.11  ? 124 ARG   A NH2 1 
ATOM   1223 N NH2 B ARG   A 1 115 ? -13.855 1.874   0.522   0.24 60.10  ? 124 ARG   A NH2 1 
ATOM   1224 N NH2 C ARG   A 1 115 ? -14.008 1.987   1.032   0.26 58.95  ? 124 ARG   A NH2 1 
ATOM   1225 N NH2 D ARG   A 1 115 ? -14.008 1.987   1.032   0.26 58.93  ? 124 ARG   A NH2 1 
ATOM   1226 N N   A LYS   A 1 116 ? -7.675  5.157   4.955   0.24 41.03  ? 125 LYS   A N   1 
ATOM   1227 N N   B LYS   A 1 116 ? -7.675  5.157   4.955   0.24 41.03  ? 125 LYS   A N   1 
ATOM   1228 N N   C LYS   A 1 116 ? -7.658  4.923   5.293   0.26 33.26  ? 125 LYS   A N   1 
ATOM   1229 N N   D LYS   A 1 116 ? -7.658  4.924   5.294   0.26 33.25  ? 125 LYS   A N   1 
ATOM   1230 C CA  A LYS   A 1 116 ? -6.860  5.223   6.190   0.24 42.34  ? 125 LYS   A CA  1 
ATOM   1231 C CA  B LYS   A 1 116 ? -6.860  5.223   6.190   0.24 42.34  ? 125 LYS   A CA  1 
ATOM   1232 C CA  C LYS   A 1 116 ? -6.520  4.706   6.204   0.26 32.28  ? 125 LYS   A CA  1 
ATOM   1233 C CA  D LYS   A 1 116 ? -6.520  4.706   6.204   0.26 32.28  ? 125 LYS   A CA  1 
ATOM   1234 C C   A LYS   A 1 116 ? -7.733  4.825   7.388   0.24 45.57  ? 125 LYS   A C   1 
ATOM   1235 C C   B LYS   A 1 116 ? -7.732  4.825   7.388   0.24 45.56  ? 125 LYS   A C   1 
ATOM   1236 C C   C LYS   A 1 116 ? -6.785  3.468   7.064   0.26 34.55  ? 125 LYS   A C   1 
ATOM   1237 C C   D LYS   A 1 116 ? -6.785  3.468   7.064   0.26 34.55  ? 125 LYS   A C   1 
ATOM   1238 O O   A LYS   A 1 116 ? -8.968  4.931   7.348   0.24 49.21  ? 125 LYS   A O   1 
ATOM   1239 O O   B LYS   A 1 116 ? -8.967  4.931   7.347   0.24 49.20  ? 125 LYS   A O   1 
ATOM   1240 O O   C LYS   A 1 116 ? -5.805  2.816   7.431   0.26 36.72  ? 125 LYS   A O   1 
ATOM   1241 O O   D LYS   A 1 116 ? -5.805  2.817   7.432   0.26 36.71  ? 125 LYS   A O   1 
ATOM   1242 C CB  A LYS   A 1 116 ? -6.286  6.610   6.350   0.24 40.89  ? 125 LYS   A CB  1 
ATOM   1243 C CB  B LYS   A 1 116 ? -6.285  6.610   6.349   0.24 40.90  ? 125 LYS   A CB  1 
ATOM   1244 C CB  C LYS   A 1 116 ? -6.336  5.971   7.040   0.26 30.56  ? 125 LYS   A CB  1 
ATOM   1245 C CB  D LYS   A 1 116 ? -6.336  5.971   7.040   0.26 30.56  ? 125 LYS   A CB  1 
ATOM   1246 C CG  C LYS   A 1 116 ? -5.976  7.198   6.223   0.26 28.76  ? 125 LYS   A CG  1 
ATOM   1247 C CG  D LYS   A 1 116 ? -5.976  7.198   6.223   0.26 28.77  ? 125 LYS   A CG  1 
ATOM   1248 C CD  C LYS   A 1 116 ? -6.112  8.456   7.013   0.26 28.32  ? 125 LYS   A CD  1 
ATOM   1249 C CD  D LYS   A 1 116 ? -6.112  8.456   7.013   0.26 28.33  ? 125 LYS   A CD  1 
ATOM   1250 C CE  C LYS   A 1 116 ? -5.606  9.666   6.272   0.26 28.23  ? 125 LYS   A CE  1 
ATOM   1251 C CE  D LYS   A 1 116 ? -5.606  9.666   6.272   0.26 28.24  ? 125 LYS   A CE  1 
ATOM   1252 N NZ  C LYS   A 1 116 ? -5.891  10.893  7.043   0.26 29.14  ? 125 LYS   A NZ  1 
ATOM   1253 N NZ  D LYS   A 1 116 ? -5.891  10.894  7.043   0.26 29.14  ? 125 LYS   A NZ  1 
HETATM 1254 C C10 C A1CEJ B 2 .   ? -2.831  7.629   8.456   0.26 28.17  ? 201 A1CEJ A C10 1 
HETATM 1255 C C10 D A1CEJ B 2 .   ? -2.831  7.629   8.456   0.26 28.17  ? 201 A1CEJ A C10 1 
HETATM 1256 C C01 C A1CEJ B 2 .   ? -2.160  4.728   6.063   0.26 28.19  ? 201 A1CEJ A C01 1 
HETATM 1257 C C01 D A1CEJ B 2 .   ? -2.160  4.728   6.063   0.26 28.19  ? 201 A1CEJ A C01 1 
HETATM 1258 C C02 C A1CEJ B 2 .   ? -2.202  6.106   6.623   0.26 28.24  ? 201 A1CEJ A C02 1 
HETATM 1259 C C02 D A1CEJ B 2 .   ? -2.202  6.106   6.623   0.26 28.24  ? 201 A1CEJ A C02 1 
HETATM 1260 C C03 C A1CEJ B 2 .   ? -1.700  7.184   5.940   0.26 26.93  ? 201 A1CEJ A C03 1 
HETATM 1261 C C03 D A1CEJ B 2 .   ? -1.700  7.184   5.940   0.26 26.94  ? 201 A1CEJ A C03 1 
HETATM 1262 C C04 C A1CEJ B 2 .   ? -1.735  8.516   6.463   0.26 27.57  ? 201 A1CEJ A C04 1 
HETATM 1263 C C04 D A1CEJ B 2 .   ? -1.735  8.516   6.463   0.26 27.57  ? 201 A1CEJ A C04 1 
HETATM 1264 C C05 C A1CEJ B 2 .   ? -1.202  9.641   5.735   0.26 27.54  ? 201 A1CEJ A C05 1 
HETATM 1265 C C05 D A1CEJ B 2 .   ? -1.202  9.642   5.734   0.26 27.55  ? 201 A1CEJ A C05 1 
HETATM 1266 C C06 C A1CEJ B 2 .   ? -1.248  10.911  6.248   0.26 28.13  ? 201 A1CEJ A C06 1 
HETATM 1267 C C06 D A1CEJ B 2 .   ? -1.248  10.911  6.248   0.26 28.13  ? 201 A1CEJ A C06 1 
HETATM 1268 C C07 C A1CEJ B 2 .   ? -1.827  11.139  7.517   0.26 27.38  ? 201 A1CEJ A C07 1 
HETATM 1269 C C07 D A1CEJ B 2 .   ? -1.827  11.139  7.517   0.26 27.39  ? 201 A1CEJ A C07 1 
HETATM 1270 C C08 C A1CEJ B 2 .   ? -2.352  10.094  8.220   0.26 28.87  ? 201 A1CEJ A C08 1 
HETATM 1271 C C08 D A1CEJ B 2 .   ? -2.352  10.094  8.220   0.26 28.87  ? 201 A1CEJ A C08 1 
HETATM 1272 C C09 C A1CEJ B 2 .   ? -2.307  8.741   7.704   0.26 28.06  ? 201 A1CEJ A C09 1 
HETATM 1273 C C09 D A1CEJ B 2 .   ? -2.307  8.741   7.704   0.26 28.06  ? 201 A1CEJ A C09 1 
HETATM 1274 C C11 C A1CEJ B 2 .   ? -2.797  6.369   7.928   0.26 27.79  ? 201 A1CEJ A C11 1 
HETATM 1275 C C11 D A1CEJ B 2 .   ? -2.797  6.368   7.928   0.26 27.79  ? 201 A1CEJ A C11 1 
HETATM 1276 O O12 C A1CEJ B 2 .   ? -3.287  5.289   8.591   0.26 29.89  ? 201 A1CEJ A O12 1 
HETATM 1277 O O12 D A1CEJ B 2 .   ? -3.287  5.289   8.591   0.26 29.89  ? 201 A1CEJ A O12 1 
HETATM 1278 O O   . HOH   C 3 .   ? -15.144 -1.211  -8.295  0.50 72.67  ? 301 HOH   A O   1 
HETATM 1279 O O   . HOH   C 3 .   ? 0.074   -16.279 -1.770  1.00 55.04  ? 302 HOH   A O   1 
HETATM 1280 O O   . HOH   C 3 .   ? 0.286   -1.159  -9.733  1.00 41.02  ? 303 HOH   A O   1 
HETATM 1281 O O   . HOH   C 3 .   ? -7.167  0.190   4.298   1.00 29.67  ? 304 HOH   A O   1 
HETATM 1282 O O   C HOH   C 3 .   ? -4.737  4.943   10.496  0.26 37.20  ? 305 HOH   A O   1 
HETATM 1283 O O   D HOH   C 3 .   ? -4.738  4.946   10.497  0.26 37.24  ? 305 HOH   A O   1 
HETATM 1284 O O   . HOH   C 3 .   ? 15.295  -11.594 -4.774  1.00 51.93  ? 306 HOH   A O   1 
HETATM 1285 O O   . HOH   C 3 .   ? 7.081   -6.630  -10.098 1.00 37.35  ? 307 HOH   A O   1 
HETATM 1286 O O   . HOH   C 3 .   ? -1.682  -10.745 13.999  1.00 38.88  ? 308 HOH   A O   1 
HETATM 1287 O O   . HOH   C 3 .   ? -2.127  -14.225 -2.654  1.00 47.18  ? 309 HOH   A O   1 
HETATM 1288 O O   . HOH   C 3 .   ? -3.061  -16.925 8.513   1.00 32.37  ? 310 HOH   A O   1 
HETATM 1289 O O   . HOH   C 3 .   ? 15.444  -6.080  -11.468 1.00 38.73  ? 311 HOH   A O   1 
HETATM 1290 O O   A HOH   C 3 .   ? -5.658  2.384   6.765   0.24 37.11  ? 312 HOH   A O   1 
HETATM 1291 O O   B HOH   C 3 .   ? -5.657  2.385   6.764   0.24 37.12  ? 312 HOH   A O   1 
HETATM 1292 O O   . HOH   C 3 .   ? 7.286   -15.502 0.789   1.00 34.78  ? 313 HOH   A O   1 
HETATM 1293 O O   . HOH   C 3 .   ? -5.880  -9.339  17.890  1.00 57.96  ? 314 HOH   A O   1 
HETATM 1294 O O   . HOH   C 3 .   ? 4.237   -13.721 -7.263  1.00 41.79  ? 315 HOH   A O   1 
HETATM 1295 O O   . HOH   C 3 .   ? -10.917 2.994   -7.593  1.00 47.15  ? 316 HOH   A O   1 
HETATM 1296 O O   . HOH   C 3 .   ? -9.607  -11.867 0.451   1.00 38.25  ? 317 HOH   A O   1 
HETATM 1297 O O   . HOH   C 3 .   ? -9.329  -3.707  3.980   1.00 42.91  ? 318 HOH   A O   1 
HETATM 1298 O O   . HOH   C 3 .   ? 17.627  -6.954  -1.982  1.00 40.07  ? 319 HOH   A O   1 
HETATM 1299 O O   . HOH   C 3 .   ? 19.775  -1.907  -7.712  1.00 46.20  ? 320 HOH   A O   1 
HETATM 1300 O O   . HOH   C 3 .   ? 5.616   6.145   0.462   1.00 23.68  ? 321 HOH   A O   1 
HETATM 1301 O O   . HOH   C 3 .   ? 9.558   -8.949  7.205   1.00 36.00  ? 322 HOH   A O   1 
HETATM 1302 O O   . HOH   C 3 .   ? 1.144   6.333   14.669  1.00 54.14  ? 323 HOH   A O   1 
HETATM 1303 O O   . HOH   C 3 .   ? -12.498 15.663  -4.831  1.00 48.62  ? 324 HOH   A O   1 
HETATM 1304 O O   . HOH   C 3 .   ? -2.966  4.921   -10.302 1.00 43.43  ? 325 HOH   A O   1 
HETATM 1305 O O   . HOH   C 3 .   ? 3.281   10.776  -9.213  1.00 43.79  ? 326 HOH   A O   1 
HETATM 1306 O O   . HOH   C 3 .   ? 13.492  -0.761  -7.860  1.00 29.66  ? 327 HOH   A O   1 
HETATM 1307 O O   . HOH   C 3 .   ? 6.129   10.002  -3.484  1.00 52.70  ? 328 HOH   A O   1 
HETATM 1308 O O   . HOH   C 3 .   ? 8.510   -4.163  12.734  1.00 39.06  ? 329 HOH   A O   1 
HETATM 1309 O O   . HOH   C 3 .   ? 14.302  3.249   -12.627 1.00 29.91  ? 330 HOH   A O   1 
HETATM 1310 O O   . HOH   C 3 .   ? 9.787   -17.886 -0.156  1.00 40.67  ? 331 HOH   A O   1 
HETATM 1311 O O   . HOH   C 3 .   ? 4.309   -6.896  2.435   1.00 22.01  ? 332 HOH   A O   1 
HETATM 1312 O O   . HOH   C 3 .   ? 3.260   7.368   1.340   1.00 26.06  ? 333 HOH   A O   1 
HETATM 1313 O O   . HOH   C 3 .   ? 13.190  -1.932  1.518   1.00 22.86  ? 334 HOH   A O   1 
HETATM 1314 O O   . HOH   C 3 .   ? 0.583   -16.767 1.920   1.00 35.32  ? 335 HOH   A O   1 
HETATM 1315 O O   . HOH   C 3 .   ? 4.739   -7.232  5.319   1.00 21.45  ? 336 HOH   A O   1 
HETATM 1316 O O   . HOH   C 3 .   ? 6.030   -3.141  15.236  1.00 44.61  ? 337 HOH   A O   1 
HETATM 1317 O O   . HOH   C 3 .   ? 4.315   -9.139  15.241  1.00 32.20  ? 338 HOH   A O   1 
HETATM 1318 O O   . HOH   C 3 .   ? 7.309   -3.775  -9.333  1.00 24.61  ? 339 HOH   A O   1 
HETATM 1319 O O   . HOH   C 3 .   ? 6.762   -9.492  6.507   1.00 29.29  ? 340 HOH   A O   1 
HETATM 1320 O O   . HOH   C 3 .   ? 9.987   10.203  6.349   1.00 37.36  ? 341 HOH   A O   1 
HETATM 1321 O O   . HOH   C 3 .   ? 8.764   6.962   -0.600  1.00 62.20  ? 342 HOH   A O   1 
HETATM 1322 O O   . HOH   C 3 .   ? -5.014  13.508  0.480   1.00 37.86  ? 343 HOH   A O   1 
HETATM 1323 O O   . HOH   C 3 .   ? 18.691  6.748   -2.477  1.00 38.95  ? 344 HOH   A O   1 
HETATM 1324 O O   . HOH   C 3 .   ? -9.187  -9.705  -3.899  1.00 49.99  ? 345 HOH   A O   1 
HETATM 1325 O O   . HOH   C 3 .   ? 0.284   -6.064  -8.811  1.00 38.30  ? 346 HOH   A O   1 
HETATM 1326 O O   A HOH   C 3 .   ? -3.029  -22.165 6.313   0.50 72.05  ? 347 HOH   A O   1 
HETATM 1327 O O   B HOH   C 3 .   ? -3.029  -22.165 6.313   0.50 72.05  ? 347 HOH   A O   1 
HETATM 1328 O O   . HOH   C 3 .   ? 6.296   -8.732  2.026   1.00 23.34  ? 348 HOH   A O   1 
HETATM 1329 O O   . HOH   C 3 .   ? 12.704  6.228   2.289   1.00 47.08  ? 349 HOH   A O   1 
HETATM 1330 O O   . HOH   C 3 .   ? -2.988  -3.512  12.905  1.00 31.20  ? 350 HOH   A O   1 
HETATM 1331 O O   . HOH   C 3 .   ? -0.449  -13.160 12.291  1.00 33.11  ? 351 HOH   A O   1 
HETATM 1332 O O   . HOH   C 3 .   ? 8.186   -15.379 4.397   1.00 38.35  ? 352 HOH   A O   1 
HETATM 1333 O O   . HOH   C 3 .   ? -0.628  6.247   -11.118 1.00 42.64  ? 353 HOH   A O   1 
HETATM 1334 O O   . HOH   C 3 .   ? 18.473  -1.413  -4.050  1.00 40.03  ? 354 HOH   A O   1 
HETATM 1335 O O   . HOH   C 3 .   ? -6.169  -9.614  -7.390  1.00 39.19  ? 355 HOH   A O   1 
HETATM 1336 O O   . HOH   C 3 .   ? 11.231  2.689   5.365   1.00 38.32  ? 356 HOH   A O   1 
HETATM 1337 O O   . HOH   C 3 .   ? 7.418   2.485   11.544  1.00 44.67  ? 357 HOH   A O   1 
HETATM 1338 O O   . HOH   C 3 .   ? 15.119  1.101   -10.789 1.00 43.89  ? 358 HOH   A O   1 
HETATM 1339 O O   . HOH   C 3 .   ? 2.619   11.101  -2.042  1.00 37.39  ? 359 HOH   A O   1 
HETATM 1340 O O   . HOH   C 3 .   ? 9.384   -6.744  -9.496  1.00 34.72  ? 360 HOH   A O   1 
HETATM 1341 O O   . HOH   C 3 .   ? 4.644   6.349   -13.195 1.00 47.92  ? 361 HOH   A O   1 
HETATM 1342 O O   . HOH   C 3 .   ? 6.928   -2.900  -12.143 1.00 34.41  ? 362 HOH   A O   1 
HETATM 1343 O O   . HOH   C 3 .   ? -0.126  12.215  -5.109  1.00 36.27  ? 363 HOH   A O   1 
HETATM 1344 O O   . HOH   C 3 .   ? 4.839   -16.933 -7.736  1.00 55.40  ? 364 HOH   A O   1 
HETATM 1345 O O   . HOH   C 3 .   ? 14.504  -8.119  4.128   1.00 37.88  ? 365 HOH   A O   1 
HETATM 1346 O O   . HOH   C 3 .   ? -0.776  -11.870 16.151  1.00 45.36  ? 366 HOH   A O   1 
HETATM 1347 O O   . HOH   C 3 .   ? -10.579 -10.234 -1.494  1.00 39.26  ? 367 HOH   A O   1 
HETATM 1348 O O   . HOH   C 3 .   ? 17.602  0.732   -6.320  1.00 35.59  ? 368 HOH   A O   1 
HETATM 1349 O O   . HOH   C 3 .   ? 13.453  -7.358  -9.956  1.00 26.56  ? 369 HOH   A O   1 
HETATM 1350 O O   . HOH   C 3 .   ? 18.189  -14.549 -6.371  1.00 32.35  ? 370 HOH   A O   1 
HETATM 1351 O O   . HOH   C 3 .   ? 17.902  -9.624  -4.922  1.00 47.92  ? 371 HOH   A O   1 
HETATM 1352 O O   . HOH   C 3 .   ? 15.846  -14.871 -6.330  1.00 54.83  ? 372 HOH   A O   1 
HETATM 1353 O O   . HOH   C 3 .   ? 13.880  -7.939  6.155   1.00 44.93  ? 373 HOH   A O   1 
HETATM 1354 O O   . HOH   C 3 .   ? -12.359 -11.433 4.612   1.00 59.43  ? 374 HOH   A O   1 
HETATM 1355 O O   . HOH   C 3 .   ? -2.947  -14.521 11.982  1.00 47.15  ? 375 HOH   A O   1 
HETATM 1356 O O   . HOH   C 3 .   ? -16.897 -0.176  -6.053  0.50 49.31  ? 376 HOH   A O   1 
HETATM 1357 O O   . HOH   C 3 .   ? 6.329   8.142   -0.788  1.00 39.82  ? 377 HOH   A O   1 
HETATM 1358 O O   . HOH   C 3 .   ? -3.823  -16.528 -1.893  1.00 34.68  ? 378 HOH   A O   1 
HETATM 1359 O O   . HOH   C 3 .   ? 1.658   -14.543 13.273  1.00 51.55  ? 379 HOH   A O   1 
HETATM 1360 O O   . HOH   C 3 .   ? 8.887   9.275   -3.119  0.50 51.03  ? 380 HOH   A O   1 
HETATM 1361 O O   . HOH   C 3 .   ? 18.265  -8.068  0.416   1.00 57.81  ? 381 HOH   A O   1 
HETATM 1362 O O   A HOH   C 3 .   ? -2.754  5.276   7.031   0.24 29.61  ? 382 HOH   A O   1 
HETATM 1363 O O   B HOH   C 3 .   ? -2.754  5.276   7.031   0.24 29.61  ? 382 HOH   A O   1 
# 
